data_1KRS
# 
_entry.id   1KRS 
# 
_audit_conform.dict_name       mmcif_pdbx.dic 
_audit_conform.dict_version    5.392 
_audit_conform.dict_location   http://mmcif.pdb.org/dictionaries/ascii/mmcif_pdbx.dic 
# 
loop_
_database_2.database_id 
_database_2.database_code 
_database_2.pdbx_database_accession 
_database_2.pdbx_DOI 
PDB   1KRS         pdb_00001krs 10.2210/pdb1krs/pdb 
WWPDB D_1000174484 ?            ?                   
# 
loop_
_pdbx_audit_revision_history.ordinal 
_pdbx_audit_revision_history.data_content_type 
_pdbx_audit_revision_history.major_revision 
_pdbx_audit_revision_history.minor_revision 
_pdbx_audit_revision_history.revision_date 
1 'Structure model' 1 0 1995-09-15 
2 'Structure model' 1 1 2008-03-24 
3 'Structure model' 1 2 2011-07-13 
4 'Structure model' 1 3 2022-02-23 
5 'Structure model' 1 4 2024-05-22 
# 
_pdbx_audit_revision_details.ordinal             1 
_pdbx_audit_revision_details.revision_ordinal    1 
_pdbx_audit_revision_details.data_content_type   'Structure model' 
_pdbx_audit_revision_details.provider            repository 
_pdbx_audit_revision_details.type                'Initial release' 
_pdbx_audit_revision_details.description         ? 
_pdbx_audit_revision_details.details             ? 
# 
loop_
_pdbx_audit_revision_group.ordinal 
_pdbx_audit_revision_group.revision_ordinal 
_pdbx_audit_revision_group.data_content_type 
_pdbx_audit_revision_group.group 
1 2 'Structure model' 'Version format compliance' 
2 3 'Structure model' 'Version format compliance' 
3 4 'Structure model' 'Database references'       
4 4 'Structure model' 'Derived calculations'      
5 4 'Structure model' Other                       
6 5 'Structure model' 'Data collection'           
# 
loop_
_pdbx_audit_revision_category.ordinal 
_pdbx_audit_revision_category.revision_ordinal 
_pdbx_audit_revision_category.data_content_type 
_pdbx_audit_revision_category.category 
1 4 'Structure model' database_2            
2 4 'Structure model' pdbx_database_status  
3 4 'Structure model' pdbx_struct_assembly  
4 4 'Structure model' pdbx_struct_oper_list 
5 4 'Structure model' struct_ref_seq_dif    
6 5 'Structure model' chem_comp_atom        
7 5 'Structure model' chem_comp_bond        
# 
loop_
_pdbx_audit_revision_item.ordinal 
_pdbx_audit_revision_item.revision_ordinal 
_pdbx_audit_revision_item.data_content_type 
_pdbx_audit_revision_item.item 
1 4 'Structure model' '_database_2.pdbx_DOI'                
2 4 'Structure model' '_database_2.pdbx_database_accession' 
3 4 'Structure model' '_pdbx_database_status.process_site'  
4 4 'Structure model' '_struct_ref_seq_dif.details'         
# 
_pdbx_database_status.status_code                     REL 
_pdbx_database_status.entry_id                        1KRS 
_pdbx_database_status.recvd_initial_deposition_date   1995-06-09 
_pdbx_database_status.deposit_site                    ? 
_pdbx_database_status.process_site                    BNL 
_pdbx_database_status.SG_entry                        . 
_pdbx_database_status.pdb_format_compatible           Y 
_pdbx_database_status.status_code_mr                  ? 
_pdbx_database_status.status_code_sf                  ? 
_pdbx_database_status.status_code_cs                  ? 
_pdbx_database_status.status_code_nmr_data            ? 
_pdbx_database_status.methods_development_category    ? 
# 
_pdbx_database_related.db_name        PDB 
_pdbx_database_related.db_id          1KRT 
_pdbx_database_related.details        . 
_pdbx_database_related.content_type   ensemble 
# 
loop_
_audit_author.name 
_audit_author.pdbx_ordinal 
'Commans, S.' 1 
'Dardel, F.'  2 
# 
loop_
_citation.id 
_citation.title 
_citation.journal_abbrev 
_citation.journal_volume 
_citation.page_first 
_citation.page_last 
_citation.year 
_citation.journal_id_ASTM 
_citation.country 
_citation.journal_id_ISSN 
_citation.journal_id_CSD 
_citation.book_publisher 
_citation.pdbx_database_id_PubMed 
_citation.pdbx_database_id_DOI 
primary 
;Solution structure of the anticodon-binding domain of Escherichia coli lysyl-tRNA synthetase and studies of its interaction with tRNA(Lys).
;
J.Mol.Biol.          253 100 113 1995 JMOBAK UK 0022-2836 0070 ? 7473706 10.1006/jmbi.1995.0539 
1       'Homology of Lyss and Lysu, the Two Escherichia Coli Genes Encoding Distinct Lysyl-tRNA Synthetase Species' 
'Nucleic Acids Res.' 18  305 ?   1990 NARHAD UK 0305-1048 0389 ? ?       ?                      
# 
loop_
_citation_author.citation_id 
_citation_author.name 
_citation_author.ordinal 
_citation_author.identifier_ORCID 
primary 'Commans, S.'  1 ? 
primary 'Plateau, P.'  2 ? 
primary 'Blanquet, S.' 3 ? 
primary 'Dardel, F.'   4 ? 
1       'Leveque, F.'  5 ? 
1       'Plateau, P.'  6 ? 
1       'Dessen, P.'   7 ? 
1       'Blanquet, S.' 8 ? 
# 
_entity.id                         1 
_entity.type                       polymer 
_entity.src_method                 man 
_entity.pdbx_description           'LYSYL-TRNA SYNTHETASE (PRODUCT OF LYSS GENE)' 
_entity.formula_weight             13544.372 
_entity.pdbx_number_of_molecules   1 
_entity.pdbx_ec                    6.1.1.6 
_entity.pdbx_mutation              ? 
_entity.pdbx_fragment              ? 
_entity.details                    ? 
# 
_entity_poly.entity_id                      1 
_entity_poly.type                           'polypeptide(L)' 
_entity_poly.nstd_linkage                   no 
_entity_poly.nstd_monomer                   no 
_entity_poly.pdbx_seq_one_letter_code       
;AEQGIAFPNDFRRDHTSDQLHAEFDGKENEELEALNIEVAVAGRMMTRRIMGKASFVTLQDVGGRIQLYVARDDLPEGVY
NEQFKKWDLGDILGAKGKLFKTKTGELSIHCTELRLLTKA
;
_entity_poly.pdbx_seq_one_letter_code_can   
;AEQGIAFPNDFRRDHTSDQLHAEFDGKENEELEALNIEVAVAGRMMTRRIMGKASFVTLQDVGGRIQLYVARDDLPEGVY
NEQFKKWDLGDILGAKGKLFKTKTGELSIHCTELRLLTKA
;
_entity_poly.pdbx_strand_id                 A 
_entity_poly.pdbx_target_identifier         ? 
# 
loop_
_entity_poly_seq.entity_id 
_entity_poly_seq.num 
_entity_poly_seq.mon_id 
_entity_poly_seq.hetero 
1 1   ALA n 
1 2   GLU n 
1 3   GLN n 
1 4   GLY n 
1 5   ILE n 
1 6   ALA n 
1 7   PHE n 
1 8   PRO n 
1 9   ASN n 
1 10  ASP n 
1 11  PHE n 
1 12  ARG n 
1 13  ARG n 
1 14  ASP n 
1 15  HIS n 
1 16  THR n 
1 17  SER n 
1 18  ASP n 
1 19  GLN n 
1 20  LEU n 
1 21  HIS n 
1 22  ALA n 
1 23  GLU n 
1 24  PHE n 
1 25  ASP n 
1 26  GLY n 
1 27  LYS n 
1 28  GLU n 
1 29  ASN n 
1 30  GLU n 
1 31  GLU n 
1 32  LEU n 
1 33  GLU n 
1 34  ALA n 
1 35  LEU n 
1 36  ASN n 
1 37  ILE n 
1 38  GLU n 
1 39  VAL n 
1 40  ALA n 
1 41  VAL n 
1 42  ALA n 
1 43  GLY n 
1 44  ARG n 
1 45  MET n 
1 46  MET n 
1 47  THR n 
1 48  ARG n 
1 49  ARG n 
1 50  ILE n 
1 51  MET n 
1 52  GLY n 
1 53  LYS n 
1 54  ALA n 
1 55  SER n 
1 56  PHE n 
1 57  VAL n 
1 58  THR n 
1 59  LEU n 
1 60  GLN n 
1 61  ASP n 
1 62  VAL n 
1 63  GLY n 
1 64  GLY n 
1 65  ARG n 
1 66  ILE n 
1 67  GLN n 
1 68  LEU n 
1 69  TYR n 
1 70  VAL n 
1 71  ALA n 
1 72  ARG n 
1 73  ASP n 
1 74  ASP n 
1 75  LEU n 
1 76  PRO n 
1 77  GLU n 
1 78  GLY n 
1 79  VAL n 
1 80  TYR n 
1 81  ASN n 
1 82  GLU n 
1 83  GLN n 
1 84  PHE n 
1 85  LYS n 
1 86  LYS n 
1 87  TRP n 
1 88  ASP n 
1 89  LEU n 
1 90  GLY n 
1 91  ASP n 
1 92  ILE n 
1 93  LEU n 
1 94  GLY n 
1 95  ALA n 
1 96  LYS n 
1 97  GLY n 
1 98  LYS n 
1 99  LEU n 
1 100 PHE n 
1 101 LYS n 
1 102 THR n 
1 103 LYS n 
1 104 THR n 
1 105 GLY n 
1 106 GLU n 
1 107 LEU n 
1 108 SER n 
1 109 ILE n 
1 110 HIS n 
1 111 CYS n 
1 112 THR n 
1 113 GLU n 
1 114 LEU n 
1 115 ARG n 
1 116 LEU n 
1 117 LEU n 
1 118 THR n 
1 119 LYS n 
1 120 ALA n 
# 
_entity_src_gen.entity_id                          1 
_entity_src_gen.pdbx_src_id                        1 
_entity_src_gen.pdbx_alt_source_flag               sample 
_entity_src_gen.pdbx_seq_type                      ? 
_entity_src_gen.pdbx_beg_seq_num                   ? 
_entity_src_gen.pdbx_end_seq_num                   ? 
_entity_src_gen.gene_src_common_name               ? 
_entity_src_gen.gene_src_genus                     Escherichia 
_entity_src_gen.pdbx_gene_src_gene                 'LYSS CODONS 40 - 149' 
_entity_src_gen.gene_src_species                   ? 
_entity_src_gen.gene_src_strain                    JM101TR 
_entity_src_gen.gene_src_tissue                    ? 
_entity_src_gen.gene_src_tissue_fraction           ? 
_entity_src_gen.gene_src_details                   ? 
_entity_src_gen.pdbx_gene_src_fragment             ? 
_entity_src_gen.pdbx_gene_src_scientific_name      'Escherichia coli' 
_entity_src_gen.pdbx_gene_src_ncbi_taxonomy_id     562 
_entity_src_gen.pdbx_gene_src_variant              ? 
_entity_src_gen.pdbx_gene_src_cell_line            ? 
_entity_src_gen.pdbx_gene_src_atcc                 ? 
_entity_src_gen.pdbx_gene_src_organ                ? 
_entity_src_gen.pdbx_gene_src_organelle            ? 
_entity_src_gen.pdbx_gene_src_cell                 ? 
_entity_src_gen.pdbx_gene_src_cellular_location    ? 
_entity_src_gen.host_org_common_name               ? 
_entity_src_gen.pdbx_host_org_scientific_name      'Escherichia coli' 
_entity_src_gen.pdbx_host_org_ncbi_taxonomy_id     562 
_entity_src_gen.host_org_genus                     Escherichia 
_entity_src_gen.pdbx_host_org_gene                 'LYSS CODONS 40 - 149' 
_entity_src_gen.pdbx_host_org_organ                ? 
_entity_src_gen.host_org_species                   ? 
_entity_src_gen.pdbx_host_org_tissue               ? 
_entity_src_gen.pdbx_host_org_tissue_fraction      ? 
_entity_src_gen.pdbx_host_org_strain               ? 
_entity_src_gen.pdbx_host_org_variant              ? 
_entity_src_gen.pdbx_host_org_cell_line            ? 
_entity_src_gen.pdbx_host_org_atcc                 ? 
_entity_src_gen.pdbx_host_org_culture_collection   ? 
_entity_src_gen.pdbx_host_org_cell                 ? 
_entity_src_gen.pdbx_host_org_organelle            ? 
_entity_src_gen.pdbx_host_org_cellular_location    ? 
_entity_src_gen.pdbx_host_org_vector_type          LAC 
_entity_src_gen.pdbx_host_org_vector               ? 
_entity_src_gen.host_org_details                   ? 
_entity_src_gen.expression_system_id               ? 
_entity_src_gen.plasmid_name                       PTRC-ND 
_entity_src_gen.plasmid_details                    ? 
_entity_src_gen.pdbx_description                   'PTRC99A (IPTG-INDUCIBLE LAC PROMOTER)' 
# 
loop_
_chem_comp.id 
_chem_comp.type 
_chem_comp.mon_nstd_flag 
_chem_comp.name 
_chem_comp.pdbx_synonyms 
_chem_comp.formula 
_chem_comp.formula_weight 
ALA 'L-peptide linking' y ALANINE         ? 'C3 H7 N O2'     89.093  
ARG 'L-peptide linking' y ARGININE        ? 'C6 H15 N4 O2 1' 175.209 
ASN 'L-peptide linking' y ASPARAGINE      ? 'C4 H8 N2 O3'    132.118 
ASP 'L-peptide linking' y 'ASPARTIC ACID' ? 'C4 H7 N O4'     133.103 
CYS 'L-peptide linking' y CYSTEINE        ? 'C3 H7 N O2 S'   121.158 
GLN 'L-peptide linking' y GLUTAMINE       ? 'C5 H10 N2 O3'   146.144 
GLU 'L-peptide linking' y 'GLUTAMIC ACID' ? 'C5 H9 N O4'     147.129 
GLY 'peptide linking'   y GLYCINE         ? 'C2 H5 N O2'     75.067  
HIS 'L-peptide linking' y HISTIDINE       ? 'C6 H10 N3 O2 1' 156.162 
ILE 'L-peptide linking' y ISOLEUCINE      ? 'C6 H13 N O2'    131.173 
LEU 'L-peptide linking' y LEUCINE         ? 'C6 H13 N O2'    131.173 
LYS 'L-peptide linking' y LYSINE          ? 'C6 H15 N2 O2 1' 147.195 
MET 'L-peptide linking' y METHIONINE      ? 'C5 H11 N O2 S'  149.211 
PHE 'L-peptide linking' y PHENYLALANINE   ? 'C9 H11 N O2'    165.189 
PRO 'L-peptide linking' y PROLINE         ? 'C5 H9 N O2'     115.130 
SER 'L-peptide linking' y SERINE          ? 'C3 H7 N O3'     105.093 
THR 'L-peptide linking' y THREONINE       ? 'C4 H9 N O3'     119.119 
TRP 'L-peptide linking' y TRYPTOPHAN      ? 'C11 H12 N2 O2'  204.225 
TYR 'L-peptide linking' y TYROSINE        ? 'C9 H11 N O3'    181.189 
VAL 'L-peptide linking' y VALINE          ? 'C5 H11 N O2'    117.146 
# 
loop_
_pdbx_poly_seq_scheme.asym_id 
_pdbx_poly_seq_scheme.entity_id 
_pdbx_poly_seq_scheme.seq_id 
_pdbx_poly_seq_scheme.mon_id 
_pdbx_poly_seq_scheme.ndb_seq_num 
_pdbx_poly_seq_scheme.pdb_seq_num 
_pdbx_poly_seq_scheme.auth_seq_num 
_pdbx_poly_seq_scheme.pdb_mon_id 
_pdbx_poly_seq_scheme.auth_mon_id 
_pdbx_poly_seq_scheme.pdb_strand_id 
_pdbx_poly_seq_scheme.pdb_ins_code 
_pdbx_poly_seq_scheme.hetero 
A 1 1   ALA 1   30  ?   ?   ?   A . n 
A 1 2   GLU 2   31  ?   ?   ?   A . n 
A 1 3   GLN 3   32  ?   ?   ?   A . n 
A 1 4   GLY 4   33  ?   ?   ?   A . n 
A 1 5   ILE 5   34  ?   ?   ?   A . n 
A 1 6   ALA 6   35  ?   ?   ?   A . n 
A 1 7   PHE 7   36  ?   ?   ?   A . n 
A 1 8   PRO 8   37  ?   ?   ?   A . n 
A 1 9   ASN 9   38  ?   ?   ?   A . n 
A 1 10  ASP 10  39  ?   ?   ?   A . n 
A 1 11  PHE 11  40  40  PHE PHE A . n 
A 1 12  ARG 12  41  41  ARG ARG A . n 
A 1 13  ARG 13  42  42  ARG ARG A . n 
A 1 14  ASP 14  43  43  ASP ASP A . n 
A 1 15  HIS 15  44  44  HIS HIS A . n 
A 1 16  THR 16  45  45  THR THR A . n 
A 1 17  SER 17  46  46  SER SER A . n 
A 1 18  ASP 18  47  47  ASP ASP A . n 
A 1 19  GLN 19  48  48  GLN GLN A . n 
A 1 20  LEU 20  49  49  LEU LEU A . n 
A 1 21  HIS 21  50  50  HIS HIS A . n 
A 1 22  ALA 22  51  51  ALA ALA A . n 
A 1 23  GLU 23  52  52  GLU GLU A . n 
A 1 24  PHE 24  53  53  PHE PHE A . n 
A 1 25  ASP 25  54  54  ASP ASP A . n 
A 1 26  GLY 26  55  55  GLY GLY A . n 
A 1 27  LYS 27  56  56  LYS LYS A . n 
A 1 28  GLU 28  57  57  GLU GLU A . n 
A 1 29  ASN 29  58  58  ASN ASN A . n 
A 1 30  GLU 30  59  59  GLU GLU A . n 
A 1 31  GLU 31  60  60  GLU GLU A . n 
A 1 32  LEU 32  61  61  LEU LEU A . n 
A 1 33  GLU 33  62  62  GLU GLU A . n 
A 1 34  ALA 34  63  63  ALA ALA A . n 
A 1 35  LEU 35  64  64  LEU LEU A . n 
A 1 36  ASN 36  65  65  ASN ASN A . n 
A 1 37  ILE 37  66  66  ILE ILE A . n 
A 1 38  GLU 38  67  67  GLU GLU A . n 
A 1 39  VAL 39  68  68  VAL VAL A . n 
A 1 40  ALA 40  69  69  ALA ALA A . n 
A 1 41  VAL 41  70  70  VAL VAL A . n 
A 1 42  ALA 42  71  71  ALA ALA A . n 
A 1 43  GLY 43  72  72  GLY GLY A . n 
A 1 44  ARG 44  73  73  ARG ARG A . n 
A 1 45  MET 45  74  74  MET MET A . n 
A 1 46  MET 46  75  75  MET MET A . n 
A 1 47  THR 47  76  76  THR THR A . n 
A 1 48  ARG 48  77  77  ARG ARG A . n 
A 1 49  ARG 49  78  78  ARG ARG A . n 
A 1 50  ILE 50  79  79  ILE ILE A . n 
A 1 51  MET 51  80  80  MET MET A . n 
A 1 52  GLY 52  81  81  GLY GLY A . n 
A 1 53  LYS 53  82  82  LYS LYS A . n 
A 1 54  ALA 54  83  83  ALA ALA A . n 
A 1 55  SER 55  84  84  SER SER A . n 
A 1 56  PHE 56  85  85  PHE PHE A . n 
A 1 57  VAL 57  86  86  VAL VAL A . n 
A 1 58  THR 58  87  87  THR THR A . n 
A 1 59  LEU 59  88  88  LEU LEU A . n 
A 1 60  GLN 60  89  89  GLN GLN A . n 
A 1 61  ASP 61  90  90  ASP ASP A . n 
A 1 62  VAL 62  91  91  VAL VAL A . n 
A 1 63  GLY 63  92  92  GLY GLY A . n 
A 1 64  GLY 64  93  93  GLY GLY A . n 
A 1 65  ARG 65  94  94  ARG ARG A . n 
A 1 66  ILE 66  95  95  ILE ILE A . n 
A 1 67  GLN 67  96  96  GLN GLN A . n 
A 1 68  LEU 68  97  97  LEU LEU A . n 
A 1 69  TYR 69  98  98  TYR TYR A . n 
A 1 70  VAL 70  99  99  VAL VAL A . n 
A 1 71  ALA 71  100 100 ALA ALA A . n 
A 1 72  ARG 72  101 101 ARG ARG A . n 
A 1 73  ASP 73  102 102 ASP ASP A . n 
A 1 74  ASP 74  103 103 ASP ASP A . n 
A 1 75  LEU 75  104 104 LEU LEU A . n 
A 1 76  PRO 76  105 105 PRO PRO A . n 
A 1 77  GLU 77  106 106 GLU GLU A . n 
A 1 78  GLY 78  107 107 GLY GLY A . n 
A 1 79  VAL 79  108 108 VAL VAL A . n 
A 1 80  TYR 80  109 109 TYR TYR A . n 
A 1 81  ASN 81  110 110 ASN ASN A . n 
A 1 82  GLU 82  111 111 GLU GLU A . n 
A 1 83  GLN 83  112 112 GLN GLN A . n 
A 1 84  PHE 84  113 113 PHE PHE A . n 
A 1 85  LYS 85  114 114 LYS LYS A . n 
A 1 86  LYS 86  115 115 LYS LYS A . n 
A 1 87  TRP 87  116 116 TRP TRP A . n 
A 1 88  ASP 88  117 117 ASP ASP A . n 
A 1 89  LEU 89  118 118 LEU LEU A . n 
A 1 90  GLY 90  119 119 GLY GLY A . n 
A 1 91  ASP 91  120 120 ASP ASP A . n 
A 1 92  ILE 92  121 121 ILE ILE A . n 
A 1 93  LEU 93  122 122 LEU LEU A . n 
A 1 94  GLY 94  123 123 GLY GLY A . n 
A 1 95  ALA 95  124 124 ALA ALA A . n 
A 1 96  LYS 96  125 125 LYS LYS A . n 
A 1 97  GLY 97  126 126 GLY GLY A . n 
A 1 98  LYS 98  127 127 LYS LYS A . n 
A 1 99  LEU 99  128 128 LEU LEU A . n 
A 1 100 PHE 100 129 129 PHE PHE A . n 
A 1 101 LYS 101 130 130 LYS LYS A . n 
A 1 102 THR 102 131 131 THR THR A . n 
A 1 103 LYS 103 132 132 LYS LYS A . n 
A 1 104 THR 104 133 133 THR THR A . n 
A 1 105 GLY 105 134 134 GLY GLY A . n 
A 1 106 GLU 106 135 135 GLU GLU A . n 
A 1 107 LEU 107 136 136 LEU LEU A . n 
A 1 108 SER 108 137 137 SER SER A . n 
A 1 109 ILE 109 138 138 ILE ILE A . n 
A 1 110 HIS 110 139 139 HIS HIS A . n 
A 1 111 CYS 111 140 140 CYS CYS A . n 
A 1 112 THR 112 141 141 THR THR A . n 
A 1 113 GLU 113 142 142 GLU GLU A . n 
A 1 114 LEU 114 143 143 LEU LEU A . n 
A 1 115 ARG 115 144 144 ARG ARG A . n 
A 1 116 LEU 116 145 145 LEU LEU A . n 
A 1 117 LEU 117 146 146 LEU LEU A . n 
A 1 118 THR 118 147 147 THR THR A . n 
A 1 119 LYS 119 148 148 LYS LYS A . n 
A 1 120 ALA 120 149 149 ALA ALA A . n 
# 
loop_
_software.name 
_software.classification 
_software.version 
_software.citation_id 
_software.pdbx_ordinal 
X-PLOR 'model building' 3.1 ? 1 
X-PLOR refinement       3.1 ? 2 
X-PLOR phasing          3.1 ? 3 
# 
_cell.entry_id           1KRS 
_cell.length_a           1.000 
_cell.length_b           1.000 
_cell.length_c           1.000 
_cell.angle_alpha        90.00 
_cell.angle_beta         90.00 
_cell.angle_gamma        90.00 
_cell.Z_PDB              1 
_cell.pdbx_unique_axis   ? 
# 
_symmetry.entry_id                         1KRS 
_symmetry.space_group_name_H-M             'P 1' 
_symmetry.pdbx_full_space_group_name_H-M   ? 
_symmetry.cell_setting                     ? 
_symmetry.Int_Tables_number                1 
# 
_exptl.entry_id          1KRS 
_exptl.method            'SOLUTION NMR' 
_exptl.crystals_number   ? 
# 
_struct.entry_id                  1KRS 
_struct.title                     
;SOLUTION STRUCTURE OF THE ANTICODON BINDING DOMAIN OF ESCHERICHIA COLI LYSYL-TRNA SYNTHETASE AND STUDIES OF ITS INTERACTIONS WITH TRNA-LYS
;
_struct.pdbx_model_details        ? 
_struct.pdbx_CASP_flag            ? 
_struct.pdbx_model_type_details   ? 
# 
_struct_keywords.entry_id        1KRS 
_struct_keywords.pdbx_keywords   'AMINOACYL-TRNA SYNTHETASE' 
_struct_keywords.text            'AMINOACYL-TRNA SYNTHETASE' 
# 
_struct_asym.id                            A 
_struct_asym.pdbx_blank_PDB_chainid_flag   Y 
_struct_asym.pdbx_modified                 N 
_struct_asym.entity_id                     1 
_struct_asym.details                       ? 
# 
_struct_ref.id                         1 
_struct_ref.db_name                    UNP 
_struct_ref.db_code                    SYK1_ECOLI 
_struct_ref.entity_id                  1 
_struct_ref.pdbx_db_accession          P0A8N3 
_struct_ref.pdbx_align_begin           1 
_struct_ref.pdbx_seq_one_letter_code   
;SEQHAQGADAVVDLNNELKTRREKLANLREQGIAFPNDFRRDHTSDQLHAEFDGKENEELEALNIEVAVAGRMMTRRIMG
KASFVTLQDVGGRIQLYVARDDLPEGVYNEQFKKWDLGDILGAKGKLFKTKTGELSIHCTELRLLTKALRPLPDKFHGLQ
DQEARYRQRYLDLISNDESRNTFKVRSQILSGIRQFMVNRGFMEVETPMMQVIPGGAAARPFITHHNALDLDMYLRIAPE
LYLKRLVVGGFERVFEINRNFRNEGISVRHNPEFTMMELYMAYADYKDLIELTESLFRTLAQDILGKTEVTYGDVTLDFG
KPFEKLTMREAIKKYRPETDMADLDNFDSAKAIAESIGIHVEKSWGLGRIVTEIFEEVAEAHLIQPTFITEYPAEVSPLA
RRNDVNPEITDRFEFFIGGREIGNGFSELNDAEDQAQRFLDQVAAKDAGDDEAMFYDEDYVTALEHGLPPTAGLGIGIDR
MVMLFTNSHTIRDVILFPAMRPVK
;
_struct_ref.pdbx_db_isoform            ? 
# 
_struct_ref_seq.align_id                      1 
_struct_ref_seq.ref_id                        1 
_struct_ref_seq.pdbx_PDB_id_code              1KRS 
_struct_ref_seq.pdbx_strand_id                A 
_struct_ref_seq.seq_align_beg                 1 
_struct_ref_seq.pdbx_seq_align_beg_ins_code   ? 
_struct_ref_seq.seq_align_end                 120 
_struct_ref_seq.pdbx_seq_align_end_ins_code   ? 
_struct_ref_seq.pdbx_db_accession             P0A8N3 
_struct_ref_seq.db_align_beg                  26 
_struct_ref_seq.pdbx_db_align_beg_ins_code    ? 
_struct_ref_seq.db_align_end                  148 
_struct_ref_seq.pdbx_db_align_end_ins_code    ? 
_struct_ref_seq.pdbx_auth_seq_align_beg       30 
_struct_ref_seq.pdbx_auth_seq_align_end       149 
# 
loop_
_struct_ref_seq_dif.align_id 
_struct_ref_seq_dif.pdbx_pdb_id_code 
_struct_ref_seq_dif.mon_id 
_struct_ref_seq_dif.pdbx_pdb_strand_id 
_struct_ref_seq_dif.seq_num 
_struct_ref_seq_dif.pdbx_pdb_ins_code 
_struct_ref_seq_dif.pdbx_seq_db_name 
_struct_ref_seq_dif.pdbx_seq_db_accession_code 
_struct_ref_seq_dif.db_mon_id 
_struct_ref_seq_dif.pdbx_seq_db_seq_num 
_struct_ref_seq_dif.details 
_struct_ref_seq_dif.pdbx_auth_seq_num 
_struct_ref_seq_dif.pdbx_ordinal 
1 1KRS ? A ? ? UNP P0A8N3 ASN 27 deletion ? 1 
1 1KRS ? A ? ? UNP P0A8N3 LEU 28 deletion ? 2 
1 1KRS ? A ? ? UNP P0A8N3 ARG 29 deletion ? 3 
# 
_pdbx_struct_assembly.id                   1 
_pdbx_struct_assembly.details              author_defined_assembly 
_pdbx_struct_assembly.method_details       ? 
_pdbx_struct_assembly.oligomeric_details   monomeric 
_pdbx_struct_assembly.oligomeric_count     1 
# 
_pdbx_struct_assembly_gen.assembly_id       1 
_pdbx_struct_assembly_gen.oper_expression   1 
_pdbx_struct_assembly_gen.asym_id_list      A 
# 
_pdbx_struct_oper_list.id                   1 
_pdbx_struct_oper_list.type                 'identity operation' 
_pdbx_struct_oper_list.name                 1_555 
_pdbx_struct_oper_list.symmetry_operation   x,y,z 
_pdbx_struct_oper_list.matrix[1][1]         1.0000000000 
_pdbx_struct_oper_list.matrix[1][2]         0.0000000000 
_pdbx_struct_oper_list.matrix[1][3]         0.0000000000 
_pdbx_struct_oper_list.vector[1]            0.0000000000 
_pdbx_struct_oper_list.matrix[2][1]         0.0000000000 
_pdbx_struct_oper_list.matrix[2][2]         1.0000000000 
_pdbx_struct_oper_list.matrix[2][3]         0.0000000000 
_pdbx_struct_oper_list.vector[2]            0.0000000000 
_pdbx_struct_oper_list.matrix[3][1]         0.0000000000 
_pdbx_struct_oper_list.matrix[3][2]         0.0000000000 
_pdbx_struct_oper_list.matrix[3][3]         1.0000000000 
_pdbx_struct_oper_list.vector[3]            0.0000000000 
# 
_struct_biol.id   1 
# 
loop_
_struct_conf.conf_type_id 
_struct_conf.id 
_struct_conf.pdbx_PDB_helix_id 
_struct_conf.beg_label_comp_id 
_struct_conf.beg_label_asym_id 
_struct_conf.beg_label_seq_id 
_struct_conf.pdbx_beg_PDB_ins_code 
_struct_conf.end_label_comp_id 
_struct_conf.end_label_asym_id 
_struct_conf.end_label_seq_id 
_struct_conf.pdbx_end_PDB_ins_code 
_struct_conf.beg_auth_comp_id 
_struct_conf.beg_auth_asym_id 
_struct_conf.beg_auth_seq_id 
_struct_conf.end_auth_comp_id 
_struct_conf.end_auth_asym_id 
_struct_conf.end_auth_seq_id 
_struct_conf.pdbx_PDB_helix_class 
_struct_conf.details 
_struct_conf.pdbx_PDB_helix_length 
HELX_P HELX_P1 1 GLN A 19 ? PHE A 24 ? GLN A 48  PHE A 53  1 ? 6 
HELX_P HELX_P2 2 ASN A 29 ? ALA A 34 ? ASN A 58  ALA A 63  1 ? 6 
HELX_P HELX_P3 3 GLN A 83 ? LYS A 86 ? GLN A 112 LYS A 115 1 ? 4 
# 
_struct_conf_type.id          HELX_P 
_struct_conf_type.criteria    ? 
_struct_conf_type.reference   ? 
# 
loop_
_struct_sheet.id 
_struct_sheet.type 
_struct_sheet.number_strands 
_struct_sheet.details 
A ? 3 ? 
B ? 2 ? 
# 
loop_
_struct_sheet_order.sheet_id 
_struct_sheet_order.range_id_1 
_struct_sheet_order.range_id_2 
_struct_sheet_order.offset 
_struct_sheet_order.sense 
A 1 2 ? anti-parallel 
A 2 3 ? anti-parallel 
B 1 2 ? anti-parallel 
# 
loop_
_struct_sheet_range.sheet_id 
_struct_sheet_range.id 
_struct_sheet_range.beg_label_comp_id 
_struct_sheet_range.beg_label_asym_id 
_struct_sheet_range.beg_label_seq_id 
_struct_sheet_range.pdbx_beg_PDB_ins_code 
_struct_sheet_range.end_label_comp_id 
_struct_sheet_range.end_label_asym_id 
_struct_sheet_range.end_label_seq_id 
_struct_sheet_range.pdbx_end_PDB_ins_code 
_struct_sheet_range.beg_auth_comp_id 
_struct_sheet_range.beg_auth_asym_id 
_struct_sheet_range.beg_auth_seq_id 
_struct_sheet_range.end_auth_comp_id 
_struct_sheet_range.end_auth_asym_id 
_struct_sheet_range.end_auth_seq_id 
A 1 GLY A 64  ? VAL A 70  ? GLY A 93  VAL A 99  
A 2 SER A 55  ? ASP A 61  ? SER A 84  ASP A 90  
A 3 ARG A 44  ? ARG A 48  ? ARG A 73  ARG A 77  
B 1 LEU A 93  ? PHE A 100 ? LEU A 122 PHE A 129 
B 2 SER A 108 ? LEU A 116 ? SER A 137 LEU A 145 
# 
loop_
_pdbx_struct_sheet_hbond.sheet_id 
_pdbx_struct_sheet_hbond.range_id_1 
_pdbx_struct_sheet_hbond.range_id_2 
_pdbx_struct_sheet_hbond.range_1_label_atom_id 
_pdbx_struct_sheet_hbond.range_1_label_comp_id 
_pdbx_struct_sheet_hbond.range_1_label_asym_id 
_pdbx_struct_sheet_hbond.range_1_label_seq_id 
_pdbx_struct_sheet_hbond.range_1_PDB_ins_code 
_pdbx_struct_sheet_hbond.range_1_auth_atom_id 
_pdbx_struct_sheet_hbond.range_1_auth_comp_id 
_pdbx_struct_sheet_hbond.range_1_auth_asym_id 
_pdbx_struct_sheet_hbond.range_1_auth_seq_id 
_pdbx_struct_sheet_hbond.range_2_label_atom_id 
_pdbx_struct_sheet_hbond.range_2_label_comp_id 
_pdbx_struct_sheet_hbond.range_2_label_asym_id 
_pdbx_struct_sheet_hbond.range_2_label_seq_id 
_pdbx_struct_sheet_hbond.range_2_PDB_ins_code 
_pdbx_struct_sheet_hbond.range_2_auth_atom_id 
_pdbx_struct_sheet_hbond.range_2_auth_comp_id 
_pdbx_struct_sheet_hbond.range_2_auth_asym_id 
_pdbx_struct_sheet_hbond.range_2_auth_seq_id 
A 1 2 O GLY A 64 ? O GLY A 93  N ASP A 61  ? N ASP A 90  
A 2 3 O THR A 58 ? O THR A 87  N THR A 47  ? N THR A 76  
B 1 2 O GLY A 94 ? O GLY A 123 N ARG A 115 ? N ARG A 144 
# 
loop_
_pdbx_validate_rmsd_bond.id 
_pdbx_validate_rmsd_bond.PDB_model_num 
_pdbx_validate_rmsd_bond.auth_atom_id_1 
_pdbx_validate_rmsd_bond.auth_asym_id_1 
_pdbx_validate_rmsd_bond.auth_comp_id_1 
_pdbx_validate_rmsd_bond.auth_seq_id_1 
_pdbx_validate_rmsd_bond.PDB_ins_code_1 
_pdbx_validate_rmsd_bond.label_alt_id_1 
_pdbx_validate_rmsd_bond.auth_atom_id_2 
_pdbx_validate_rmsd_bond.auth_asym_id_2 
_pdbx_validate_rmsd_bond.auth_comp_id_2 
_pdbx_validate_rmsd_bond.auth_seq_id_2 
_pdbx_validate_rmsd_bond.PDB_ins_code_2 
_pdbx_validate_rmsd_bond.label_alt_id_2 
_pdbx_validate_rmsd_bond.bond_value 
_pdbx_validate_rmsd_bond.bond_target_value 
_pdbx_validate_rmsd_bond.bond_deviation 
_pdbx_validate_rmsd_bond.bond_standard_deviation 
_pdbx_validate_rmsd_bond.linker_flag 
1 1 CG A HIS 44  ? ? ND1 A HIS 44  ? ? 1.274 1.369 -0.095 0.015 N 
2 1 CA A ALA 69  ? ? CB  A ALA 69  ? ? 1.262 1.520 -0.258 0.021 N 
3 1 CA A ALA 83  ? ? CB  A ALA 83  ? ? 1.347 1.520 -0.173 0.021 N 
4 1 CG A TRP 116 ? ? CD2 A TRP 116 ? ? 1.326 1.432 -0.106 0.017 N 
# 
loop_
_pdbx_validate_rmsd_angle.id 
_pdbx_validate_rmsd_angle.PDB_model_num 
_pdbx_validate_rmsd_angle.auth_atom_id_1 
_pdbx_validate_rmsd_angle.auth_asym_id_1 
_pdbx_validate_rmsd_angle.auth_comp_id_1 
_pdbx_validate_rmsd_angle.auth_seq_id_1 
_pdbx_validate_rmsd_angle.PDB_ins_code_1 
_pdbx_validate_rmsd_angle.label_alt_id_1 
_pdbx_validate_rmsd_angle.auth_atom_id_2 
_pdbx_validate_rmsd_angle.auth_asym_id_2 
_pdbx_validate_rmsd_angle.auth_comp_id_2 
_pdbx_validate_rmsd_angle.auth_seq_id_2 
_pdbx_validate_rmsd_angle.PDB_ins_code_2 
_pdbx_validate_rmsd_angle.label_alt_id_2 
_pdbx_validate_rmsd_angle.auth_atom_id_3 
_pdbx_validate_rmsd_angle.auth_asym_id_3 
_pdbx_validate_rmsd_angle.auth_comp_id_3 
_pdbx_validate_rmsd_angle.auth_seq_id_3 
_pdbx_validate_rmsd_angle.PDB_ins_code_3 
_pdbx_validate_rmsd_angle.label_alt_id_3 
_pdbx_validate_rmsd_angle.angle_value 
_pdbx_validate_rmsd_angle.angle_target_value 
_pdbx_validate_rmsd_angle.angle_deviation 
_pdbx_validate_rmsd_angle.angle_standard_deviation 
_pdbx_validate_rmsd_angle.linker_flag 
1  1 N  A ASP 43  ? ? CA A ASP 43  ? ? C   A ASP 43  ? ? 88.32  111.00 -22.68 2.70 N 
2  1 CA A HIS 44  ? ? CB A HIS 44  ? ? CG  A HIS 44  ? ? 133.95 113.60 20.35  1.70 N 
3  1 CB A LEU 49  ? ? CG A LEU 49  ? ? CD2 A LEU 49  ? ? 98.05  111.00 -12.95 1.70 N 
4  1 CA A GLU 59  ? ? C  A GLU 59  ? ? N   A GLU 60  ? ? 102.25 117.20 -14.95 2.20 Y 
5  1 CA A VAL 68  ? ? CB A VAL 68  ? ? CG1 A VAL 68  ? ? 101.34 110.90 -9.56  1.50 N 
6  1 CA A VAL 68  ? ? C  A VAL 68  ? ? N   A ALA 69  ? ? 98.14  117.20 -19.06 2.20 Y 
7  1 N  A ALA 69  ? ? CA A ALA 69  ? ? CB  A ALA 69  ? ? 97.56  110.10 -12.54 1.40 N 
8  1 N  A ALA 69  ? ? CA A ALA 69  ? ? C   A ALA 69  ? ? 132.37 111.00 21.37  2.70 N 
9  1 CA A ALA 69  ? ? C  A ALA 69  ? ? N   A VAL 70  ? ? 98.69  117.20 -18.51 2.20 Y 
10 1 CA A THR 76  ? ? CB A THR 76  ? ? CG2 A THR 76  ? ? 101.59 112.40 -10.81 1.40 N 
11 1 CB A TYR 98  ? ? CG A TYR 98  ? ? CD2 A TYR 98  ? ? 115.30 121.00 -5.70  0.60 N 
12 1 CB A TYR 98  ? ? CG A TYR 98  ? ? CD1 A TYR 98  ? ? 125.52 121.00 4.52   0.60 N 
13 1 N  A ALA 100 ? ? CA A ALA 100 ? ? CB  A ALA 100 ? ? 101.24 110.10 -8.86  1.40 N 
14 1 N  A TYR 109 ? ? CA A TYR 109 ? ? CB  A TYR 109 ? ? 98.33  110.60 -12.27 1.80 N 
15 1 CA A GLU 111 ? ? CB A GLU 111 ? ? CG  A GLU 111 ? ? 94.06  113.40 -19.34 2.20 N 
16 1 N  A GLN 112 ? ? CA A GLN 112 ? ? CB  A GLN 112 ? ? 96.10  110.60 -14.50 1.80 N 
17 1 N  A GLN 112 ? ? CA A GLN 112 ? ? C   A GLN 112 ? ? 93.08  111.00 -17.92 2.70 N 
18 1 CB A PHE 113 ? ? CG A PHE 113 ? ? CD2 A PHE 113 ? ? 115.80 120.80 -5.00  0.70 N 
19 1 CB A PHE 113 ? ? CG A PHE 113 ? ? CD1 A PHE 113 ? ? 125.53 120.80 4.73   0.70 N 
20 1 CA A TRP 116 ? ? CB A TRP 116 ? ? CG  A TRP 116 ? ? 95.04  113.70 -18.66 1.90 N 
21 1 CB A TRP 116 ? ? CG A TRP 116 ? ? CD2 A TRP 116 ? ? 135.85 126.60 9.25   1.30 N 
22 1 CB A TRP 116 ? ? CG A TRP 116 ? ? CD1 A TRP 116 ? ? 112.78 127.00 -14.22 1.30 N 
23 1 CA A TRP 116 ? ? C  A TRP 116 ? ? N   A ASP 117 ? ? 103.69 117.20 -13.51 2.20 Y 
24 1 CA A ASP 117 ? ? C  A ASP 117 ? ? N   A LEU 118 ? ? 103.39 117.20 -13.81 2.20 Y 
25 1 CB A LEU 118 ? ? CG A LEU 118 ? ? CD2 A LEU 118 ? ? 98.02  111.00 -12.98 1.70 N 
26 1 N  A GLY 123 ? ? CA A GLY 123 ? ? C   A GLY 123 ? ? 92.78  113.10 -20.32 2.50 N 
27 1 N  A LEU 136 ? ? CA A LEU 136 ? ? CB  A LEU 136 ? ? 96.20  110.40 -14.20 2.00 N 
28 1 N  A LEU 136 ? ? CA A LEU 136 ? ? C   A LEU 136 ? ? 137.41 111.00 26.41  2.70 N 
29 1 CB A LEU 145 ? ? CG A LEU 145 ? ? CD2 A LEU 145 ? ? 123.50 111.00 12.50  1.70 N 
30 1 N  A LEU 146 ? ? CA A LEU 146 ? ? CB  A LEU 146 ? ? 97.38  110.40 -13.02 2.00 N 
31 1 CA A LEU 146 ? ? CB A LEU 146 ? ? CG  A LEU 146 ? ? 97.65  115.30 -17.65 2.30 N 
32 1 CB A LEU 146 ? ? CG A LEU 146 ? ? CD2 A LEU 146 ? ? 121.83 111.00 10.83  1.70 N 
33 1 CA A LEU 146 ? ? C  A LEU 146 ? ? O   A LEU 146 ? ? 133.12 120.10 13.02  2.10 N 
34 1 CA A LEU 146 ? ? C  A LEU 146 ? ? N   A THR 147 ? ? 91.27  117.20 -25.93 2.20 Y 
35 1 O  A LEU 146 ? ? C  A LEU 146 ? ? N   A THR 147 ? ? 135.61 122.70 12.91  1.60 Y 
# 
loop_
_pdbx_validate_torsion.id 
_pdbx_validate_torsion.PDB_model_num 
_pdbx_validate_torsion.auth_comp_id 
_pdbx_validate_torsion.auth_asym_id 
_pdbx_validate_torsion.auth_seq_id 
_pdbx_validate_torsion.PDB_ins_code 
_pdbx_validate_torsion.label_alt_id 
_pdbx_validate_torsion.phi 
_pdbx_validate_torsion.psi 
1  1 ARG A 41  ? ? -107.83 -158.72 
2  1 HIS A 44  ? ? -13.94  -100.17 
3  1 SER A 46  ? ? 98.06   89.75   
4  1 PHE A 53  ? ? -38.44  -37.21  
5  1 LYS A 56  ? ? -121.22 -167.97 
6  1 ASN A 65  ? ? -15.51  143.37  
7  1 GLU A 67  ? ? -111.00 66.28   
8  1 MET A 74  ? ? -161.81 -149.62 
9  1 MET A 75  ? ? 179.19  9.90    
10 1 ARG A 78  ? ? -141.03 51.96   
11 1 ILE A 79  ? ? -47.60  153.85  
12 1 MET A 80  ? ? -152.09 38.73   
13 1 LYS A 82  ? ? -119.95 -151.03 
14 1 ALA A 83  ? ? -3.21   114.12  
15 1 VAL A 91  ? ? -24.48  -60.45  
16 1 PRO A 105 ? ? -69.99  64.06   
17 1 VAL A 108 ? ? -47.09  -19.51  
18 1 TYR A 109 ? ? -74.68  -144.19 
19 1 ASN A 110 ? ? -40.43  -17.96  
20 1 LEU A 118 ? ? -28.98  -114.63 
21 1 LYS A 130 ? ? -46.48  90.77   
22 1 GLU A 135 ? ? -112.50 -112.42 
23 1 LEU A 136 ? ? -21.12  7.29    
24 1 HIS A 139 ? ? -117.03 77.95   
25 1 THR A 141 ? ? -132.83 -31.66  
26 1 LEU A 146 ? ? -78.61  -168.82 
# 
loop_
_pdbx_validate_planes.id 
_pdbx_validate_planes.PDB_model_num 
_pdbx_validate_planes.auth_comp_id 
_pdbx_validate_planes.auth_asym_id 
_pdbx_validate_planes.auth_seq_id 
_pdbx_validate_planes.PDB_ins_code 
_pdbx_validate_planes.label_alt_id 
_pdbx_validate_planes.rmsd 
_pdbx_validate_planes.type 
1 1 ARG A 42  ? ? 0.318 'SIDE CHAIN' 
2 1 ARG A 73  ? ? 0.301 'SIDE CHAIN' 
3 1 ARG A 77  ? ? 0.309 'SIDE CHAIN' 
4 1 ARG A 78  ? ? 0.302 'SIDE CHAIN' 
5 1 ARG A 94  ? ? 0.276 'SIDE CHAIN' 
6 1 ARG A 101 ? ? 0.314 'SIDE CHAIN' 
7 1 ARG A 144 ? ? 0.284 'SIDE CHAIN' 
# 
_pdbx_nmr_ensemble.entry_id                             1KRS 
_pdbx_nmr_ensemble.conformers_calculated_total_number   ? 
_pdbx_nmr_ensemble.conformers_submitted_total_number    1 
_pdbx_nmr_ensemble.conformer_selection_criteria         ? 
# 
_pdbx_nmr_software.classification   refinement 
_pdbx_nmr_software.name             X-PLOR 
_pdbx_nmr_software.version          3.1 
_pdbx_nmr_software.authors          BRUNGER 
_pdbx_nmr_software.ordinal          1 
# 
loop_
_pdbx_unobs_or_zero_occ_residues.id 
_pdbx_unobs_or_zero_occ_residues.PDB_model_num 
_pdbx_unobs_or_zero_occ_residues.polymer_flag 
_pdbx_unobs_or_zero_occ_residues.occupancy_flag 
_pdbx_unobs_or_zero_occ_residues.auth_asym_id 
_pdbx_unobs_or_zero_occ_residues.auth_comp_id 
_pdbx_unobs_or_zero_occ_residues.auth_seq_id 
_pdbx_unobs_or_zero_occ_residues.PDB_ins_code 
_pdbx_unobs_or_zero_occ_residues.label_asym_id 
_pdbx_unobs_or_zero_occ_residues.label_comp_id 
_pdbx_unobs_or_zero_occ_residues.label_seq_id 
1  1 Y 1 A ALA 30 ? A ALA 1  
2  1 Y 1 A GLU 31 ? A GLU 2  
3  1 Y 1 A GLN 32 ? A GLN 3  
4  1 Y 1 A GLY 33 ? A GLY 4  
5  1 Y 1 A ILE 34 ? A ILE 5  
6  1 Y 1 A ALA 35 ? A ALA 6  
7  1 Y 1 A PHE 36 ? A PHE 7  
8  1 Y 1 A PRO 37 ? A PRO 8  
9  1 Y 1 A ASN 38 ? A ASN 9  
10 1 Y 1 A ASP 39 ? A ASP 10 
# 
loop_
_chem_comp_atom.comp_id 
_chem_comp_atom.atom_id 
_chem_comp_atom.type_symbol 
_chem_comp_atom.pdbx_aromatic_flag 
_chem_comp_atom.pdbx_stereo_config 
_chem_comp_atom.pdbx_ordinal 
ALA N    N N N 1   
ALA CA   C N S 2   
ALA C    C N N 3   
ALA O    O N N 4   
ALA CB   C N N 5   
ALA OXT  O N N 6   
ALA H    H N N 7   
ALA H2   H N N 8   
ALA HA   H N N 9   
ALA HB1  H N N 10  
ALA HB2  H N N 11  
ALA HB3  H N N 12  
ALA HXT  H N N 13  
ARG N    N N N 14  
ARG CA   C N S 15  
ARG C    C N N 16  
ARG O    O N N 17  
ARG CB   C N N 18  
ARG CG   C N N 19  
ARG CD   C N N 20  
ARG NE   N N N 21  
ARG CZ   C N N 22  
ARG NH1  N N N 23  
ARG NH2  N N N 24  
ARG OXT  O N N 25  
ARG H    H N N 26  
ARG H2   H N N 27  
ARG HA   H N N 28  
ARG HB2  H N N 29  
ARG HB3  H N N 30  
ARG HG2  H N N 31  
ARG HG3  H N N 32  
ARG HD2  H N N 33  
ARG HD3  H N N 34  
ARG HE   H N N 35  
ARG HH11 H N N 36  
ARG HH12 H N N 37  
ARG HH21 H N N 38  
ARG HH22 H N N 39  
ARG HXT  H N N 40  
ASN N    N N N 41  
ASN CA   C N S 42  
ASN C    C N N 43  
ASN O    O N N 44  
ASN CB   C N N 45  
ASN CG   C N N 46  
ASN OD1  O N N 47  
ASN ND2  N N N 48  
ASN OXT  O N N 49  
ASN H    H N N 50  
ASN H2   H N N 51  
ASN HA   H N N 52  
ASN HB2  H N N 53  
ASN HB3  H N N 54  
ASN HD21 H N N 55  
ASN HD22 H N N 56  
ASN HXT  H N N 57  
ASP N    N N N 58  
ASP CA   C N S 59  
ASP C    C N N 60  
ASP O    O N N 61  
ASP CB   C N N 62  
ASP CG   C N N 63  
ASP OD1  O N N 64  
ASP OD2  O N N 65  
ASP OXT  O N N 66  
ASP H    H N N 67  
ASP H2   H N N 68  
ASP HA   H N N 69  
ASP HB2  H N N 70  
ASP HB3  H N N 71  
ASP HD2  H N N 72  
ASP HXT  H N N 73  
CYS N    N N N 74  
CYS CA   C N R 75  
CYS C    C N N 76  
CYS O    O N N 77  
CYS CB   C N N 78  
CYS SG   S N N 79  
CYS OXT  O N N 80  
CYS H    H N N 81  
CYS H2   H N N 82  
CYS HA   H N N 83  
CYS HB2  H N N 84  
CYS HB3  H N N 85  
CYS HG   H N N 86  
CYS HXT  H N N 87  
GLN N    N N N 88  
GLN CA   C N S 89  
GLN C    C N N 90  
GLN O    O N N 91  
GLN CB   C N N 92  
GLN CG   C N N 93  
GLN CD   C N N 94  
GLN OE1  O N N 95  
GLN NE2  N N N 96  
GLN OXT  O N N 97  
GLN H    H N N 98  
GLN H2   H N N 99  
GLN HA   H N N 100 
GLN HB2  H N N 101 
GLN HB3  H N N 102 
GLN HG2  H N N 103 
GLN HG3  H N N 104 
GLN HE21 H N N 105 
GLN HE22 H N N 106 
GLN HXT  H N N 107 
GLU N    N N N 108 
GLU CA   C N S 109 
GLU C    C N N 110 
GLU O    O N N 111 
GLU CB   C N N 112 
GLU CG   C N N 113 
GLU CD   C N N 114 
GLU OE1  O N N 115 
GLU OE2  O N N 116 
GLU OXT  O N N 117 
GLU H    H N N 118 
GLU H2   H N N 119 
GLU HA   H N N 120 
GLU HB2  H N N 121 
GLU HB3  H N N 122 
GLU HG2  H N N 123 
GLU HG3  H N N 124 
GLU HE2  H N N 125 
GLU HXT  H N N 126 
GLY N    N N N 127 
GLY CA   C N N 128 
GLY C    C N N 129 
GLY O    O N N 130 
GLY OXT  O N N 131 
GLY H    H N N 132 
GLY H2   H N N 133 
GLY HA2  H N N 134 
GLY HA3  H N N 135 
GLY HXT  H N N 136 
HIS N    N N N 137 
HIS CA   C N S 138 
HIS C    C N N 139 
HIS O    O N N 140 
HIS CB   C N N 141 
HIS CG   C Y N 142 
HIS ND1  N Y N 143 
HIS CD2  C Y N 144 
HIS CE1  C Y N 145 
HIS NE2  N Y N 146 
HIS OXT  O N N 147 
HIS H    H N N 148 
HIS H2   H N N 149 
HIS HA   H N N 150 
HIS HB2  H N N 151 
HIS HB3  H N N 152 
HIS HD1  H N N 153 
HIS HD2  H N N 154 
HIS HE1  H N N 155 
HIS HE2  H N N 156 
HIS HXT  H N N 157 
ILE N    N N N 158 
ILE CA   C N S 159 
ILE C    C N N 160 
ILE O    O N N 161 
ILE CB   C N S 162 
ILE CG1  C N N 163 
ILE CG2  C N N 164 
ILE CD1  C N N 165 
ILE OXT  O N N 166 
ILE H    H N N 167 
ILE H2   H N N 168 
ILE HA   H N N 169 
ILE HB   H N N 170 
ILE HG12 H N N 171 
ILE HG13 H N N 172 
ILE HG21 H N N 173 
ILE HG22 H N N 174 
ILE HG23 H N N 175 
ILE HD11 H N N 176 
ILE HD12 H N N 177 
ILE HD13 H N N 178 
ILE HXT  H N N 179 
LEU N    N N N 180 
LEU CA   C N S 181 
LEU C    C N N 182 
LEU O    O N N 183 
LEU CB   C N N 184 
LEU CG   C N N 185 
LEU CD1  C N N 186 
LEU CD2  C N N 187 
LEU OXT  O N N 188 
LEU H    H N N 189 
LEU H2   H N N 190 
LEU HA   H N N 191 
LEU HB2  H N N 192 
LEU HB3  H N N 193 
LEU HG   H N N 194 
LEU HD11 H N N 195 
LEU HD12 H N N 196 
LEU HD13 H N N 197 
LEU HD21 H N N 198 
LEU HD22 H N N 199 
LEU HD23 H N N 200 
LEU HXT  H N N 201 
LYS N    N N N 202 
LYS CA   C N S 203 
LYS C    C N N 204 
LYS O    O N N 205 
LYS CB   C N N 206 
LYS CG   C N N 207 
LYS CD   C N N 208 
LYS CE   C N N 209 
LYS NZ   N N N 210 
LYS OXT  O N N 211 
LYS H    H N N 212 
LYS H2   H N N 213 
LYS HA   H N N 214 
LYS HB2  H N N 215 
LYS HB3  H N N 216 
LYS HG2  H N N 217 
LYS HG3  H N N 218 
LYS HD2  H N N 219 
LYS HD3  H N N 220 
LYS HE2  H N N 221 
LYS HE3  H N N 222 
LYS HZ1  H N N 223 
LYS HZ2  H N N 224 
LYS HZ3  H N N 225 
LYS HXT  H N N 226 
MET N    N N N 227 
MET CA   C N S 228 
MET C    C N N 229 
MET O    O N N 230 
MET CB   C N N 231 
MET CG   C N N 232 
MET SD   S N N 233 
MET CE   C N N 234 
MET OXT  O N N 235 
MET H    H N N 236 
MET H2   H N N 237 
MET HA   H N N 238 
MET HB2  H N N 239 
MET HB3  H N N 240 
MET HG2  H N N 241 
MET HG3  H N N 242 
MET HE1  H N N 243 
MET HE2  H N N 244 
MET HE3  H N N 245 
MET HXT  H N N 246 
PHE N    N N N 247 
PHE CA   C N S 248 
PHE C    C N N 249 
PHE O    O N N 250 
PHE CB   C N N 251 
PHE CG   C Y N 252 
PHE CD1  C Y N 253 
PHE CD2  C Y N 254 
PHE CE1  C Y N 255 
PHE CE2  C Y N 256 
PHE CZ   C Y N 257 
PHE OXT  O N N 258 
PHE H    H N N 259 
PHE H2   H N N 260 
PHE HA   H N N 261 
PHE HB2  H N N 262 
PHE HB3  H N N 263 
PHE HD1  H N N 264 
PHE HD2  H N N 265 
PHE HE1  H N N 266 
PHE HE2  H N N 267 
PHE HZ   H N N 268 
PHE HXT  H N N 269 
PRO N    N N N 270 
PRO CA   C N S 271 
PRO C    C N N 272 
PRO O    O N N 273 
PRO CB   C N N 274 
PRO CG   C N N 275 
PRO CD   C N N 276 
PRO OXT  O N N 277 
PRO H    H N N 278 
PRO HA   H N N 279 
PRO HB2  H N N 280 
PRO HB3  H N N 281 
PRO HG2  H N N 282 
PRO HG3  H N N 283 
PRO HD2  H N N 284 
PRO HD3  H N N 285 
PRO HXT  H N N 286 
SER N    N N N 287 
SER CA   C N S 288 
SER C    C N N 289 
SER O    O N N 290 
SER CB   C N N 291 
SER OG   O N N 292 
SER OXT  O N N 293 
SER H    H N N 294 
SER H2   H N N 295 
SER HA   H N N 296 
SER HB2  H N N 297 
SER HB3  H N N 298 
SER HG   H N N 299 
SER HXT  H N N 300 
THR N    N N N 301 
THR CA   C N S 302 
THR C    C N N 303 
THR O    O N N 304 
THR CB   C N R 305 
THR OG1  O N N 306 
THR CG2  C N N 307 
THR OXT  O N N 308 
THR H    H N N 309 
THR H2   H N N 310 
THR HA   H N N 311 
THR HB   H N N 312 
THR HG1  H N N 313 
THR HG21 H N N 314 
THR HG22 H N N 315 
THR HG23 H N N 316 
THR HXT  H N N 317 
TRP N    N N N 318 
TRP CA   C N S 319 
TRP C    C N N 320 
TRP O    O N N 321 
TRP CB   C N N 322 
TRP CG   C Y N 323 
TRP CD1  C Y N 324 
TRP CD2  C Y N 325 
TRP NE1  N Y N 326 
TRP CE2  C Y N 327 
TRP CE3  C Y N 328 
TRP CZ2  C Y N 329 
TRP CZ3  C Y N 330 
TRP CH2  C Y N 331 
TRP OXT  O N N 332 
TRP H    H N N 333 
TRP H2   H N N 334 
TRP HA   H N N 335 
TRP HB2  H N N 336 
TRP HB3  H N N 337 
TRP HD1  H N N 338 
TRP HE1  H N N 339 
TRP HE3  H N N 340 
TRP HZ2  H N N 341 
TRP HZ3  H N N 342 
TRP HH2  H N N 343 
TRP HXT  H N N 344 
TYR N    N N N 345 
TYR CA   C N S 346 
TYR C    C N N 347 
TYR O    O N N 348 
TYR CB   C N N 349 
TYR CG   C Y N 350 
TYR CD1  C Y N 351 
TYR CD2  C Y N 352 
TYR CE1  C Y N 353 
TYR CE2  C Y N 354 
TYR CZ   C Y N 355 
TYR OH   O N N 356 
TYR OXT  O N N 357 
TYR H    H N N 358 
TYR H2   H N N 359 
TYR HA   H N N 360 
TYR HB2  H N N 361 
TYR HB3  H N N 362 
TYR HD1  H N N 363 
TYR HD2  H N N 364 
TYR HE1  H N N 365 
TYR HE2  H N N 366 
TYR HH   H N N 367 
TYR HXT  H N N 368 
VAL N    N N N 369 
VAL CA   C N S 370 
VAL C    C N N 371 
VAL O    O N N 372 
VAL CB   C N N 373 
VAL CG1  C N N 374 
VAL CG2  C N N 375 
VAL OXT  O N N 376 
VAL H    H N N 377 
VAL H2   H N N 378 
VAL HA   H N N 379 
VAL HB   H N N 380 
VAL HG11 H N N 381 
VAL HG12 H N N 382 
VAL HG13 H N N 383 
VAL HG21 H N N 384 
VAL HG22 H N N 385 
VAL HG23 H N N 386 
VAL HXT  H N N 387 
# 
loop_
_chem_comp_bond.comp_id 
_chem_comp_bond.atom_id_1 
_chem_comp_bond.atom_id_2 
_chem_comp_bond.value_order 
_chem_comp_bond.pdbx_aromatic_flag 
_chem_comp_bond.pdbx_stereo_config 
_chem_comp_bond.pdbx_ordinal 
ALA N   CA   sing N N 1   
ALA N   H    sing N N 2   
ALA N   H2   sing N N 3   
ALA CA  C    sing N N 4   
ALA CA  CB   sing N N 5   
ALA CA  HA   sing N N 6   
ALA C   O    doub N N 7   
ALA C   OXT  sing N N 8   
ALA CB  HB1  sing N N 9   
ALA CB  HB2  sing N N 10  
ALA CB  HB3  sing N N 11  
ALA OXT HXT  sing N N 12  
ARG N   CA   sing N N 13  
ARG N   H    sing N N 14  
ARG N   H2   sing N N 15  
ARG CA  C    sing N N 16  
ARG CA  CB   sing N N 17  
ARG CA  HA   sing N N 18  
ARG C   O    doub N N 19  
ARG C   OXT  sing N N 20  
ARG CB  CG   sing N N 21  
ARG CB  HB2  sing N N 22  
ARG CB  HB3  sing N N 23  
ARG CG  CD   sing N N 24  
ARG CG  HG2  sing N N 25  
ARG CG  HG3  sing N N 26  
ARG CD  NE   sing N N 27  
ARG CD  HD2  sing N N 28  
ARG CD  HD3  sing N N 29  
ARG NE  CZ   sing N N 30  
ARG NE  HE   sing N N 31  
ARG CZ  NH1  sing N N 32  
ARG CZ  NH2  doub N N 33  
ARG NH1 HH11 sing N N 34  
ARG NH1 HH12 sing N N 35  
ARG NH2 HH21 sing N N 36  
ARG NH2 HH22 sing N N 37  
ARG OXT HXT  sing N N 38  
ASN N   CA   sing N N 39  
ASN N   H    sing N N 40  
ASN N   H2   sing N N 41  
ASN CA  C    sing N N 42  
ASN CA  CB   sing N N 43  
ASN CA  HA   sing N N 44  
ASN C   O    doub N N 45  
ASN C   OXT  sing N N 46  
ASN CB  CG   sing N N 47  
ASN CB  HB2  sing N N 48  
ASN CB  HB3  sing N N 49  
ASN CG  OD1  doub N N 50  
ASN CG  ND2  sing N N 51  
ASN ND2 HD21 sing N N 52  
ASN ND2 HD22 sing N N 53  
ASN OXT HXT  sing N N 54  
ASP N   CA   sing N N 55  
ASP N   H    sing N N 56  
ASP N   H2   sing N N 57  
ASP CA  C    sing N N 58  
ASP CA  CB   sing N N 59  
ASP CA  HA   sing N N 60  
ASP C   O    doub N N 61  
ASP C   OXT  sing N N 62  
ASP CB  CG   sing N N 63  
ASP CB  HB2  sing N N 64  
ASP CB  HB3  sing N N 65  
ASP CG  OD1  doub N N 66  
ASP CG  OD2  sing N N 67  
ASP OD2 HD2  sing N N 68  
ASP OXT HXT  sing N N 69  
CYS N   CA   sing N N 70  
CYS N   H    sing N N 71  
CYS N   H2   sing N N 72  
CYS CA  C    sing N N 73  
CYS CA  CB   sing N N 74  
CYS CA  HA   sing N N 75  
CYS C   O    doub N N 76  
CYS C   OXT  sing N N 77  
CYS CB  SG   sing N N 78  
CYS CB  HB2  sing N N 79  
CYS CB  HB3  sing N N 80  
CYS SG  HG   sing N N 81  
CYS OXT HXT  sing N N 82  
GLN N   CA   sing N N 83  
GLN N   H    sing N N 84  
GLN N   H2   sing N N 85  
GLN CA  C    sing N N 86  
GLN CA  CB   sing N N 87  
GLN CA  HA   sing N N 88  
GLN C   O    doub N N 89  
GLN C   OXT  sing N N 90  
GLN CB  CG   sing N N 91  
GLN CB  HB2  sing N N 92  
GLN CB  HB3  sing N N 93  
GLN CG  CD   sing N N 94  
GLN CG  HG2  sing N N 95  
GLN CG  HG3  sing N N 96  
GLN CD  OE1  doub N N 97  
GLN CD  NE2  sing N N 98  
GLN NE2 HE21 sing N N 99  
GLN NE2 HE22 sing N N 100 
GLN OXT HXT  sing N N 101 
GLU N   CA   sing N N 102 
GLU N   H    sing N N 103 
GLU N   H2   sing N N 104 
GLU CA  C    sing N N 105 
GLU CA  CB   sing N N 106 
GLU CA  HA   sing N N 107 
GLU C   O    doub N N 108 
GLU C   OXT  sing N N 109 
GLU CB  CG   sing N N 110 
GLU CB  HB2  sing N N 111 
GLU CB  HB3  sing N N 112 
GLU CG  CD   sing N N 113 
GLU CG  HG2  sing N N 114 
GLU CG  HG3  sing N N 115 
GLU CD  OE1  doub N N 116 
GLU CD  OE2  sing N N 117 
GLU OE2 HE2  sing N N 118 
GLU OXT HXT  sing N N 119 
GLY N   CA   sing N N 120 
GLY N   H    sing N N 121 
GLY N   H2   sing N N 122 
GLY CA  C    sing N N 123 
GLY CA  HA2  sing N N 124 
GLY CA  HA3  sing N N 125 
GLY C   O    doub N N 126 
GLY C   OXT  sing N N 127 
GLY OXT HXT  sing N N 128 
HIS N   CA   sing N N 129 
HIS N   H    sing N N 130 
HIS N   H2   sing N N 131 
HIS CA  C    sing N N 132 
HIS CA  CB   sing N N 133 
HIS CA  HA   sing N N 134 
HIS C   O    doub N N 135 
HIS C   OXT  sing N N 136 
HIS CB  CG   sing N N 137 
HIS CB  HB2  sing N N 138 
HIS CB  HB3  sing N N 139 
HIS CG  ND1  sing Y N 140 
HIS CG  CD2  doub Y N 141 
HIS ND1 CE1  doub Y N 142 
HIS ND1 HD1  sing N N 143 
HIS CD2 NE2  sing Y N 144 
HIS CD2 HD2  sing N N 145 
HIS CE1 NE2  sing Y N 146 
HIS CE1 HE1  sing N N 147 
HIS NE2 HE2  sing N N 148 
HIS OXT HXT  sing N N 149 
ILE N   CA   sing N N 150 
ILE N   H    sing N N 151 
ILE N   H2   sing N N 152 
ILE CA  C    sing N N 153 
ILE CA  CB   sing N N 154 
ILE CA  HA   sing N N 155 
ILE C   O    doub N N 156 
ILE C   OXT  sing N N 157 
ILE CB  CG1  sing N N 158 
ILE CB  CG2  sing N N 159 
ILE CB  HB   sing N N 160 
ILE CG1 CD1  sing N N 161 
ILE CG1 HG12 sing N N 162 
ILE CG1 HG13 sing N N 163 
ILE CG2 HG21 sing N N 164 
ILE CG2 HG22 sing N N 165 
ILE CG2 HG23 sing N N 166 
ILE CD1 HD11 sing N N 167 
ILE CD1 HD12 sing N N 168 
ILE CD1 HD13 sing N N 169 
ILE OXT HXT  sing N N 170 
LEU N   CA   sing N N 171 
LEU N   H    sing N N 172 
LEU N   H2   sing N N 173 
LEU CA  C    sing N N 174 
LEU CA  CB   sing N N 175 
LEU CA  HA   sing N N 176 
LEU C   O    doub N N 177 
LEU C   OXT  sing N N 178 
LEU CB  CG   sing N N 179 
LEU CB  HB2  sing N N 180 
LEU CB  HB3  sing N N 181 
LEU CG  CD1  sing N N 182 
LEU CG  CD2  sing N N 183 
LEU CG  HG   sing N N 184 
LEU CD1 HD11 sing N N 185 
LEU CD1 HD12 sing N N 186 
LEU CD1 HD13 sing N N 187 
LEU CD2 HD21 sing N N 188 
LEU CD2 HD22 sing N N 189 
LEU CD2 HD23 sing N N 190 
LEU OXT HXT  sing N N 191 
LYS N   CA   sing N N 192 
LYS N   H    sing N N 193 
LYS N   H2   sing N N 194 
LYS CA  C    sing N N 195 
LYS CA  CB   sing N N 196 
LYS CA  HA   sing N N 197 
LYS C   O    doub N N 198 
LYS C   OXT  sing N N 199 
LYS CB  CG   sing N N 200 
LYS CB  HB2  sing N N 201 
LYS CB  HB3  sing N N 202 
LYS CG  CD   sing N N 203 
LYS CG  HG2  sing N N 204 
LYS CG  HG3  sing N N 205 
LYS CD  CE   sing N N 206 
LYS CD  HD2  sing N N 207 
LYS CD  HD3  sing N N 208 
LYS CE  NZ   sing N N 209 
LYS CE  HE2  sing N N 210 
LYS CE  HE3  sing N N 211 
LYS NZ  HZ1  sing N N 212 
LYS NZ  HZ2  sing N N 213 
LYS NZ  HZ3  sing N N 214 
LYS OXT HXT  sing N N 215 
MET N   CA   sing N N 216 
MET N   H    sing N N 217 
MET N   H2   sing N N 218 
MET CA  C    sing N N 219 
MET CA  CB   sing N N 220 
MET CA  HA   sing N N 221 
MET C   O    doub N N 222 
MET C   OXT  sing N N 223 
MET CB  CG   sing N N 224 
MET CB  HB2  sing N N 225 
MET CB  HB3  sing N N 226 
MET CG  SD   sing N N 227 
MET CG  HG2  sing N N 228 
MET CG  HG3  sing N N 229 
MET SD  CE   sing N N 230 
MET CE  HE1  sing N N 231 
MET CE  HE2  sing N N 232 
MET CE  HE3  sing N N 233 
MET OXT HXT  sing N N 234 
PHE N   CA   sing N N 235 
PHE N   H    sing N N 236 
PHE N   H2   sing N N 237 
PHE CA  C    sing N N 238 
PHE CA  CB   sing N N 239 
PHE CA  HA   sing N N 240 
PHE C   O    doub N N 241 
PHE C   OXT  sing N N 242 
PHE CB  CG   sing N N 243 
PHE CB  HB2  sing N N 244 
PHE CB  HB3  sing N N 245 
PHE CG  CD1  doub Y N 246 
PHE CG  CD2  sing Y N 247 
PHE CD1 CE1  sing Y N 248 
PHE CD1 HD1  sing N N 249 
PHE CD2 CE2  doub Y N 250 
PHE CD2 HD2  sing N N 251 
PHE CE1 CZ   doub Y N 252 
PHE CE1 HE1  sing N N 253 
PHE CE2 CZ   sing Y N 254 
PHE CE2 HE2  sing N N 255 
PHE CZ  HZ   sing N N 256 
PHE OXT HXT  sing N N 257 
PRO N   CA   sing N N 258 
PRO N   CD   sing N N 259 
PRO N   H    sing N N 260 
PRO CA  C    sing N N 261 
PRO CA  CB   sing N N 262 
PRO CA  HA   sing N N 263 
PRO C   O    doub N N 264 
PRO C   OXT  sing N N 265 
PRO CB  CG   sing N N 266 
PRO CB  HB2  sing N N 267 
PRO CB  HB3  sing N N 268 
PRO CG  CD   sing N N 269 
PRO CG  HG2  sing N N 270 
PRO CG  HG3  sing N N 271 
PRO CD  HD2  sing N N 272 
PRO CD  HD3  sing N N 273 
PRO OXT HXT  sing N N 274 
SER N   CA   sing N N 275 
SER N   H    sing N N 276 
SER N   H2   sing N N 277 
SER CA  C    sing N N 278 
SER CA  CB   sing N N 279 
SER CA  HA   sing N N 280 
SER C   O    doub N N 281 
SER C   OXT  sing N N 282 
SER CB  OG   sing N N 283 
SER CB  HB2  sing N N 284 
SER CB  HB3  sing N N 285 
SER OG  HG   sing N N 286 
SER OXT HXT  sing N N 287 
THR N   CA   sing N N 288 
THR N   H    sing N N 289 
THR N   H2   sing N N 290 
THR CA  C    sing N N 291 
THR CA  CB   sing N N 292 
THR CA  HA   sing N N 293 
THR C   O    doub N N 294 
THR C   OXT  sing N N 295 
THR CB  OG1  sing N N 296 
THR CB  CG2  sing N N 297 
THR CB  HB   sing N N 298 
THR OG1 HG1  sing N N 299 
THR CG2 HG21 sing N N 300 
THR CG2 HG22 sing N N 301 
THR CG2 HG23 sing N N 302 
THR OXT HXT  sing N N 303 
TRP N   CA   sing N N 304 
TRP N   H    sing N N 305 
TRP N   H2   sing N N 306 
TRP CA  C    sing N N 307 
TRP CA  CB   sing N N 308 
TRP CA  HA   sing N N 309 
TRP C   O    doub N N 310 
TRP C   OXT  sing N N 311 
TRP CB  CG   sing N N 312 
TRP CB  HB2  sing N N 313 
TRP CB  HB3  sing N N 314 
TRP CG  CD1  doub Y N 315 
TRP CG  CD2  sing Y N 316 
TRP CD1 NE1  sing Y N 317 
TRP CD1 HD1  sing N N 318 
TRP CD2 CE2  doub Y N 319 
TRP CD2 CE3  sing Y N 320 
TRP NE1 CE2  sing Y N 321 
TRP NE1 HE1  sing N N 322 
TRP CE2 CZ2  sing Y N 323 
TRP CE3 CZ3  doub Y N 324 
TRP CE3 HE3  sing N N 325 
TRP CZ2 CH2  doub Y N 326 
TRP CZ2 HZ2  sing N N 327 
TRP CZ3 CH2  sing Y N 328 
TRP CZ3 HZ3  sing N N 329 
TRP CH2 HH2  sing N N 330 
TRP OXT HXT  sing N N 331 
TYR N   CA   sing N N 332 
TYR N   H    sing N N 333 
TYR N   H2   sing N N 334 
TYR CA  C    sing N N 335 
TYR CA  CB   sing N N 336 
TYR CA  HA   sing N N 337 
TYR C   O    doub N N 338 
TYR C   OXT  sing N N 339 
TYR CB  CG   sing N N 340 
TYR CB  HB2  sing N N 341 
TYR CB  HB3  sing N N 342 
TYR CG  CD1  doub Y N 343 
TYR CG  CD2  sing Y N 344 
TYR CD1 CE1  sing Y N 345 
TYR CD1 HD1  sing N N 346 
TYR CD2 CE2  doub Y N 347 
TYR CD2 HD2  sing N N 348 
TYR CE1 CZ   doub Y N 349 
TYR CE1 HE1  sing N N 350 
TYR CE2 CZ   sing Y N 351 
TYR CE2 HE2  sing N N 352 
TYR CZ  OH   sing N N 353 
TYR OH  HH   sing N N 354 
TYR OXT HXT  sing N N 355 
VAL N   CA   sing N N 356 
VAL N   H    sing N N 357 
VAL N   H2   sing N N 358 
VAL CA  C    sing N N 359 
VAL CA  CB   sing N N 360 
VAL CA  HA   sing N N 361 
VAL C   O    doub N N 362 
VAL C   OXT  sing N N 363 
VAL CB  CG1  sing N N 364 
VAL CB  CG2  sing N N 365 
VAL CB  HB   sing N N 366 
VAL CG1 HG11 sing N N 367 
VAL CG1 HG12 sing N N 368 
VAL CG1 HG13 sing N N 369 
VAL CG2 HG21 sing N N 370 
VAL CG2 HG22 sing N N 371 
VAL CG2 HG23 sing N N 372 
VAL OXT HXT  sing N N 373 
# 
_atom_sites.entry_id                    1KRS 
_atom_sites.fract_transf_matrix[1][1]   1.000000 
_atom_sites.fract_transf_matrix[1][2]   0.000000 
_atom_sites.fract_transf_matrix[1][3]   0.000000 
_atom_sites.fract_transf_matrix[2][1]   0.000000 
_atom_sites.fract_transf_matrix[2][2]   1.000000 
_atom_sites.fract_transf_matrix[2][3]   0.000000 
_atom_sites.fract_transf_matrix[3][1]   0.000000 
_atom_sites.fract_transf_matrix[3][2]   0.000000 
_atom_sites.fract_transf_matrix[3][3]   1.000000 
_atom_sites.fract_transf_vector[1]      0.00000 
_atom_sites.fract_transf_vector[2]      0.00000 
_atom_sites.fract_transf_vector[3]      0.00000 
# 
loop_
_atom_type.symbol 
C 
H 
N 
O 
S 
# 
loop_
_atom_site.group_PDB 
_atom_site.id 
_atom_site.type_symbol 
_atom_site.label_atom_id 
_atom_site.label_alt_id 
_atom_site.label_comp_id 
_atom_site.label_asym_id 
_atom_site.label_entity_id 
_atom_site.label_seq_id 
_atom_site.pdbx_PDB_ins_code 
_atom_site.Cartn_x 
_atom_site.Cartn_y 
_atom_site.Cartn_z 
_atom_site.occupancy 
_atom_site.B_iso_or_equiv 
_atom_site.pdbx_formal_charge 
_atom_site.auth_seq_id 
_atom_site.auth_comp_id 
_atom_site.auth_asym_id 
_atom_site.auth_atom_id 
_atom_site.pdbx_PDB_model_num 
ATOM 1    N N    . PHE A 1 11  ? 6.970   1.898   -10.068 1.00 0.00 ? 40  PHE A N    1 
ATOM 2    C CA   . PHE A 1 11  ? 6.734   1.430   -8.696  1.00 0.00 ? 40  PHE A CA   1 
ATOM 3    C C    . PHE A 1 11  ? 6.785   2.522   -7.593  1.00 0.00 ? 40  PHE A C    1 
ATOM 4    O O    . PHE A 1 11  ? 7.569   2.507   -6.665  1.00 0.00 ? 40  PHE A O    1 
ATOM 5    C CB   . PHE A 1 11  ? 7.724   0.368   -8.492  1.00 0.00 ? 40  PHE A CB   1 
ATOM 6    C CG   . PHE A 1 11  ? 7.119   -0.717  -7.643  1.00 0.00 ? 40  PHE A CG   1 
ATOM 7    C CD1  . PHE A 1 11  ? 6.449   -1.733  -8.307  1.00 0.00 ? 40  PHE A CD1  1 
ATOM 8    C CD2  . PHE A 1 11  ? 7.225   -0.693  -6.278  1.00 0.00 ? 40  PHE A CD2  1 
ATOM 9    C CE1  . PHE A 1 11  ? 5.851   -2.785  -7.595  1.00 0.00 ? 40  PHE A CE1  1 
ATOM 10   C CE2  . PHE A 1 11  ? 6.663   -1.696  -5.550  1.00 0.00 ? 40  PHE A CE2  1 
ATOM 11   C CZ   . PHE A 1 11  ? 5.978   -2.743  -6.200  1.00 0.00 ? 40  PHE A CZ   1 
ATOM 12   H HA   . PHE A 1 11  ? 5.846   0.881   -8.630  1.00 0.00 ? 40  PHE A HA   1 
ATOM 13   H HB2  . PHE A 1 11  ? 8.073   -0.095  -9.396  1.00 0.00 ? 40  PHE A HB2  1 
ATOM 14   H HB3  . PHE A 1 11  ? 8.507   0.854   -7.996  1.00 0.00 ? 40  PHE A HB3  1 
ATOM 15   H HD1  . PHE A 1 11  ? 6.426   -1.640  -9.389  1.00 0.00 ? 40  PHE A HD1  1 
ATOM 16   H HD2  . PHE A 1 11  ? 7.738   0.113   -5.765  1.00 0.00 ? 40  PHE A HD2  1 
ATOM 17   H HE1  . PHE A 1 11  ? 5.258   -3.595  -8.086  1.00 0.00 ? 40  PHE A HE1  1 
ATOM 18   H HE2  . PHE A 1 11  ? 6.764   -1.608  -4.471  1.00 0.00 ? 40  PHE A HE2  1 
ATOM 19   H HZ   . PHE A 1 11  ? 5.541   -3.536  -5.620  1.00 0.00 ? 40  PHE A HZ   1 
ATOM 20   N N    . ARG A 1 12  ? 5.883   3.448   -7.791  1.00 0.00 ? 41  ARG A N    1 
ATOM 21   C CA   . ARG A 1 12  ? 5.644   4.642   -6.921  1.00 0.00 ? 41  ARG A CA   1 
ATOM 22   C C    . ARG A 1 12  ? 4.359   4.527   -6.128  1.00 0.00 ? 41  ARG A C    1 
ATOM 23   O O    . ARG A 1 12  ? 3.846   3.461   -5.933  1.00 0.00 ? 41  ARG A O    1 
ATOM 24   C CB   . ARG A 1 12  ? 5.651   5.853   -7.862  1.00 0.00 ? 41  ARG A CB   1 
ATOM 25   C CG   . ARG A 1 12  ? 7.113   6.115   -8.236  1.00 0.00 ? 41  ARG A CG   1 
ATOM 26   C CD   . ARG A 1 12  ? 7.218   7.013   -9.470  1.00 0.00 ? 41  ARG A CD   1 
ATOM 27   N NE   . ARG A 1 12  ? 8.649   7.434   -9.561  1.00 0.00 ? 41  ARG A NE   1 
ATOM 28   C CZ   . ARG A 1 12  ? 9.500   6.817   -10.340 1.00 0.00 ? 41  ARG A CZ   1 
ATOM 29   N NH1  . ARG A 1 12  ? 9.154   5.728   -10.970 1.00 0.00 ? 41  ARG A NH1  1 
ATOM 30   N NH2  . ARG A 1 12  ? 10.698  7.321   -10.459 1.00 0.00 ? 41  ARG A NH2  1 
ATOM 31   H H    . ARG A 1 12  ? 5.323   3.354   -8.587  1.00 0.00 ? 41  ARG A H    1 
ATOM 32   H HA   . ARG A 1 12  ? 6.360   4.698   -6.140  1.00 0.00 ? 41  ARG A HA   1 
ATOM 33   H HB2  . ARG A 1 12  ? 5.083   5.606   -8.748  1.00 0.00 ? 41  ARG A HB2  1 
ATOM 34   H HB3  . ARG A 1 12  ? 5.227   6.730   -7.395  1.00 0.00 ? 41  ARG A HB3  1 
ATOM 35   H HG2  . ARG A 1 12  ? 7.615   6.595   -7.409  1.00 0.00 ? 41  ARG A HG2  1 
ATOM 36   H HG3  . ARG A 1 12  ? 7.611   5.179   -8.442  1.00 0.00 ? 41  ARG A HG3  1 
ATOM 37   H HD2  . ARG A 1 12  ? 6.923   6.490   -10.367 1.00 0.00 ? 41  ARG A HD2  1 
ATOM 38   H HD3  . ARG A 1 12  ? 6.603   7.893   -9.354  1.00 0.00 ? 41  ARG A HD3  1 
ATOM 39   H HE   . ARG A 1 12  ? 8.957   8.194   -9.026  1.00 0.00 ? 41  ARG A HE   1 
ATOM 40   H HH11 . ARG A 1 12  ? 8.234   5.349   -10.872 1.00 0.00 ? 41  ARG A HH11 1 
ATOM 41   H HH12 . ARG A 1 12  ? 9.820   5.266   -11.557 1.00 0.00 ? 41  ARG A HH12 1 
ATOM 42   H HH21 . ARG A 1 12  ? 10.939  8.156   -9.967  1.00 0.00 ? 41  ARG A HH21 1 
ATOM 43   H HH22 . ARG A 1 12  ? 11.375  6.871   -11.042 1.00 0.00 ? 41  ARG A HH22 1 
ATOM 44   N N    . ARG A 1 13  ? 3.826   5.608   -5.681  1.00 0.00 ? 42  ARG A N    1 
ATOM 45   C CA   . ARG A 1 13  ? 2.555   5.488   -4.877  1.00 0.00 ? 42  ARG A CA   1 
ATOM 46   C C    . ARG A 1 13  ? 1.281   5.307   -5.692  1.00 0.00 ? 42  ARG A C    1 
ATOM 47   O O    . ARG A 1 13  ? 0.850   6.136   -6.471  1.00 0.00 ? 42  ARG A O    1 
ATOM 48   C CB   . ARG A 1 13  ? 2.407   6.713   -4.056  1.00 0.00 ? 42  ARG A CB   1 
ATOM 49   C CG   . ARG A 1 13  ? 2.421   7.909   -4.993  1.00 0.00 ? 42  ARG A CG   1 
ATOM 50   C CD   . ARG A 1 13  ? 3.497   8.946   -4.583  1.00 0.00 ? 42  ARG A CD   1 
ATOM 51   N NE   . ARG A 1 13  ? 3.461   10.091  -5.541  1.00 0.00 ? 42  ARG A NE   1 
ATOM 52   C CZ   . ARG A 1 13  ? 4.544   10.397  -6.205  1.00 0.00 ? 42  ARG A CZ   1 
ATOM 53   N NH1  . ARG A 1 13  ? 4.844   9.720   -7.279  1.00 0.00 ? 42  ARG A NH1  1 
ATOM 54   N NH2  . ARG A 1 13  ? 5.296   11.374  -5.775  1.00 0.00 ? 42  ARG A NH2  1 
ATOM 55   H H    . ARG A 1 13  ? 4.303   6.435   -5.882  1.00 0.00 ? 42  ARG A H    1 
ATOM 56   H HA   . ARG A 1 13  ? 2.655   4.647   -4.210  1.00 0.00 ? 42  ARG A HA   1 
ATOM 57   H HB2  . ARG A 1 13  ? 1.484   6.653   -3.501  1.00 0.00 ? 42  ARG A HB2  1 
ATOM 58   H HB3  . ARG A 1 13  ? 3.231   6.731   -3.392  1.00 0.00 ? 42  ARG A HB3  1 
ATOM 59   H HG2  . ARG A 1 13  ? 2.610   7.541   -5.988  1.00 0.00 ? 42  ARG A HG2  1 
ATOM 60   H HG3  . ARG A 1 13  ? 1.433   8.336   -4.955  1.00 0.00 ? 42  ARG A HG3  1 
ATOM 61   H HD2  . ARG A 1 13  ? 3.327   9.318   -3.584  1.00 0.00 ? 42  ARG A HD2  1 
ATOM 62   H HD3  . ARG A 1 13  ? 4.484   8.516   -4.638  1.00 0.00 ? 42  ARG A HD3  1 
ATOM 63   H HE   . ARG A 1 13  ? 2.638   10.605  -5.673  1.00 0.00 ? 42  ARG A HE   1 
ATOM 64   H HH11 . ARG A 1 13  ? 4.250   8.975   -7.585  1.00 0.00 ? 42  ARG A HH11 1 
ATOM 65   H HH12 . ARG A 1 13  ? 5.669   9.946   -7.796  1.00 0.00 ? 42  ARG A HH12 1 
ATOM 66   H HH21 . ARG A 1 13  ? 5.043   11.875  -4.948  1.00 0.00 ? 42  ARG A HH21 1 
ATOM 67   H HH22 . ARG A 1 13  ? 6.126   11.622  -6.275  1.00 0.00 ? 42  ARG A HH22 1 
ATOM 68   N N    . ASP A 1 14  ? 0.757   4.137   -5.410  1.00 0.00 ? 43  ASP A N    1 
ATOM 69   C CA   . ASP A 1 14  ? -0.489  3.609   -6.037  1.00 0.00 ? 43  ASP A CA   1 
ATOM 70   C C    . ASP A 1 14  ? 0.204   3.675   -7.366  1.00 0.00 ? 43  ASP A C    1 
ATOM 71   O O    . ASP A 1 14  ? -0.332  4.117   -8.362  1.00 0.00 ? 43  ASP A O    1 
ATOM 72   C CB   . ASP A 1 14  ? -1.627  4.632   -5.900  1.00 0.00 ? 43  ASP A CB   1 
ATOM 73   C CG   . ASP A 1 14  ? -2.934  3.976   -6.339  1.00 0.00 ? 43  ASP A CG   1 
ATOM 74   O OD1  . ASP A 1 14  ? -2.981  3.572   -7.488  1.00 0.00 ? 43  ASP A OD1  1 
ATOM 75   O OD2  . ASP A 1 14  ? -3.810  3.921   -5.491  1.00 0.00 ? 43  ASP A OD2  1 
ATOM 76   H H    . ASP A 1 14  ? 1.228   3.592   -4.752  1.00 0.00 ? 43  ASP A H    1 
ATOM 77   H HA   . ASP A 1 14  ? -0.691  2.598   -5.730  1.00 0.00 ? 43  ASP A HA   1 
ATOM 78   H HB2  . ASP A 1 14  ? -1.719  4.949   -4.872  1.00 0.00 ? 43  ASP A HB2  1 
ATOM 79   H HB3  . ASP A 1 14  ? -1.460  5.498   -6.523  1.00 0.00 ? 43  ASP A HB3  1 
ATOM 80   N N    . HIS A 1 15  ? 1.423   3.197   -7.255  1.00 0.00 ? 44  HIS A N    1 
ATOM 81   C CA   . HIS A 1 15  ? 2.339   3.180   -8.396  1.00 0.00 ? 44  HIS A CA   1 
ATOM 82   C C    . HIS A 1 15  ? 1.823   3.414   -9.793  1.00 0.00 ? 44  HIS A C    1 
ATOM 83   O O    . HIS A 1 15  ? 1.585   4.517   -10.243 1.00 0.00 ? 44  HIS A O    1 
ATOM 84   C CB   . HIS A 1 15  ? 3.251   1.877   -8.518  1.00 0.00 ? 44  HIS A CB   1 
ATOM 85   C CG   . HIS A 1 15  ? 3.576   0.801   -7.626  1.00 0.00 ? 44  HIS A CG   1 
ATOM 86   N ND1  . HIS A 1 15  ? 3.271   -0.366  -8.036  1.00 0.00 ? 44  HIS A ND1  1 
ATOM 87   C CD2  . HIS A 1 15  ? 4.210   0.681   -6.416  1.00 0.00 ? 44  HIS A CD2  1 
ATOM 88   C CE1  . HIS A 1 15  ? 3.672   -1.197  -7.174  1.00 0.00 ? 44  HIS A CE1  1 
ATOM 89   N NE2  . HIS A 1 15  ? 4.257   -0.609  -6.148  1.00 0.00 ? 44  HIS A NE2  1 
ATOM 90   H H    . HIS A 1 15  ? 1.751   2.869   -6.389  1.00 0.00 ? 44  HIS A H    1 
ATOM 91   H HA   . HIS A 1 15  ? 3.111   3.713   -8.182  1.00 0.00 ? 44  HIS A HA   1 
ATOM 92   H HB2  . HIS A 1 15  ? 3.672   1.619   -9.446  1.00 0.00 ? 44  HIS A HB2  1 
ATOM 93   H HB3  . HIS A 1 15  ? 4.098   2.388   -8.136  1.00 0.00 ? 44  HIS A HB3  1 
ATOM 94   H HD1  . HIS A 1 15  ? 2.808   -0.580  -8.874  1.00 0.00 ? 44  HIS A HD1  1 
ATOM 95   H HD2  . HIS A 1 15  ? 4.605   1.500   -5.766  1.00 0.00 ? 44  HIS A HD2  1 
ATOM 96   H HE1  . HIS A 1 15  ? 3.523   -2.253  -7.318  1.00 0.00 ? 44  HIS A HE1  1 
ATOM 97   N N    . THR A 1 16  ? 1.684   2.319   -10.409 1.00 0.00 ? 45  THR A N    1 
ATOM 98   C CA   . THR A 1 16  ? 1.197   2.205   -11.799 1.00 0.00 ? 45  THR A CA   1 
ATOM 99   C C    . THR A 1 16  ? 0.036   1.285   -11.850 1.00 0.00 ? 45  THR A C    1 
ATOM 100  O O    . THR A 1 16  ? -0.413  0.815   -10.823 1.00 0.00 ? 45  THR A O    1 
ATOM 101  C CB   . THR A 1 16  ? 2.271   1.654   -12.666 1.00 0.00 ? 45  THR A CB   1 
ATOM 102  O OG1  . THR A 1 16  ? 2.901   0.642   -11.896 1.00 0.00 ? 45  THR A OG1  1 
ATOM 103  C CG2  . THR A 1 16  ? 3.248   2.726   -12.909 1.00 0.00 ? 45  THR A CG2  1 
ATOM 104  H H    . THR A 1 16  ? 1.943   1.582   -9.848  1.00 0.00 ? 45  THR A H    1 
ATOM 105  H HA   . THR A 1 16  ? 0.908   3.165   -12.188 1.00 0.00 ? 45  THR A HA   1 
ATOM 106  H HB   . THR A 1 16  ? 1.892   1.258   -13.590 1.00 0.00 ? 45  THR A HB   1 
ATOM 107  H HG1  . THR A 1 16  ? 2.809   -0.190  -12.366 1.00 0.00 ? 45  THR A HG1  1 
ATOM 108  H HG21 . THR A 1 16  ? 3.618   3.083   -11.960 1.00 0.00 ? 45  THR A HG21 1 
ATOM 109  H HG22 . THR A 1 16  ? 4.051   2.367   -13.531 1.00 0.00 ? 45  THR A HG22 1 
ATOM 110  H HG23 . THR A 1 16  ? 2.685   3.492   -13.422 1.00 0.00 ? 45  THR A HG23 1 
ATOM 111  N N    . SER A 1 17  ? -0.369  1.113   -13.079 1.00 0.00 ? 46  SER A N    1 
ATOM 112  C CA   . SER A 1 17  ? -1.505  0.230   -13.447 1.00 0.00 ? 46  SER A CA   1 
ATOM 113  C C    . SER A 1 17  ? -2.834  0.927   -13.659 1.00 0.00 ? 46  SER A C    1 
ATOM 114  O O    . SER A 1 17  ? -3.606  1.093   -12.739 1.00 0.00 ? 46  SER A O    1 
ATOM 115  C CB   . SER A 1 17  ? -1.709  -0.853  -12.387 1.00 0.00 ? 46  SER A CB   1 
ATOM 116  O OG   . SER A 1 17  ? -0.432  -1.450  -12.220 1.00 0.00 ? 46  SER A OG   1 
ATOM 117  H H    . SER A 1 17  ? 0.114   1.604   -13.784 1.00 0.00 ? 46  SER A H    1 
ATOM 118  H HA   . SER A 1 17  ? -1.248  -0.261  -14.373 1.00 0.00 ? 46  SER A HA   1 
ATOM 119  H HB2  . SER A 1 17  ? -2.132  -0.507  -11.456 1.00 0.00 ? 46  SER A HB2  1 
ATOM 120  H HB3  . SER A 1 17  ? -2.347  -1.597  -12.796 1.00 0.00 ? 46  SER A HB3  1 
ATOM 121  H HG   . SER A 1 17  ? 0.182   -1.015  -12.817 1.00 0.00 ? 46  SER A HG   1 
ATOM 122  N N    . ASP A 1 18  ? -3.050  1.326   -14.876 1.00 0.00 ? 47  ASP A N    1 
ATOM 123  C CA   . ASP A 1 18  ? -4.326  2.016   -15.230 1.00 0.00 ? 47  ASP A CA   1 
ATOM 124  C C    . ASP A 1 18  ? -5.149  0.935   -15.925 1.00 0.00 ? 47  ASP A C    1 
ATOM 125  O O    . ASP A 1 18  ? -6.301  0.713   -15.610 1.00 0.00 ? 47  ASP A O    1 
ATOM 126  C CB   . ASP A 1 18  ? -4.023  3.179   -16.177 1.00 0.00 ? 47  ASP A CB   1 
ATOM 127  C CG   . ASP A 1 18  ? -5.323  3.870   -16.598 1.00 0.00 ? 47  ASP A CG   1 
ATOM 128  O OD1  . ASP A 1 18  ? -6.082  3.245   -17.321 1.00 0.00 ? 47  ASP A OD1  1 
ATOM 129  O OD2  . ASP A 1 18  ? -5.481  4.999   -16.164 1.00 0.00 ? 47  ASP A OD2  1 
ATOM 130  H H    . ASP A 1 18  ? -2.353  1.168   -15.548 1.00 0.00 ? 47  ASP A H    1 
ATOM 131  H HA   . ASP A 1 18  ? -4.841  2.316   -14.326 1.00 0.00 ? 47  ASP A HA   1 
ATOM 132  H HB2  . ASP A 1 18  ? -3.396  3.902   -15.679 1.00 0.00 ? 47  ASP A HB2  1 
ATOM 133  H HB3  . ASP A 1 18  ? -3.516  2.821   -17.062 1.00 0.00 ? 47  ASP A HB3  1 
ATOM 134  N N    . GLN A 1 19  ? -4.495  0.308   -16.865 1.00 0.00 ? 48  GLN A N    1 
ATOM 135  C CA   . GLN A 1 19  ? -5.010  -0.773  -17.688 1.00 0.00 ? 48  GLN A CA   1 
ATOM 136  C C    . GLN A 1 19  ? -5.696  -1.731  -16.746 1.00 0.00 ? 48  GLN A C    1 
ATOM 137  O O    . GLN A 1 19  ? -6.710  -2.349  -16.992 1.00 0.00 ? 48  GLN A O    1 
ATOM 138  C CB   . GLN A 1 19  ? -3.762  -1.289  -18.369 1.00 0.00 ? 48  GLN A CB   1 
ATOM 139  C CG   . GLN A 1 19  ? -3.626  -2.766  -18.157 1.00 0.00 ? 48  GLN A CG   1 
ATOM 140  C CD   . GLN A 1 19  ? -2.351  -3.279  -18.829 1.00 0.00 ? 48  GLN A CD   1 
ATOM 141  O OE1  . GLN A 1 19  ? -1.261  -2.818  -18.551 1.00 0.00 ? 48  GLN A OE1  1 
ATOM 142  N NE2  . GLN A 1 19  ? -2.440  -4.234  -19.714 1.00 0.00 ? 48  GLN A NE2  1 
ATOM 143  H H    . GLN A 1 19  ? -3.583  0.497   -17.116 1.00 0.00 ? 48  GLN A H    1 
ATOM 144  H HA   . GLN A 1 19  ? -5.726  -0.333  -18.350 1.00 0.00 ? 48  GLN A HA   1 
ATOM 145  H HB2  . GLN A 1 19  ? -3.750  -0.925  -19.371 1.00 0.00 ? 48  GLN A HB2  1 
ATOM 146  H HB3  . GLN A 1 19  ? -2.876  -0.892  -17.897 1.00 0.00 ? 48  GLN A HB3  1 
ATOM 147  H HG2  . GLN A 1 19  ? -3.506  -2.874  -17.092 1.00 0.00 ? 48  GLN A HG2  1 
ATOM 148  H HG3  . GLN A 1 19  ? -4.486  -3.311  -18.510 1.00 0.00 ? 48  GLN A HG3  1 
ATOM 149  H HE21 . GLN A 1 19  ? -3.315  -4.610  -19.942 1.00 0.00 ? 48  GLN A HE21 1 
ATOM 150  H HE22 . GLN A 1 19  ? -1.630  -4.575  -20.148 1.00 0.00 ? 48  GLN A HE22 1 
ATOM 151  N N    . LEU A 1 20  ? -5.026  -1.798  -15.646 1.00 0.00 ? 49  LEU A N    1 
ATOM 152  C CA   . LEU A 1 20  ? -5.377  -2.599  -14.534 1.00 0.00 ? 49  LEU A CA   1 
ATOM 153  C C    . LEU A 1 20  ? -6.797  -2.478  -14.170 1.00 0.00 ? 49  LEU A C    1 
ATOM 154  O O    . LEU A 1 20  ? -7.606  -3.353  -14.279 1.00 0.00 ? 49  LEU A O    1 
ATOM 155  C CB   . LEU A 1 20  ? -4.449  -2.082  -13.533 1.00 0.00 ? 49  LEU A CB   1 
ATOM 156  C CG   . LEU A 1 20  ? -4.550  -2.626  -12.116 1.00 0.00 ? 49  LEU A CG   1 
ATOM 157  C CD1  . LEU A 1 20  ? -5.944  -2.783  -11.555 1.00 0.00 ? 49  LEU A CD1  1 
ATOM 158  C CD2  . LEU A 1 20  ? -4.135  -3.931  -12.378 1.00 0.00 ? 49  LEU A CD2  1 
ATOM 159  H H    . LEU A 1 20  ? -4.210  -1.308  -15.428 1.00 0.00 ? 49  LEU A H    1 
ATOM 160  H HA   . LEU A 1 20  ? -5.173  -3.618  -14.823 1.00 0.00 ? 49  LEU A HA   1 
ATOM 161  H HB2  . LEU A 1 20  ? -3.514  -2.364  -13.987 1.00 0.00 ? 49  LEU A HB2  1 
ATOM 162  H HB3  . LEU A 1 20  ? -4.468  -1.009  -13.544 1.00 0.00 ? 49  LEU A HB3  1 
ATOM 163  H HG   . LEU A 1 20  ? -3.894  -2.129  -11.419 1.00 0.00 ? 49  LEU A HG   1 
ATOM 164  H HD11 . LEU A 1 20  ? -6.533  -1.891  -11.512 1.00 0.00 ? 49  LEU A HD11 1 
ATOM 165  H HD12 . LEU A 1 20  ? -6.454  -3.520  -12.139 1.00 0.00 ? 49  LEU A HD12 1 
ATOM 166  H HD13 . LEU A 1 20  ? -5.865  -3.169  -10.575 1.00 0.00 ? 49  LEU A HD13 1 
ATOM 167  H HD21 . LEU A 1 20  ? -3.180  -3.841  -12.856 1.00 0.00 ? 49  LEU A HD21 1 
ATOM 168  H HD22 . LEU A 1 20  ? -4.149  -4.529  -11.490 1.00 0.00 ? 49  LEU A HD22 1 
ATOM 169  H HD23 . LEU A 1 20  ? -4.885  -4.224  -13.077 1.00 0.00 ? 49  LEU A HD23 1 
ATOM 170  N N    . HIS A 1 21  ? -6.982  -1.293  -13.736 1.00 0.00 ? 50  HIS A N    1 
ATOM 171  C CA   . HIS A 1 21  ? -8.276  -0.812  -13.250 1.00 0.00 ? 50  HIS A CA   1 
ATOM 172  C C    . HIS A 1 21  ? -9.353  -1.148  -14.227 1.00 0.00 ? 50  HIS A C    1 
ATOM 173  O O    . HIS A 1 21  ? -10.453 -1.504  -13.852 1.00 0.00 ? 50  HIS A O    1 
ATOM 174  C CB   . HIS A 1 21  ? -8.161  0.690   -13.016 1.00 0.00 ? 50  HIS A CB   1 
ATOM 175  C CG   . HIS A 1 21  ? -7.184  1.032   -11.907 1.00 0.00 ? 50  HIS A CG   1 
ATOM 176  N ND1  . HIS A 1 21  ? -7.333  1.979   -11.040 1.00 0.00 ? 50  HIS A ND1  1 
ATOM 177  C CD2  . HIS A 1 21  ? -5.996  0.457   -11.582 1.00 0.00 ? 50  HIS A CD2  1 
ATOM 178  C CE1  . HIS A 1 21  ? -6.316  1.991   -10.238 1.00 0.00 ? 50  HIS A CE1  1 
ATOM 179  N NE2  . HIS A 1 21  ? -5.452  1.054   -10.541 1.00 0.00 ? 50  HIS A NE2  1 
ATOM 180  H H    . HIS A 1 21  ? -6.191  -0.740  -13.789 1.00 0.00 ? 50  HIS A H    1 
ATOM 181  H HA   . HIS A 1 21  ? -8.502  -1.332  -12.330 1.00 0.00 ? 50  HIS A HA   1 
ATOM 182  H HB2  . HIS A 1 21  ? -7.945  1.260   -13.906 1.00 0.00 ? 50  HIS A HB2  1 
ATOM 183  H HB3  . HIS A 1 21  ? -9.079  0.972   -12.609 1.00 0.00 ? 50  HIS A HB3  1 
ATOM 184  H HD1  . HIS A 1 21  ? -8.096  2.591   -10.994 1.00 0.00 ? 50  HIS A HD1  1 
ATOM 185  H HD2  . HIS A 1 21  ? -5.597  -0.370  -12.138 1.00 0.00 ? 50  HIS A HD2  1 
ATOM 186  H HE1  . HIS A 1 21  ? -6.195  2.687   -9.420  1.00 0.00 ? 50  HIS A HE1  1 
ATOM 187  N N    . ALA A 1 22  ? -8.998  -1.023  -15.469 1.00 0.00 ? 51  ALA A N    1 
ATOM 188  C CA   . ALA A 1 22  ? -9.988  -1.330  -16.494 1.00 0.00 ? 51  ALA A CA   1 
ATOM 189  C C    . ALA A 1 22  ? -10.405 -2.802  -16.320 1.00 0.00 ? 51  ALA A C    1 
ATOM 190  O O    . ALA A 1 22  ? -11.559 -3.168  -16.421 1.00 0.00 ? 51  ALA A O    1 
ATOM 191  C CB   . ALA A 1 22  ? -9.347  -1.072  -17.842 1.00 0.00 ? 51  ALA A CB   1 
ATOM 192  H H    . ALA A 1 22  ? -8.104  -0.736  -15.728 1.00 0.00 ? 51  ALA A H    1 
ATOM 193  H HA   . ALA A 1 22  ? -10.774 -0.649  -16.300 1.00 0.00 ? 51  ALA A HA   1 
ATOM 194  H HB1  . ALA A 1 22  ? -8.963  -0.064  -17.829 1.00 0.00 ? 51  ALA A HB1  1 
ATOM 195  H HB2  . ALA A 1 22  ? -8.533  -1.747  -18.008 1.00 0.00 ? 51  ALA A HB2  1 
ATOM 196  H HB3  . ALA A 1 22  ? -10.065 -1.186  -18.639 1.00 0.00 ? 51  ALA A HB3  1 
ATOM 197  N N    . GLU A 1 23  ? -9.395  -3.586  -16.057 1.00 0.00 ? 52  GLU A N    1 
ATOM 198  C CA   . GLU A 1 23  ? -9.491  -5.038  -15.843 1.00 0.00 ? 52  GLU A CA   1 
ATOM 199  C C    . GLU A 1 23  ? -10.056 -5.482  -14.447 1.00 0.00 ? 52  GLU A C    1 
ATOM 200  O O    . GLU A 1 23  ? -11.100 -6.102  -14.392 1.00 0.00 ? 52  GLU A O    1 
ATOM 201  C CB   . GLU A 1 23  ? -8.073  -5.560  -16.078 1.00 0.00 ? 52  GLU A CB   1 
ATOM 202  C CG   . GLU A 1 23  ? -8.078  -7.024  -16.444 1.00 0.00 ? 52  GLU A CG   1 
ATOM 203  C CD   . GLU A 1 23  ? -8.639  -7.156  -17.864 1.00 0.00 ? 52  GLU A CD   1 
ATOM 204  O OE1  . GLU A 1 23  ? -7.968  -6.654  -18.751 1.00 0.00 ? 52  GLU A OE1  1 
ATOM 205  O OE2  . GLU A 1 23  ? -9.700  -7.741  -17.992 1.00 0.00 ? 52  GLU A OE2  1 
ATOM 206  H H    . GLU A 1 23  ? -8.504  -3.230  -16.008 1.00 0.00 ? 52  GLU A H    1 
ATOM 207  H HA   . GLU A 1 23  ? -10.123 -5.348  -16.628 1.00 0.00 ? 52  GLU A HA   1 
ATOM 208  H HB2  . GLU A 1 23  ? -7.613  -4.989  -16.871 1.00 0.00 ? 52  GLU A HB2  1 
ATOM 209  H HB3  . GLU A 1 23  ? -7.487  -5.417  -15.188 1.00 0.00 ? 52  GLU A HB3  1 
ATOM 210  H HG2  . GLU A 1 23  ? -7.071  -7.417  -16.425 1.00 0.00 ? 52  GLU A HG2  1 
ATOM 211  H HG3  . GLU A 1 23  ? -8.693  -7.572  -15.750 1.00 0.00 ? 52  GLU A HG3  1 
ATOM 212  N N    . PHE A 1 24  ? -9.343  -5.154  -13.386 1.00 0.00 ? 53  PHE A N    1 
ATOM 213  C CA   . PHE A 1 24  ? -9.663  -5.455  -11.952 1.00 0.00 ? 53  PHE A CA   1 
ATOM 214  C C    . PHE A 1 24  ? -11.138 -5.314  -11.717 1.00 0.00 ? 53  PHE A C    1 
ATOM 215  O O    . PHE A 1 24  ? -11.772 -6.041  -10.979 1.00 0.00 ? 53  PHE A O    1 
ATOM 216  C CB   . PHE A 1 24  ? -8.870  -4.514  -11.091 1.00 0.00 ? 53  PHE A CB   1 
ATOM 217  C CG   . PHE A 1 24  ? -7.948  -5.232  -10.132 1.00 0.00 ? 53  PHE A CG   1 
ATOM 218  C CD1  . PHE A 1 24  ? -6.795  -5.806  -10.553 1.00 0.00 ? 53  PHE A CD1  1 
ATOM 219  C CD2  . PHE A 1 24  ? -8.274  -5.364  -8.827  1.00 0.00 ? 53  PHE A CD2  1 
ATOM 220  C CE1  . PHE A 1 24  ? -5.995  -6.508  -9.710  1.00 0.00 ? 53  PHE A CE1  1 
ATOM 221  C CE2  . PHE A 1 24  ? -7.506  -6.059  -7.966  1.00 0.00 ? 53  PHE A CE2  1 
ATOM 222  C CZ   . PHE A 1 24  ? -6.342  -6.654  -8.406  1.00 0.00 ? 53  PHE A CZ   1 
ATOM 223  H H    . PHE A 1 24  ? -8.536  -4.657  -13.521 1.00 0.00 ? 53  PHE A H    1 
ATOM 224  H HA   . PHE A 1 24  ? -9.317  -6.384  -11.629 1.00 0.00 ? 53  PHE A HA   1 
ATOM 225  H HB2  . PHE A 1 24  ? -8.225  -4.005  -11.755 1.00 0.00 ? 53  PHE A HB2  1 
ATOM 226  H HB3  . PHE A 1 24  ? -9.552  -3.938  -10.519 1.00 0.00 ? 53  PHE A HB3  1 
ATOM 227  H HD1  . PHE A 1 24  ? -6.494  -5.709  -11.560 1.00 0.00 ? 53  PHE A HD1  1 
ATOM 228  H HD2  . PHE A 1 24  ? -9.105  -4.861  -8.439  1.00 0.00 ? 53  PHE A HD2  1 
ATOM 229  H HE1  . PHE A 1 24  ? -5.085  -6.927  -10.098 1.00 0.00 ? 53  PHE A HE1  1 
ATOM 230  H HE2  . PHE A 1 24  ? -7.839  -6.066  -6.943  1.00 0.00 ? 53  PHE A HE2  1 
ATOM 231  H HZ   . PHE A 1 24  ? -5.705  -7.244  -7.781  1.00 0.00 ? 53  PHE A HZ   1 
ATOM 232  N N    . ASP A 1 25  ? -11.605 -4.323  -12.407 1.00 0.00 ? 54  ASP A N    1 
ATOM 233  C CA   . ASP A 1 25  ? -13.043 -3.969  -12.355 1.00 0.00 ? 54  ASP A CA   1 
ATOM 234  C C    . ASP A 1 25  ? -13.900 -4.947  -13.189 1.00 0.00 ? 54  ASP A C    1 
ATOM 235  O O    . ASP A 1 25  ? -14.370 -4.584  -14.248 1.00 0.00 ? 54  ASP A O    1 
ATOM 236  C CB   . ASP A 1 25  ? -13.176 -2.560  -12.895 1.00 0.00 ? 54  ASP A CB   1 
ATOM 237  C CG   . ASP A 1 25  ? -14.616 -2.074  -12.741 1.00 0.00 ? 54  ASP A CG   1 
ATOM 238  O OD1  . ASP A 1 25  ? -15.040 -2.003  -11.600 1.00 0.00 ? 54  ASP A OD1  1 
ATOM 239  O OD2  . ASP A 1 25  ? -15.204 -1.802  -13.775 1.00 0.00 ? 54  ASP A OD2  1 
ATOM 240  H H    . ASP A 1 25  ? -10.966 -3.817  -12.963 1.00 0.00 ? 54  ASP A H    1 
ATOM 241  H HA   . ASP A 1 25  ? -13.372 -4.006  -11.328 1.00 0.00 ? 54  ASP A HA   1 
ATOM 242  H HB2  . ASP A 1 25  ? -12.511 -1.900  -12.368 1.00 0.00 ? 54  ASP A HB2  1 
ATOM 243  H HB3  . ASP A 1 25  ? -12.909 -2.552  -13.942 1.00 0.00 ? 54  ASP A HB3  1 
ATOM 244  N N    . GLY A 1 26  ? -14.088 -6.156  -12.710 1.00 0.00 ? 55  GLY A N    1 
ATOM 245  C CA   . GLY A 1 26  ? -14.921 -7.131  -13.491 1.00 0.00 ? 55  GLY A CA   1 
ATOM 246  C C    . GLY A 1 26  ? -14.453 -8.600  -13.632 1.00 0.00 ? 55  GLY A C    1 
ATOM 247  O O    . GLY A 1 26  ? -15.176 -9.356  -14.249 1.00 0.00 ? 55  GLY A O    1 
ATOM 248  H H    . GLY A 1 26  ? -13.693 -6.418  -11.853 1.00 0.00 ? 55  GLY A H    1 
ATOM 249  H HA2  . GLY A 1 26  ? -15.902 -7.152  -13.038 1.00 0.00 ? 55  GLY A HA2  1 
ATOM 250  H HA3  . GLY A 1 26  ? -15.045 -6.750  -14.494 1.00 0.00 ? 55  GLY A HA3  1 
ATOM 251  N N    . LYS A 1 27  ? -13.323 -9.017  -13.109 1.00 0.00 ? 56  LYS A N    1 
ATOM 252  C CA   . LYS A 1 27  ? -12.945 -10.464 -13.290 1.00 0.00 ? 56  LYS A CA   1 
ATOM 253  C C    . LYS A 1 27  ? -12.746 -11.239 -11.982 1.00 0.00 ? 56  LYS A C    1 
ATOM 254  O O    . LYS A 1 27  ? -13.086 -10.783 -10.909 1.00 0.00 ? 56  LYS A O    1 
ATOM 255  C CB   . LYS A 1 27  ? -11.664 -10.542 -14.159 1.00 0.00 ? 56  LYS A CB   1 
ATOM 256  C CG   . LYS A 1 27  ? -10.621 -9.606  -13.635 1.00 0.00 ? 56  LYS A CG   1 
ATOM 257  C CD   . LYS A 1 27  ? -9.259  -9.951  -14.278 1.00 0.00 ? 56  LYS A CD   1 
ATOM 258  C CE   . LYS A 1 27  ? -9.406  -10.060 -15.802 1.00 0.00 ? 56  LYS A CE   1 
ATOM 259  N NZ   . LYS A 1 27  ? -8.062  -10.146 -16.451 1.00 0.00 ? 56  LYS A NZ   1 
ATOM 260  H H    . LYS A 1 27  ? -12.733 -8.411  -12.612 1.00 0.00 ? 56  LYS A H    1 
ATOM 261  H HA   . LYS A 1 27  ? -13.706 -10.998 -13.833 1.00 0.00 ? 56  LYS A HA   1 
ATOM 262  H HB2  . LYS A 1 27  ? -11.258 -11.541 -14.177 1.00 0.00 ? 56  LYS A HB2  1 
ATOM 263  H HB3  . LYS A 1 27  ? -11.926 -10.269 -15.170 1.00 0.00 ? 56  LYS A HB3  1 
ATOM 264  H HG2  . LYS A 1 27  ? -10.893 -8.584  -13.846 1.00 0.00 ? 56  LYS A HG2  1 
ATOM 265  H HG3  . LYS A 1 27  ? -10.602 -9.756  -12.574 1.00 0.00 ? 56  LYS A HG3  1 
ATOM 266  H HD2  . LYS A 1 27  ? -8.543  -9.178  -14.040 1.00 0.00 ? 56  LYS A HD2  1 
ATOM 267  H HD3  . LYS A 1 27  ? -8.899  -10.890 -13.884 1.00 0.00 ? 56  LYS A HD3  1 
ATOM 268  H HE2  . LYS A 1 27  ? -9.961  -10.943 -16.075 1.00 0.00 ? 56  LYS A HE2  1 
ATOM 269  H HE3  . LYS A 1 27  ? -9.937  -9.204  -16.179 1.00 0.00 ? 56  LYS A HE3  1 
ATOM 270  H HZ1  . LYS A 1 27  ? -7.320  -10.107 -15.723 1.00 0.00 ? 56  LYS A HZ1  1 
ATOM 271  H HZ2  . LYS A 1 27  ? -7.986  -11.041 -16.975 1.00 0.00 ? 56  LYS A HZ2  1 
ATOM 272  H HZ3  . LYS A 1 27  ? -7.938  -9.351  -17.110 1.00 0.00 ? 56  LYS A HZ3  1 
ATOM 273  N N    . GLU A 1 28  ? -12.185 -12.406 -12.134 1.00 0.00 ? 57  GLU A N    1 
ATOM 274  C CA   . GLU A 1 28  ? -11.924 -13.312 -10.973 1.00 0.00 ? 57  GLU A CA   1 
ATOM 275  C C    . GLU A 1 28  ? -10.631 -13.099 -10.181 1.00 0.00 ? 57  GLU A C    1 
ATOM 276  O O    . GLU A 1 28  ? -9.646  -12.620 -10.692 1.00 0.00 ? 57  GLU A O    1 
ATOM 277  C CB   . GLU A 1 28  ? -11.927 -14.681 -11.484 1.00 0.00 ? 57  GLU A CB   1 
ATOM 278  C CG   . GLU A 1 28  ? -13.226 -14.999 -12.227 1.00 0.00 ? 57  GLU A CG   1 
ATOM 279  C CD   . GLU A 1 28  ? -13.041 -16.353 -12.909 1.00 0.00 ? 57  GLU A CD   1 
ATOM 280  O OE1  . GLU A 1 28  ? -12.126 -16.419 -13.714 1.00 0.00 ? 57  GLU A OE1  1 
ATOM 281  O OE2  . GLU A 1 28  ? -13.820 -17.236 -12.589 1.00 0.00 ? 57  GLU A OE2  1 
ATOM 282  H H    . GLU A 1 28  ? -11.937 -12.679 -13.039 1.00 0.00 ? 57  GLU A H    1 
ATOM 283  H HA   . GLU A 1 28  ? -12.752 -13.334 -10.328 1.00 0.00 ? 57  GLU A HA   1 
ATOM 284  H HB2  . GLU A 1 28  ? -11.123 -14.605 -12.157 1.00 0.00 ? 57  GLU A HB2  1 
ATOM 285  H HB3  . GLU A 1 28  ? -11.710 -15.407 -10.715 1.00 0.00 ? 57  GLU A HB3  1 
ATOM 286  H HG2  . GLU A 1 28  ? -14.053 -15.065 -11.536 1.00 0.00 ? 57  GLU A HG2  1 
ATOM 287  H HG3  . GLU A 1 28  ? -13.445 -14.260 -12.983 1.00 0.00 ? 57  GLU A HG3  1 
ATOM 288  N N    . ASN A 1 29  ? -10.696 -13.475 -8.935  1.00 0.00 ? 58  ASN A N    1 
ATOM 289  C CA   . ASN A 1 29  ? -9.579  -13.369 -7.980  1.00 0.00 ? 58  ASN A CA   1 
ATOM 290  C C    . ASN A 1 29  ? -8.237  -13.918 -8.441  1.00 0.00 ? 58  ASN A C    1 
ATOM 291  O O    . ASN A 1 29  ? -7.237  -13.253 -8.586  1.00 0.00 ? 58  ASN A O    1 
ATOM 292  C CB   . ASN A 1 29  ? -9.957  -14.088 -6.763  1.00 0.00 ? 58  ASN A CB   1 
ATOM 293  C CG   . ASN A 1 29  ? -10.978 -13.286 -5.954  1.00 0.00 ? 58  ASN A CG   1 
ATOM 294  O OD1  . ASN A 1 29  ? -10.712 -12.190 -5.502  1.00 0.00 ? 58  ASN A OD1  1 
ATOM 295  N ND2  . ASN A 1 29  ? -12.159 -13.800 -5.748  1.00 0.00 ? 58  ASN A ND2  1 
ATOM 296  H H    . ASN A 1 29  ? -11.510 -13.850 -8.570  1.00 0.00 ? 58  ASN A H    1 
ATOM 297  H HA   . ASN A 1 29  ? -9.503  -12.353 -7.702  1.00 0.00 ? 58  ASN A HA   1 
ATOM 298  H HB2  . ASN A 1 29  ? -10.380 -15.044 -7.023  1.00 0.00 ? 58  ASN A HB2  1 
ATOM 299  H HB3  . ASN A 1 29  ? -9.041  -14.229 -6.237  1.00 0.00 ? 58  ASN A HB3  1 
ATOM 300  H HD21 . ASN A 1 29  ? -12.378 -14.684 -6.110  1.00 0.00 ? 58  ASN A HD21 1 
ATOM 301  H HD22 . ASN A 1 29  ? -12.827 -13.303 -5.232  1.00 0.00 ? 58  ASN A HD22 1 
ATOM 302  N N    . GLU A 1 30  ? -8.363  -15.190 -8.622  1.00 0.00 ? 59  GLU A N    1 
ATOM 303  C CA   . GLU A 1 30  ? -7.364  -16.178 -9.062  1.00 0.00 ? 59  GLU A CA   1 
ATOM 304  C C    . GLU A 1 30  ? -6.379  -15.575 -10.014 1.00 0.00 ? 59  GLU A C    1 
ATOM 305  O O    . GLU A 1 30  ? -5.168  -15.657 -9.989  1.00 0.00 ? 59  GLU A O    1 
ATOM 306  C CB   . GLU A 1 30  ? -8.161  -17.195 -9.709  1.00 0.00 ? 59  GLU A CB   1 
ATOM 307  C CG   . GLU A 1 30  ? -7.458  -18.545 -9.821  1.00 0.00 ? 59  GLU A CG   1 
ATOM 308  C CD   . GLU A 1 30  ? -8.406  -19.512 -10.532 1.00 0.00 ? 59  GLU A CD   1 
ATOM 309  O OE1  . GLU A 1 30  ? -9.466  -19.735 -9.972  1.00 0.00 ? 59  GLU A OE1  1 
ATOM 310  O OE2  . GLU A 1 30  ? -8.016  -19.970 -11.592 1.00 0.00 ? 59  GLU A OE2  1 
ATOM 311  H H    . GLU A 1 30  ? -9.238  -15.564 -8.460  1.00 0.00 ? 59  GLU A H    1 
ATOM 312  H HA   . GLU A 1 30  ? -6.874  -16.556 -8.186  1.00 0.00 ? 59  GLU A HA   1 
ATOM 313  H HB2  . GLU A 1 30  ? -9.110  -17.151 -9.242  1.00 0.00 ? 59  GLU A HB2  1 
ATOM 314  H HB3  . GLU A 1 30  ? -8.403  -16.811 -10.674 1.00 0.00 ? 59  GLU A HB3  1 
ATOM 315  H HG2  . GLU A 1 30  ? -6.553  -18.454 -10.404 1.00 0.00 ? 59  GLU A HG2  1 
ATOM 316  H HG3  . GLU A 1 30  ? -7.217  -18.940 -8.846  1.00 0.00 ? 59  GLU A HG3  1 
ATOM 317  N N    . GLU A 1 31  ? -7.142  -14.973 -10.851 1.00 0.00 ? 60  GLU A N    1 
ATOM 318  C CA   . GLU A 1 31  ? -6.756  -14.230 -11.997 1.00 0.00 ? 60  GLU A CA   1 
ATOM 319  C C    . GLU A 1 31  ? -6.082  -12.953 -11.603 1.00 0.00 ? 60  GLU A C    1 
ATOM 320  O O    . GLU A 1 31  ? -4.947  -12.716 -11.931 1.00 0.00 ? 60  GLU A O    1 
ATOM 321  C CB   . GLU A 1 31  ? -8.029  -14.048 -12.708 1.00 0.00 ? 60  GLU A CB   1 
ATOM 322  C CG   . GLU A 1 31  ? -7.815  -14.383 -14.110 1.00 0.00 ? 60  GLU A CG   1 
ATOM 323  C CD   . GLU A 1 31  ? -9.029  -13.915 -14.908 1.00 0.00 ? 60  GLU A CD   1 
ATOM 324  O OE1  . GLU A 1 31  ? -10.116 -14.337 -14.550 1.00 0.00 ? 60  GLU A OE1  1 
ATOM 325  O OE2  . GLU A 1 31  ? -8.790  -13.157 -15.833 1.00 0.00 ? 60  GLU A OE2  1 
ATOM 326  H H    . GLU A 1 31  ? -8.091  -15.004 -10.707 1.00 0.00 ? 60  GLU A H    1 
ATOM 327  H HA   . GLU A 1 31  ? -6.108  -14.876 -12.531 1.00 0.00 ? 60  GLU A HA   1 
ATOM 328  H HB2  . GLU A 1 31  ? -8.755  -14.757 -12.337 1.00 0.00 ? 60  GLU A HB2  1 
ATOM 329  H HB3  . GLU A 1 31  ? -8.409  -13.073 -12.515 1.00 0.00 ? 60  GLU A HB3  1 
ATOM 330  H HG2  . GLU A 1 31  ? -6.904  -13.952 -14.487 1.00 0.00 ? 60  GLU A HG2  1 
ATOM 331  H HG3  . GLU A 1 31  ? -7.764  -15.459 -14.086 1.00 0.00 ? 60  GLU A HG3  1 
ATOM 332  N N    . LEU A 1 32  ? -6.831  -12.173 -10.886 1.00 0.00 ? 61  LEU A N    1 
ATOM 333  C CA   . LEU A 1 32  ? -6.376  -10.869 -10.397 1.00 0.00 ? 61  LEU A CA   1 
ATOM 334  C C    . LEU A 1 32  ? -5.005  -10.876 -9.823  1.00 0.00 ? 61  LEU A C    1 
ATOM 335  O O    . LEU A 1 32  ? -4.258  -9.920  -9.804  1.00 0.00 ? 61  LEU A O    1 
ATOM 336  C CB   . LEU A 1 32  ? -7.310  -10.293 -9.315  1.00 0.00 ? 61  LEU A CB   1 
ATOM 337  C CG   . LEU A 1 32  ? -8.166  -9.134  -9.870  1.00 0.00 ? 61  LEU A CG   1 
ATOM 338  C CD1  . LEU A 1 32  ? -7.462  -8.477  -11.059 1.00 0.00 ? 61  LEU A CD1  1 
ATOM 339  C CD2  . LEU A 1 32  ? -9.369  -9.774  -10.426 1.00 0.00 ? 61  LEU A CD2  1 
ATOM 340  H H    . LEU A 1 32  ? -7.718  -12.463 -10.642 1.00 0.00 ? 61  LEU A H    1 
ATOM 341  H HA   . LEU A 1 32  ? -6.349  -10.336 -11.291 1.00 0.00 ? 61  LEU A HA   1 
ATOM 342  H HB2  . LEU A 1 32  ? -7.968  -11.064 -8.951  1.00 0.00 ? 61  LEU A HB2  1 
ATOM 343  H HB3  . LEU A 1 32  ? -6.716  -9.933  -8.486  1.00 0.00 ? 61  LEU A HB3  1 
ATOM 344  H HG   . LEU A 1 32  ? -8.418  -8.421  -9.101  1.00 0.00 ? 61  LEU A HG   1 
ATOM 345  H HD11 . LEU A 1 32  ? -6.437  -8.350  -10.744 1.00 0.00 ? 61  LEU A HD11 1 
ATOM 346  H HD12 . LEU A 1 32  ? -7.507  -9.113  -11.928 1.00 0.00 ? 61  LEU A HD12 1 
ATOM 347  H HD13 . LEU A 1 32  ? -7.836  -7.521  -11.376 1.00 0.00 ? 61  LEU A HD13 1 
ATOM 348  H HD21 . LEU A 1 32  ? -9.879  -10.350 -9.670  1.00 0.00 ? 61  LEU A HD21 1 
ATOM 349  H HD22 . LEU A 1 32  ? -10.027 -9.017  -10.820 1.00 0.00 ? 61  LEU A HD22 1 
ATOM 350  H HD23 . LEU A 1 32  ? -8.997  -10.420 -11.211 1.00 0.00 ? 61  LEU A HD23 1 
ATOM 351  N N    . GLU A 1 33  ? -4.783  -12.044 -9.354  1.00 0.00 ? 62  GLU A N    1 
ATOM 352  C CA   . GLU A 1 33  ? -3.598  -12.466 -8.703  1.00 0.00 ? 62  GLU A CA   1 
ATOM 353  C C    . GLU A 1 33  ? -2.456  -12.807 -9.640  1.00 0.00 ? 62  GLU A C    1 
ATOM 354  O O    . GLU A 1 33  ? -1.316  -12.423 -9.482  1.00 0.00 ? 62  GLU A O    1 
ATOM 355  C CB   . GLU A 1 33  ? -4.096  -13.583 -7.960  1.00 0.00 ? 62  GLU A CB   1 
ATOM 356  C CG   . GLU A 1 33  ? -4.719  -13.111 -6.703  1.00 0.00 ? 62  GLU A CG   1 
ATOM 357  C CD   . GLU A 1 33  ? -5.327  -14.302 -5.972  1.00 0.00 ? 62  GLU A CD   1 
ATOM 358  O OE1  . GLU A 1 33  ? -4.553  -15.175 -5.617  1.00 0.00 ? 62  GLU A OE1  1 
ATOM 359  O OE2  . GLU A 1 33  ? -6.536  -14.267 -5.813  1.00 0.00 ? 62  GLU A OE2  1 
ATOM 360  H H    . GLU A 1 33  ? -5.424  -12.760 -9.427  1.00 0.00 ? 62  GLU A H    1 
ATOM 361  H HA   . GLU A 1 33  ? -3.362  -11.615 -8.098  1.00 0.00 ? 62  GLU A HA   1 
ATOM 362  H HB2  . GLU A 1 33  ? -4.949  -14.029 -8.428  1.00 0.00 ? 62  GLU A HB2  1 
ATOM 363  H HB3  . GLU A 1 33  ? -3.411  -14.348 -8.097  1.00 0.00 ? 62  GLU A HB3  1 
ATOM 364  H HG2  . GLU A 1 33  ? -4.034  -12.578 -6.065  1.00 0.00 ? 62  GLU A HG2  1 
ATOM 365  H HG3  . GLU A 1 33  ? -5.507  -12.463 -7.063  1.00 0.00 ? 62  GLU A HG3  1 
ATOM 366  N N    . ALA A 1 34  ? -2.864  -13.564 -10.601 1.00 0.00 ? 63  ALA A N    1 
ATOM 367  C CA   . ALA A 1 34  ? -2.001  -14.059 -11.654 1.00 0.00 ? 63  ALA A CA   1 
ATOM 368  C C    . ALA A 1 34  ? -1.348  -12.828 -12.218 1.00 0.00 ? 63  ALA A C    1 
ATOM 369  O O    . ALA A 1 34  ? -0.150  -12.774 -12.412 1.00 0.00 ? 63  ALA A O    1 
ATOM 370  C CB   . ALA A 1 34  ? -2.863  -14.770 -12.676 1.00 0.00 ? 63  ALA A CB   1 
ATOM 371  H H    . ALA A 1 34  ? -3.782  -13.814 -10.634 1.00 0.00 ? 63  ALA A H    1 
ATOM 372  H HA   . ALA A 1 34  ? -1.314  -14.711 -11.172 1.00 0.00 ? 63  ALA A HA   1 
ATOM 373  H HB1  . ALA A 1 34  ? -3.416  -15.545 -12.168 1.00 0.00 ? 63  ALA A HB1  1 
ATOM 374  H HB2  . ALA A 1 34  ? -3.561  -14.079 -13.117 1.00 0.00 ? 63  ALA A HB2  1 
ATOM 375  H HB3  . ALA A 1 34  ? -2.255  -15.203 -13.456 1.00 0.00 ? 63  ALA A HB3  1 
ATOM 376  N N    . LEU A 1 35  ? -2.197  -11.865 -12.457 1.00 0.00 ? 64  LEU A N    1 
ATOM 377  C CA   . LEU A 1 35  ? -1.723  -10.595 -13.006 1.00 0.00 ? 64  LEU A CA   1 
ATOM 378  C C    . LEU A 1 35  ? -1.206  -9.519  -12.119 1.00 0.00 ? 64  LEU A C    1 
ATOM 379  O O    . LEU A 1 35  ? -0.428  -8.658  -12.476 1.00 0.00 ? 64  LEU A O    1 
ATOM 380  C CB   . LEU A 1 35  ? -2.807  -10.060 -13.828 1.00 0.00 ? 64  LEU A CB   1 
ATOM 381  C CG   . LEU A 1 35  ? -3.965  -9.744  -12.916 1.00 0.00 ? 64  LEU A CG   1 
ATOM 382  C CD1  . LEU A 1 35  ? -4.106  -8.235  -12.601 1.00 0.00 ? 64  LEU A CD1  1 
ATOM 383  C CD2  . LEU A 1 35  ? -5.072  -10.405 -13.629 1.00 0.00 ? 64  LEU A CD2  1 
ATOM 384  H H    . LEU A 1 35  ? -3.175  -11.933 -12.313 1.00 0.00 ? 64  LEU A H    1 
ATOM 385  H HA   . LEU A 1 35  ? -0.924  -10.938 -13.519 1.00 0.00 ? 64  LEU A HA   1 
ATOM 386  H HB2  . LEU A 1 35  ? -2.501  -9.222  -14.435 1.00 0.00 ? 64  LEU A HB2  1 
ATOM 387  H HB3  . LEU A 1 35  ? -3.074  -10.901 -14.444 1.00 0.00 ? 64  LEU A HB3  1 
ATOM 388  H HG   . LEU A 1 35  ? -3.841  -10.271 -11.993 1.00 0.00 ? 64  LEU A HG   1 
ATOM 389  H HD11 . LEU A 1 35  ? -3.173  -7.924  -12.157 1.00 0.00 ? 64  LEU A HD11 1 
ATOM 390  H HD12 . LEU A 1 35  ? -4.287  -7.663  -13.498 1.00 0.00 ? 64  LEU A HD12 1 
ATOM 391  H HD13 . LEU A 1 35  ? -4.880  -8.016  -11.874 1.00 0.00 ? 64  LEU A HD13 1 
ATOM 392  H HD21 . LEU A 1 35  ? -5.139  -10.063 -14.651 1.00 0.00 ? 64  LEU A HD21 1 
ATOM 393  H HD22 . LEU A 1 35  ? -4.701  -11.427 -13.582 1.00 0.00 ? 64  LEU A HD22 1 
ATOM 394  H HD23 . LEU A 1 35  ? -6.028  -10.317 -13.151 1.00 0.00 ? 64  LEU A HD23 1 
ATOM 395  N N    . ASN A 1 36  ? -1.744  -9.700  -10.980 1.00 0.00 ? 65  ASN A N    1 
ATOM 396  C CA   . ASN A 1 36  ? -1.528  -8.821  -9.797  1.00 0.00 ? 65  ASN A CA   1 
ATOM 397  C C    . ASN A 1 36  ? -0.362  -7.845  -9.796  1.00 0.00 ? 65  ASN A C    1 
ATOM 398  O O    . ASN A 1 36  ? 0.745   -8.036  -10.263 1.00 0.00 ? 65  ASN A O    1 
ATOM 399  C CB   . ASN A 1 36  ? -1.328  -9.609  -8.525  1.00 0.00 ? 65  ASN A CB   1 
ATOM 400  C CG   . ASN A 1 36  ? 0.129   -10.072 -8.405  1.00 0.00 ? 65  ASN A CG   1 
ATOM 401  O OD1  . ASN A 1 36  ? 0.671   -10.730 -9.269  1.00 0.00 ? 65  ASN A OD1  1 
ATOM 402  N ND2  . ASN A 1 36  ? 0.798   -9.740  -7.334  1.00 0.00 ? 65  ASN A ND2  1 
ATOM 403  H H    . ASN A 1 36  ? -2.310  -10.499 -11.021 1.00 0.00 ? 65  ASN A H    1 
ATOM 404  H HA   . ASN A 1 36  ? -2.444  -8.274  -9.694  1.00 0.00 ? 65  ASN A HA   1 
ATOM 405  H HB2  . ASN A 1 36  ? -1.572  -8.996  -7.672  1.00 0.00 ? 65  ASN A HB2  1 
ATOM 406  H HB3  . ASN A 1 36  ? -1.970  -10.457 -8.539  1.00 0.00 ? 65  ASN A HB3  1 
ATOM 407  H HD21 . ASN A 1 36  ? 0.367   -9.207  -6.633  1.00 0.00 ? 65  ASN A HD21 1 
ATOM 408  H HD22 . ASN A 1 36  ? 1.731   -10.021 -7.226  1.00 0.00 ? 65  ASN A HD22 1 
ATOM 409  N N    . ILE A 1 37  ? -0.778  -6.776  -9.193  1.00 0.00 ? 66  ILE A N    1 
ATOM 410  C CA   . ILE A 1 37  ? 0.009   -5.555  -8.961  1.00 0.00 ? 66  ILE A CA   1 
ATOM 411  C C    . ILE A 1 37  ? 0.047   -5.398  -7.499  1.00 0.00 ? 66  ILE A C    1 
ATOM 412  O O    . ILE A 1 37  ? -0.899  -5.628  -6.771  1.00 0.00 ? 66  ILE A O    1 
ATOM 413  C CB   . ILE A 1 37  ? -0.764  -4.537  -9.689  1.00 0.00 ? 66  ILE A CB   1 
ATOM 414  C CG1  . ILE A 1 37  ? -0.200  -3.119  -9.526  1.00 0.00 ? 66  ILE A CG1  1 
ATOM 415  C CG2  . ILE A 1 37  ? -2.349  -4.613  -9.536  1.00 0.00 ? 66  ILE A CG2  1 
ATOM 416  C CD1  . ILE A 1 37  ? 1.202   -3.014  -10.152 1.00 0.00 ? 66  ILE A CD1  1 
ATOM 417  H H    . ILE A 1 37  ? -1.698  -6.764  -8.856  1.00 0.00 ? 66  ILE A H    1 
ATOM 418  H HA   . ILE A 1 37  ? 1.077   -5.592  -9.277  1.00 0.00 ? 66  ILE A HA   1 
ATOM 419  H HB   . ILE A 1 37  ? -0.549  -5.002  -10.615 1.00 0.00 ? 66  ILE A HB   1 
ATOM 420  H HG12 . ILE A 1 37  ? -0.869  -2.406  -9.983  1.00 0.00 ? 66  ILE A HG12 1 
ATOM 421  H HG13 . ILE A 1 37  ? -0.125  -2.893  -8.474  1.00 0.00 ? 66  ILE A HG13 1 
ATOM 422  H HG21 . ILE A 1 37  ? -2.621  -4.559  -8.498  1.00 0.00 ? 66  ILE A HG21 1 
ATOM 423  H HG22 . ILE A 1 37  ? -2.816  -3.780  -10.040 1.00 0.00 ? 66  ILE A HG22 1 
ATOM 424  H HG23 . ILE A 1 37  ? -2.822  -5.499  -9.962  1.00 0.00 ? 66  ILE A HG23 1 
ATOM 425  H HD11 . ILE A 1 37  ? 1.162   -3.265  -11.202 1.00 0.00 ? 66  ILE A HD11 1 
ATOM 426  H HD12 . ILE A 1 37  ? 1.564   -2.002  -10.051 1.00 0.00 ? 66  ILE A HD12 1 
ATOM 427  H HD13 . ILE A 1 37  ? 1.897   -3.677  -9.661  1.00 0.00 ? 66  ILE A HD13 1 
ATOM 428  N N    . GLU A 1 38  ? 1.223   -4.983  -7.188  1.00 0.00 ? 67  GLU A N    1 
ATOM 429  C CA   . GLU A 1 38  ? 1.602   -4.733  -5.816  1.00 0.00 ? 67  GLU A CA   1 
ATOM 430  C C    . GLU A 1 38  ? 1.779   -3.245  -5.639  1.00 0.00 ? 67  GLU A C    1 
ATOM 431  O O    . GLU A 1 38  ? 2.872   -2.810  -5.355  1.00 0.00 ? 67  GLU A O    1 
ATOM 432  C CB   . GLU A 1 38  ? 2.842   -5.543  -5.634  1.00 0.00 ? 67  GLU A CB   1 
ATOM 433  C CG   . GLU A 1 38  ? 2.582   -6.948  -6.181  1.00 0.00 ? 67  GLU A CG   1 
ATOM 434  C CD   . GLU A 1 38  ? 3.748   -7.845  -5.775  1.00 0.00 ? 67  GLU A CD   1 
ATOM 435  O OE1  . GLU A 1 38  ? 4.856   -7.493  -6.145  1.00 0.00 ? 67  GLU A OE1  1 
ATOM 436  O OE2  . GLU A 1 38  ? 3.456   -8.830  -5.116  1.00 0.00 ? 67  GLU A OE2  1 
ATOM 437  H H    . GLU A 1 38  ? 1.879   -4.837  -7.895  1.00 0.00 ? 67  GLU A H    1 
ATOM 438  H HA   . GLU A 1 38  ? 0.855   -5.082  -5.155  1.00 0.00 ? 67  GLU A HA   1 
ATOM 439  H HB2  . GLU A 1 38  ? 3.677   -5.084  -6.141  1.00 0.00 ? 67  GLU A HB2  1 
ATOM 440  H HB3  . GLU A 1 38  ? 3.030   -5.640  -4.593  1.00 0.00 ? 67  GLU A HB3  1 
ATOM 441  H HG2  . GLU A 1 38  ? 1.665   -7.352  -5.775  1.00 0.00 ? 67  GLU A HG2  1 
ATOM 442  H HG3  . GLU A 1 38  ? 2.522   -6.931  -7.260  1.00 0.00 ? 67  GLU A HG3  1 
ATOM 443  N N    . VAL A 1 39  ? 0.704   -2.499  -5.752  1.00 0.00 ? 68  VAL A N    1 
ATOM 444  C CA   . VAL A 1 39  ? 0.868   -1.069  -5.604  1.00 0.00 ? 68  VAL A CA   1 
ATOM 445  C C    . VAL A 1 39  ? 0.975   -0.635  -4.219  1.00 0.00 ? 68  VAL A C    1 
ATOM 446  O O    . VAL A 1 39  ? 0.481   -1.088  -3.212  1.00 0.00 ? 68  VAL A O    1 
ATOM 447  C CB   . VAL A 1 39  ? -0.242  -0.265  -6.224  1.00 0.00 ? 68  VAL A CB   1 
ATOM 448  C CG1  . VAL A 1 39  ? 0.389   0.150   -7.541  1.00 0.00 ? 68  VAL A CG1  1 
ATOM 449  C CG2  . VAL A 1 39  ? -1.532  -1.068  -6.444  1.00 0.00 ? 68  VAL A CG2  1 
ATOM 450  H H    . VAL A 1 39  ? -0.161  -2.858  -5.920  1.00 0.00 ? 68  VAL A H    1 
ATOM 451  H HA   . VAL A 1 39  ? 1.733   -0.811  -6.144  1.00 0.00 ? 68  VAL A HA   1 
ATOM 452  H HB   . VAL A 1 39  ? -0.387  0.589   -5.600  1.00 0.00 ? 68  VAL A HB   1 
ATOM 453  H HG11 . VAL A 1 39  ? 0.691   -0.870  -7.809  1.00 0.00 ? 68  VAL A HG11 1 
ATOM 454  H HG12 . VAL A 1 39  ? -0.348  0.539   -8.221  1.00 0.00 ? 68  VAL A HG12 1 
ATOM 455  H HG13 . VAL A 1 39  ? 1.228   0.900   -7.490  1.00 0.00 ? 68  VAL A HG13 1 
ATOM 456  H HG21 . VAL A 1 39  ? -1.903  -1.446  -5.503  1.00 0.00 ? 68  VAL A HG21 1 
ATOM 457  H HG22 . VAL A 1 39  ? -2.284  -0.428  -6.880  1.00 0.00 ? 68  VAL A HG22 1 
ATOM 458  H HG23 . VAL A 1 39  ? -1.362  -1.898  -7.111  1.00 0.00 ? 68  VAL A HG23 1 
ATOM 459  N N    . ALA A 1 40  ? 1.732   0.363   -4.402  1.00 0.00 ? 69  ALA A N    1 
ATOM 460  C CA   . ALA A 1 40  ? 2.279   1.229   -3.433  1.00 0.00 ? 69  ALA A CA   1 
ATOM 461  C C    . ALA A 1 40  ? 1.795   2.435   -2.835  1.00 0.00 ? 69  ALA A C    1 
ATOM 462  O O    . ALA A 1 40  ? 0.737   3.004   -3.007  1.00 0.00 ? 69  ALA A O    1 
ATOM 463  C CB   . ALA A 1 40  ? 3.379   1.451   -4.011  1.00 0.00 ? 69  ALA A CB   1 
ATOM 464  H H    . ALA A 1 40  ? 1.984   0.607   -5.313  1.00 0.00 ? 69  ALA A H    1 
ATOM 465  H HA   . ALA A 1 40  ? 2.699   0.589   -2.691  1.00 0.00 ? 69  ALA A HA   1 
ATOM 466  H HB1  . ALA A 1 40  ? 3.682   0.419   -4.159  1.00 0.00 ? 69  ALA A HB1  1 
ATOM 467  H HB2  . ALA A 1 40  ? 2.964   1.873   -4.897  1.00 0.00 ? 69  ALA A HB2  1 
ATOM 468  H HB3  . ALA A 1 40  ? 4.157   2.096   -3.632  1.00 0.00 ? 69  ALA A HB3  1 
ATOM 469  N N    . VAL A 1 41  ? 2.812   2.701   -2.081  1.00 0.00 ? 70  VAL A N    1 
ATOM 470  C CA   . VAL A 1 41  ? 2.821   3.891   -1.253  1.00 0.00 ? 70  VAL A CA   1 
ATOM 471  C C    . VAL A 1 41  ? 4.221   4.394   -1.088  1.00 0.00 ? 70  VAL A C    1 
ATOM 472  O O    . VAL A 1 41  ? 5.158   3.833   -0.563  1.00 0.00 ? 70  VAL A O    1 
ATOM 473  C CB   . VAL A 1 41  ? 2.303   3.693   0.076   1.00 0.00 ? 70  VAL A CB   1 
ATOM 474  C CG1  . VAL A 1 41  ? 0.995   3.137   -0.175  1.00 0.00 ? 70  VAL A CG1  1 
ATOM 475  C CG2  . VAL A 1 41  ? 3.018   2.693   0.946   1.00 0.00 ? 70  VAL A CG2  1 
ATOM 476  H H    . VAL A 1 41  ? 3.564   2.048   -2.111  1.00 0.00 ? 70  VAL A H    1 
ATOM 477  H HA   . VAL A 1 41  ? 2.161   4.617   -1.719  1.00 0.00 ? 70  VAL A HA   1 
ATOM 478  H HB   . VAL A 1 41  ? 2.362   4.751   0.324   1.00 0.00 ? 70  VAL A HB   1 
ATOM 479  H HG11 . VAL A 1 41  ? 0.521   3.823   -0.859  1.00 0.00 ? 70  VAL A HG11 1 
ATOM 480  H HG12 . VAL A 1 41  ? 1.209   2.182   -0.647  1.00 0.00 ? 70  VAL A HG12 1 
ATOM 481  H HG13 . VAL A 1 41  ? 0.445   3.004   0.737   1.00 0.00 ? 70  VAL A HG13 1 
ATOM 482  H HG21 . VAL A 1 41  ? 3.016   1.734   0.435   1.00 0.00 ? 70  VAL A HG21 1 
ATOM 483  H HG22 . VAL A 1 41  ? 4.022   2.998   1.182   1.00 0.00 ? 70  VAL A HG22 1 
ATOM 484  H HG23 . VAL A 1 41  ? 2.464   2.603   1.866   1.00 0.00 ? 70  VAL A HG23 1 
ATOM 485  N N    . ALA A 1 42  ? 4.268   5.513   -1.667  1.00 0.00 ? 71  ALA A N    1 
ATOM 486  C CA   . ALA A 1 42  ? 5.493   6.306   -1.693  1.00 0.00 ? 71  ALA A CA   1 
ATOM 487  C C    . ALA A 1 42  ? 4.995   7.557   -1.068  1.00 0.00 ? 71  ALA A C    1 
ATOM 488  O O    . ALA A 1 42  ? 3.820   7.653   -0.773  1.00 0.00 ? 71  ALA A O    1 
ATOM 489  C CB   . ALA A 1 42  ? 5.938   6.474   -3.170  1.00 0.00 ? 71  ALA A CB   1 
ATOM 490  H H    . ALA A 1 42  ? 3.415   5.799   -2.037  1.00 0.00 ? 71  ALA A H    1 
ATOM 491  H HA   . ALA A 1 42  ? 6.195   5.867   -0.961  1.00 0.00 ? 71  ALA A HA   1 
ATOM 492  H HB1  . ALA A 1 42  ? 5.139   6.895   -3.747  1.00 0.00 ? 71  ALA A HB1  1 
ATOM 493  H HB2  . ALA A 1 42  ? 6.786   7.132   -3.268  1.00 0.00 ? 71  ALA A HB2  1 
ATOM 494  H HB3  . ALA A 1 42  ? 6.187   5.514   -3.595  1.00 0.00 ? 71  ALA A HB3  1 
ATOM 495  N N    . GLY A 1 43  ? 5.869   8.486   -0.877  1.00 0.00 ? 72  GLY A N    1 
ATOM 496  C CA   . GLY A 1 43  ? 5.303   9.736   -0.261  1.00 0.00 ? 72  GLY A CA   1 
ATOM 497  C C    . GLY A 1 43  ? 5.444   9.669   1.242   1.00 0.00 ? 72  GLY A C    1 
ATOM 498  O O    . GLY A 1 43  ? 6.450   9.186   1.712   1.00 0.00 ? 72  GLY A O    1 
ATOM 499  H H    . GLY A 1 43  ? 6.814   8.301   -1.133  1.00 0.00 ? 72  GLY A H    1 
ATOM 500  H HA2  . GLY A 1 43  ? 5.782   10.618  -0.656  1.00 0.00 ? 72  GLY A HA2  1 
ATOM 501  H HA3  . GLY A 1 43  ? 4.254   9.817   -0.499  1.00 0.00 ? 72  GLY A HA3  1 
ATOM 502  N N    . ARG A 1 44  ? 4.449   10.166  1.944   1.00 0.00 ? 73  ARG A N    1 
ATOM 503  C CA   . ARG A 1 44  ? 4.479   10.146  3.417   1.00 0.00 ? 73  ARG A CA   1 
ATOM 504  C C    . ARG A 1 44  ? 3.133   10.361  4.147   1.00 0.00 ? 73  ARG A C    1 
ATOM 505  O O    . ARG A 1 44  ? 2.244   11.035  3.668   1.00 0.00 ? 73  ARG A O    1 
ATOM 506  C CB   . ARG A 1 44  ? 5.395   11.191  3.839   1.00 0.00 ? 73  ARG A CB   1 
ATOM 507  C CG   . ARG A 1 44  ? 5.247   12.430  2.946   1.00 0.00 ? 73  ARG A CG   1 
ATOM 508  C CD   . ARG A 1 44  ? 5.360   13.671  3.821   1.00 0.00 ? 73  ARG A CD   1 
ATOM 509  N NE   . ARG A 1 44  ? 4.159   13.719  4.699   1.00 0.00 ? 73  ARG A NE   1 
ATOM 510  C CZ   . ARG A 1 44  ? 3.324   14.711  4.571   1.00 0.00 ? 73  ARG A CZ   1 
ATOM 511  N NH1  . ARG A 1 44  ? 2.585   14.771  3.497   1.00 0.00 ? 73  ARG A NH1  1 
ATOM 512  N NH2  . ARG A 1 44  ? 3.254   15.609  5.516   1.00 0.00 ? 73  ARG A NH2  1 
ATOM 513  H H    . ARG A 1 44  ? 3.665   10.575  1.547   1.00 0.00 ? 73  ARG A H    1 
ATOM 514  H HA   . ARG A 1 44  ? 4.873   9.190   3.726   1.00 0.00 ? 73  ARG A HA   1 
ATOM 515  H HB2  . ARG A 1 44  ? 5.074   11.435  4.822   1.00 0.00 ? 73  ARG A HB2  1 
ATOM 516  H HB3  . ARG A 1 44  ? 6.387   10.790  3.834   1.00 0.00 ? 73  ARG A HB3  1 
ATOM 517  H HG2  . ARG A 1 44  ? 6.036   12.437  2.208   1.00 0.00 ? 73  ARG A HG2  1 
ATOM 518  H HG3  . ARG A 1 44  ? 4.293   12.446  2.442   1.00 0.00 ? 73  ARG A HG3  1 
ATOM 519  H HD2  . ARG A 1 44  ? 6.234   13.610  4.448   1.00 0.00 ? 73  ARG A HD2  1 
ATOM 520  H HD3  . ARG A 1 44  ? 5.404   14.568  3.223   1.00 0.00 ? 73  ARG A HD3  1 
ATOM 521  H HE   . ARG A 1 44  ? 3.996   13.015  5.362   1.00 0.00 ? 73  ARG A HE   1 
ATOM 522  H HH11 . ARG A 1 44  ? 2.665   14.064  2.795   1.00 0.00 ? 73  ARG A HH11 1 
ATOM 523  H HH12 . ARG A 1 44  ? 1.939   15.526  3.379   1.00 0.00 ? 73  ARG A HH12 1 
ATOM 524  H HH21 . ARG A 1 44  ? 3.837   15.533  6.326   1.00 0.00 ? 73  ARG A HH21 1 
ATOM 525  H HH22 . ARG A 1 44  ? 2.615   16.374  5.431   1.00 0.00 ? 73  ARG A HH22 1 
ATOM 526  N N    . MET A 1 45  ? 3.028   9.732   5.290   1.00 0.00 ? 74  MET A N    1 
ATOM 527  C CA   . MET A 1 45  ? 1.801   9.840   6.148   1.00 0.00 ? 74  MET A CA   1 
ATOM 528  C C    . MET A 1 45  ? 2.009   9.421   7.593   1.00 0.00 ? 74  MET A C    1 
ATOM 529  O O    . MET A 1 45  ? 3.078   9.547   8.157   1.00 0.00 ? 74  MET A O    1 
ATOM 530  C CB   . MET A 1 45  ? 0.766   9.056   5.586   1.00 0.00 ? 74  MET A CB   1 
ATOM 531  C CG   . MET A 1 45  ? -0.564  9.940   5.676   1.00 0.00 ? 74  MET A CG   1 
ATOM 532  S SD   . MET A 1 45  ? -1.178  10.544  7.270   1.00 0.00 ? 74  MET A SD   1 
ATOM 533  C CE   . MET A 1 45  ? -0.901  12.317  7.031   1.00 0.00 ? 74  MET A CE   1 
ATOM 534  H H    . MET A 1 45  ? 3.782   9.178   5.583   1.00 0.00 ? 74  MET A H    1 
ATOM 535  H HA   . MET A 1 45  ? 1.290   10.762  6.080   1.00 0.00 ? 74  MET A HA   1 
ATOM 536  H HB2  . MET A 1 45  ? 1.077   8.932   4.562   1.00 0.00 ? 74  MET A HB2  1 
ATOM 537  H HB3  . MET A 1 45  ? 0.656   8.099   6.069   1.00 0.00 ? 74  MET A HB3  1 
ATOM 538  H HG2  . MET A 1 45  ? -0.421  10.803  5.045   1.00 0.00 ? 74  MET A HG2  1 
ATOM 539  H HG3  . MET A 1 45  ? -1.398  9.407   5.257   1.00 0.00 ? 74  MET A HG3  1 
ATOM 540  H HE1  . MET A 1 45  ? 0.106   12.488  6.684   1.00 0.00 ? 74  MET A HE1  1 
ATOM 541  H HE2  . MET A 1 45  ? -1.626  12.712  6.335   1.00 0.00 ? 74  MET A HE2  1 
ATOM 542  H HE3  . MET A 1 45  ? -1.017  12.813  7.983   1.00 0.00 ? 74  MET A HE3  1 
ATOM 543  N N    . MET A 1 46  ? 0.925   8.925   8.119   1.00 0.00 ? 75  MET A N    1 
ATOM 544  C CA   . MET A 1 46  ? 0.861   8.435   9.519   1.00 0.00 ? 75  MET A CA   1 
ATOM 545  C C    . MET A 1 46  ? -0.524  7.911   9.930   1.00 0.00 ? 75  MET A C    1 
ATOM 546  O O    . MET A 1 46  ? -0.696  7.661   11.107  1.00 0.00 ? 75  MET A O    1 
ATOM 547  C CB   . MET A 1 46  ? 1.223   9.563   10.486  1.00 0.00 ? 75  MET A CB   1 
ATOM 548  C CG   . MET A 1 46  ? 0.282   10.749  10.230  1.00 0.00 ? 75  MET A CG   1 
ATOM 549  S SD   . MET A 1 46  ? 0.288   12.080  11.459  1.00 0.00 ? 75  MET A SD   1 
ATOM 550  C CE   . MET A 1 46  ? 1.733   13.004  10.878  1.00 0.00 ? 75  MET A CE   1 
ATOM 551  H H    . MET A 1 46  ? 0.136   8.890   7.544   1.00 0.00 ? 75  MET A H    1 
ATOM 552  H HA   . MET A 1 46  ? 1.571   7.629   9.630   1.00 0.00 ? 75  MET A HA   1 
ATOM 553  H HB2  . MET A 1 46  ? 1.094   9.223   11.503  1.00 0.00 ? 75  MET A HB2  1 
ATOM 554  H HB3  . MET A 1 46  ? 2.249   9.870   10.357  1.00 0.00 ? 75  MET A HB3  1 
ATOM 555  H HG2  . MET A 1 46  ? 0.541   11.189  9.278   1.00 0.00 ? 75  MET A HG2  1 
ATOM 556  H HG3  . MET A 1 46  ? -0.728  10.374  10.143  1.00 0.00 ? 75  MET A HG3  1 
ATOM 557  H HE1  . MET A 1 46  ? 1.583   13.328  9.858   1.00 0.00 ? 75  MET A HE1  1 
ATOM 558  H HE2  . MET A 1 46  ? 1.849   13.880  11.500  1.00 0.00 ? 75  MET A HE2  1 
ATOM 559  H HE3  . MET A 1 46  ? 2.623   12.399  10.968  1.00 0.00 ? 75  MET A HE3  1 
ATOM 560  N N    . THR A 1 47  ? -1.490  7.729   9.051   1.00 0.00 ? 76  THR A N    1 
ATOM 561  C CA   . THR A 1 47  ? -2.768  7.227   9.633   1.00 0.00 ? 76  THR A CA   1 
ATOM 562  C C    . THR A 1 47  ? -3.108  5.775   9.609   1.00 0.00 ? 76  THR A C    1 
ATOM 563  O O    . THR A 1 47  ? -3.608  5.194   8.669   1.00 0.00 ? 76  THR A O    1 
ATOM 564  C CB   . THR A 1 47  ? -3.876  7.953   9.034   1.00 0.00 ? 76  THR A CB   1 
ATOM 565  O OG1  . THR A 1 47  ? -3.436  8.433   7.774   1.00 0.00 ? 76  THR A OG1  1 
ATOM 566  C CG2  . THR A 1 47  ? -4.022  9.111   9.978   1.00 0.00 ? 76  THR A CG2  1 
ATOM 567  H H    . THR A 1 47  ? -1.408  7.884   8.078   1.00 0.00 ? 76  THR A H    1 
ATOM 568  H HA   . THR A 1 47  ? -2.804  7.526   10.657  1.00 0.00 ? 76  THR A HA   1 
ATOM 569  H HB   . THR A 1 47  ? -4.734  7.314   8.991   1.00 0.00 ? 76  THR A HB   1 
ATOM 570  H HG1  . THR A 1 47  ? -3.543  9.388   7.767   1.00 0.00 ? 76  THR A HG1  1 
ATOM 571  H HG21 . THR A 1 47  ? -4.199  8.686   10.962  1.00 0.00 ? 76  THR A HG21 1 
ATOM 572  H HG22 . THR A 1 47  ? -3.083  9.639   9.987   1.00 0.00 ? 76  THR A HG22 1 
ATOM 573  H HG23 . THR A 1 47  ? -4.827  9.764   9.688   1.00 0.00 ? 76  THR A HG23 1 
ATOM 574  N N    . ARG A 1 48  ? -2.782  5.293   10.762  1.00 0.00 ? 77  ARG A N    1 
ATOM 575  C CA   . ARG A 1 48  ? -2.963  3.860   11.121  1.00 0.00 ? 77  ARG A CA   1 
ATOM 576  C C    . ARG A 1 48  ? -4.180  3.539   11.984  1.00 0.00 ? 77  ARG A C    1 
ATOM 577  O O    . ARG A 1 48  ? -4.859  4.415   12.479  1.00 0.00 ? 77  ARG A O    1 
ATOM 578  C CB   . ARG A 1 48  ? -1.668  3.385   11.820  1.00 0.00 ? 77  ARG A CB   1 
ATOM 579  C CG   . ARG A 1 48  ? -1.201  4.328   12.946  1.00 0.00 ? 77  ARG A CG   1 
ATOM 580  C CD   . ARG A 1 48  ? -2.075  4.203   14.194  1.00 0.00 ? 77  ARG A CD   1 
ATOM 581  N NE   . ARG A 1 48  ? -2.345  5.584   14.673  1.00 0.00 ? 77  ARG A NE   1 
ATOM 582  C CZ   . ARG A 1 48  ? -3.555  6.060   14.573  1.00 0.00 ? 77  ARG A CZ   1 
ATOM 583  N NH1  . ARG A 1 48  ? -4.474  5.641   15.398  1.00 0.00 ? 77  ARG A NH1  1 
ATOM 584  N NH2  . ARG A 1 48  ? -3.804  6.941   13.644  1.00 0.00 ? 77  ARG A NH2  1 
ATOM 585  H H    . ARG A 1 48  ? -2.434  5.971   11.381  1.00 0.00 ? 77  ARG A H    1 
ATOM 586  H HA   . ARG A 1 48  ? -3.048  3.301   10.209  1.00 0.00 ? 77  ARG A HA   1 
ATOM 587  H HB2  . ARG A 1 48  ? -1.840  2.396   12.216  1.00 0.00 ? 77  ARG A HB2  1 
ATOM 588  H HB3  . ARG A 1 48  ? -0.883  3.327   11.084  1.00 0.00 ? 77  ARG A HB3  1 
ATOM 589  H HG2  . ARG A 1 48  ? -0.187  4.071   13.212  1.00 0.00 ? 77  ARG A HG2  1 
ATOM 590  H HG3  . ARG A 1 48  ? -1.203  5.352   12.604  1.00 0.00 ? 77  ARG A HG3  1 
ATOM 591  H HD2  . ARG A 1 48  ? -3.004  3.687   14.029  1.00 0.00 ? 77  ARG A HD2  1 
ATOM 592  H HD3  . ARG A 1 48  ? -1.525  3.683   14.963  1.00 0.00 ? 77  ARG A HD3  1 
ATOM 593  H HE   . ARG A 1 48  ? -1.625  6.127   15.058  1.00 0.00 ? 77  ARG A HE   1 
ATOM 594  H HH11 . ARG A 1 48  ? -4.250  4.963   16.097  1.00 0.00 ? 77  ARG A HH11 1 
ATOM 595  H HH12 . ARG A 1 48  ? -5.405  6.001   15.329  1.00 0.00 ? 77  ARG A HH12 1 
ATOM 596  H HH21 . ARG A 1 48  ? -3.077  7.237   13.025  1.00 0.00 ? 77  ARG A HH21 1 
ATOM 597  H HH22 . ARG A 1 48  ? -4.725  7.321   13.551  1.00 0.00 ? 77  ARG A HH22 1 
ATOM 598  N N    . ARG A 1 49  ? -4.410  2.262   12.123  1.00 0.00 ? 78  ARG A N    1 
ATOM 599  C CA   . ARG A 1 49  ? -5.548  1.759   12.942  1.00 0.00 ? 78  ARG A CA   1 
ATOM 600  C C    . ARG A 1 49  ? -5.014  0.530   13.669  1.00 0.00 ? 78  ARG A C    1 
ATOM 601  O O    . ARG A 1 49  ? -5.580  -0.545  13.641  1.00 0.00 ? 78  ARG A O    1 
ATOM 602  C CB   . ARG A 1 49  ? -6.727  1.412   12.008  1.00 0.00 ? 78  ARG A CB   1 
ATOM 603  C CG   . ARG A 1 49  ? -7.743  2.556   12.119  1.00 0.00 ? 78  ARG A CG   1 
ATOM 604  C CD   . ARG A 1 49  ? -8.391  2.489   13.515  1.00 0.00 ? 78  ARG A CD   1 
ATOM 605  N NE   . ARG A 1 49  ? -8.431  3.867   14.081  1.00 0.00 ? 78  ARG A NE   1 
ATOM 606  C CZ   . ARG A 1 49  ? -9.573  4.394   14.427  1.00 0.00 ? 78  ARG A CZ   1 
ATOM 607  N NH1  . ARG A 1 49  ? -10.168 3.962   15.505  1.00 0.00 ? 78  ARG A NH1  1 
ATOM 608  N NH2  . ARG A 1 49  ? -10.082 5.335   13.683  1.00 0.00 ? 78  ARG A NH2  1 
ATOM 609  H H    . ARG A 1 49  ? -3.823  1.614   11.678  1.00 0.00 ? 78  ARG A H    1 
ATOM 610  H HA   . ARG A 1 49  ? -5.795  2.507   13.677  1.00 0.00 ? 78  ARG A HA   1 
ATOM 611  H HB2  . ARG A 1 49  ? -6.372  1.333   10.990  1.00 0.00 ? 78  ARG A HB2  1 
ATOM 612  H HB3  . ARG A 1 49  ? -7.196  0.478   12.283  1.00 0.00 ? 78  ARG A HB3  1 
ATOM 613  H HG2  . ARG A 1 49  ? -7.253  3.508   11.989  1.00 0.00 ? 78  ARG A HG2  1 
ATOM 614  H HG3  . ARG A 1 49  ? -8.504  2.449   11.360  1.00 0.00 ? 78  ARG A HG3  1 
ATOM 615  H HD2  . ARG A 1 49  ? -9.402  2.120   13.433  1.00 0.00 ? 78  ARG A HD2  1 
ATOM 616  H HD3  . ARG A 1 49  ? -7.838  1.848   14.185  1.00 0.00 ? 78  ARG A HD3  1 
ATOM 617  H HE   . ARG A 1 49  ? -7.600  4.375   14.194  1.00 0.00 ? 78  ARG A HE   1 
ATOM 618  H HH11 . ARG A 1 49  ? -9.749  3.239   16.055  1.00 0.00 ? 78  ARG A HH11 1 
ATOM 619  H HH12 . ARG A 1 49  ? -11.044 4.357   15.782  1.00 0.00 ? 78  ARG A HH12 1 
ATOM 620  H HH21 . ARG A 1 49  ? -9.600  5.640   12.862  1.00 0.00 ? 78  ARG A HH21 1 
ATOM 621  H HH22 . ARG A 1 49  ? -10.956 5.751   13.934  1.00 0.00 ? 78  ARG A HH22 1 
ATOM 622  N N    . ILE A 1 50  ? -3.900  0.755   14.309  1.00 0.00 ? 79  ILE A N    1 
ATOM 623  C CA   . ILE A 1 50  ? -3.230  -0.333  15.069  1.00 0.00 ? 79  ILE A CA   1 
ATOM 624  C C    . ILE A 1 50  ? -4.015  -1.208  16.010  1.00 0.00 ? 79  ILE A C    1 
ATOM 625  O O    . ILE A 1 50  ? -5.045  -0.870  16.557  1.00 0.00 ? 79  ILE A O    1 
ATOM 626  C CB   . ILE A 1 50  ? -2.063  0.267   15.864  1.00 0.00 ? 79  ILE A CB   1 
ATOM 627  C CG1  . ILE A 1 50  ? -2.448  1.504   16.704  1.00 0.00 ? 79  ILE A CG1  1 
ATOM 628  C CG2  . ILE A 1 50  ? -0.998  0.595   14.867  1.00 0.00 ? 79  ILE A CG2  1 
ATOM 629  C CD1  . ILE A 1 50  ? -2.885  1.065   18.111  1.00 0.00 ? 79  ILE A CD1  1 
ATOM 630  H H    . ILE A 1 50  ? -3.500  1.649   14.284  1.00 0.00 ? 79  ILE A H    1 
ATOM 631  H HA   . ILE A 1 50  ? -2.816  -0.999  14.338  1.00 0.00 ? 79  ILE A HA   1 
ATOM 632  H HB   . ILE A 1 50  ? -1.676  -0.490  16.529  1.00 0.00 ? 79  ILE A HB   1 
ATOM 633  H HG12 . ILE A 1 50  ? -1.600  2.167   16.784  1.00 0.00 ? 79  ILE A HG12 1 
ATOM 634  H HG13 . ILE A 1 50  ? -3.259  2.044   16.241  1.00 0.00 ? 79  ILE A HG13 1 
ATOM 635  H HG21 . ILE A 1 50  ? -1.400  1.272   14.129  1.00 0.00 ? 79  ILE A HG21 1 
ATOM 636  H HG22 . ILE A 1 50  ? -0.136  1.032   15.346  1.00 0.00 ? 79  ILE A HG22 1 
ATOM 637  H HG23 . ILE A 1 50  ? -0.720  -0.339  14.400  1.00 0.00 ? 79  ILE A HG23 1 
ATOM 638  H HD11 . ILE A 1 50  ? -2.076  0.543   18.600  1.00 0.00 ? 79  ILE A HD11 1 
ATOM 639  H HD12 . ILE A 1 50  ? -3.140  1.935   18.698  1.00 0.00 ? 79  ILE A HD12 1 
ATOM 640  H HD13 . ILE A 1 50  ? -3.743  0.415   18.070  1.00 0.00 ? 79  ILE A HD13 1 
ATOM 641  N N    . MET A 1 51  ? -3.421  -2.361  16.121  1.00 0.00 ? 80  MET A N    1 
ATOM 642  C CA   . MET A 1 51  ? -3.961  -3.433  16.994  1.00 0.00 ? 80  MET A CA   1 
ATOM 643  C C    . MET A 1 51  ? -2.778  -4.275  17.436  1.00 0.00 ? 80  MET A C    1 
ATOM 644  O O    . MET A 1 51  ? -2.822  -5.484  17.543  1.00 0.00 ? 80  MET A O    1 
ATOM 645  C CB   . MET A 1 51  ? -4.990  -4.237  16.184  1.00 0.00 ? 80  MET A CB   1 
ATOM 646  C CG   . MET A 1 51  ? -4.355  -4.823  14.918  1.00 0.00 ? 80  MET A CG   1 
ATOM 647  S SD   . MET A 1 51  ? -5.488  -5.501  13.680  1.00 0.00 ? 80  MET A SD   1 
ATOM 648  C CE   . MET A 1 51  ? -5.982  -7.001  14.566  1.00 0.00 ? 80  MET A CE   1 
ATOM 649  H H    . MET A 1 51  ? -2.592  -2.497  15.609  1.00 0.00 ? 80  MET A H    1 
ATOM 650  H HA   . MET A 1 51  ? -4.377  -2.972  17.870  1.00 0.00 ? 80  MET A HA   1 
ATOM 651  H HB2  . MET A 1 51  ? -5.371  -5.031  16.809  1.00 0.00 ? 80  MET A HB2  1 
ATOM 652  H HB3  . MET A 1 51  ? -5.812  -3.592  15.911  1.00 0.00 ? 80  MET A HB3  1 
ATOM 653  H HG2  . MET A 1 51  ? -3.778  -4.050  14.436  1.00 0.00 ? 80  MET A HG2  1 
ATOM 654  H HG3  . MET A 1 51  ? -3.674  -5.612  15.200  1.00 0.00 ? 80  MET A HG3  1 
ATOM 655  H HE1  . MET A 1 51  ? -5.109  -7.494  14.966  1.00 0.00 ? 80  MET A HE1  1 
ATOM 656  H HE2  . MET A 1 51  ? -6.679  -6.753  15.352  1.00 0.00 ? 80  MET A HE2  1 
ATOM 657  H HE3  . MET A 1 51  ? -6.456  -7.672  13.866  1.00 0.00 ? 80  MET A HE3  1 
ATOM 658  N N    . GLY A 1 52  ? -1.737  -3.536  17.682  1.00 0.00 ? 81  GLY A N    1 
ATOM 659  C CA   . GLY A 1 52  ? -0.446  -4.135  18.131  1.00 0.00 ? 81  GLY A CA   1 
ATOM 660  C C    . GLY A 1 52  ? 0.505   -4.264  16.933  1.00 0.00 ? 81  GLY A C    1 
ATOM 661  O O    . GLY A 1 52  ? 1.495   -3.570  16.821  1.00 0.00 ? 81  GLY A O    1 
ATOM 662  H H    . GLY A 1 52  ? -1.840  -2.569  17.566  1.00 0.00 ? 81  GLY A H    1 
ATOM 663  H HA2  . GLY A 1 52  ? 0.002   -3.490  18.874  1.00 0.00 ? 81  GLY A HA2  1 
ATOM 664  H HA3  . GLY A 1 52  ? -0.625  -5.111  18.558  1.00 0.00 ? 81  GLY A HA3  1 
ATOM 665  N N    . LYS A 1 53  ? 0.145   -5.176  16.070  1.00 0.00 ? 82  LYS A N    1 
ATOM 666  C CA   . LYS A 1 53  ? 0.936   -5.456  14.838  1.00 0.00 ? 82  LYS A CA   1 
ATOM 667  C C    . LYS A 1 53  ? -0.004  -5.183  13.682  1.00 0.00 ? 82  LYS A C    1 
ATOM 668  O O    . LYS A 1 53  ? -0.860  -4.350  13.896  1.00 0.00 ? 82  LYS A O    1 
ATOM 669  C CB   . LYS A 1 53  ? 1.400   -6.917  14.867  1.00 0.00 ? 82  LYS A CB   1 
ATOM 670  C CG   . LYS A 1 53  ? 2.232   -7.136  16.151  1.00 0.00 ? 82  LYS A CG   1 
ATOM 671  C CD   . LYS A 1 53  ? 1.335   -7.611  17.315  1.00 0.00 ? 82  LYS A CD   1 
ATOM 672  C CE   . LYS A 1 53  ? 2.197   -7.728  18.574  1.00 0.00 ? 82  LYS A CE   1 
ATOM 673  N NZ   . LYS A 1 53  ? 3.251   -8.761  18.376  1.00 0.00 ? 82  LYS A NZ   1 
ATOM 674  H H    . LYS A 1 53  ? -0.671  -5.691  16.239  1.00 0.00 ? 82  LYS A H    1 
ATOM 675  H HA   . LYS A 1 53  ? 1.760   -4.755  14.733  1.00 0.00 ? 82  LYS A HA   1 
ATOM 676  H HB2  . LYS A 1 53  ? 0.540   -7.572  14.863  1.00 0.00 ? 82  LYS A HB2  1 
ATOM 677  H HB3  . LYS A 1 53  ? 2.007   -7.128  13.999  1.00 0.00 ? 82  LYS A HB3  1 
ATOM 678  H HG2  . LYS A 1 53  ? 3.006   -7.864  15.973  1.00 0.00 ? 82  LYS A HG2  1 
ATOM 679  H HG3  . LYS A 1 53  ? 2.706   -6.207  16.428  1.00 0.00 ? 82  LYS A HG3  1 
ATOM 680  H HD2  . LYS A 1 53  ? 0.518   -6.937  17.506  1.00 0.00 ? 82  LYS A HD2  1 
ATOM 681  H HD3  . LYS A 1 53  ? 0.927   -8.581  17.075  1.00 0.00 ? 82  LYS A HD3  1 
ATOM 682  H HE2  . LYS A 1 53  ? 2.674   -6.784  18.792  1.00 0.00 ? 82  LYS A HE2  1 
ATOM 683  H HE3  . LYS A 1 53  ? 1.584   -8.014  19.417  1.00 0.00 ? 82  LYS A HE3  1 
ATOM 684  H HZ1  . LYS A 1 53  ? 3.155   -9.176  17.428  1.00 0.00 ? 82  LYS A HZ1  1 
ATOM 685  H HZ2  . LYS A 1 53  ? 4.190   -8.324  18.470  1.00 0.00 ? 82  LYS A HZ2  1 
ATOM 686  H HZ3  . LYS A 1 53  ? 3.143   -9.508  19.093  1.00 0.00 ? 82  LYS A HZ3  1 
ATOM 687  N N    . ALA A 1 54  ? 0.159   -5.848  12.553  1.00 0.00 ? 83  ALA A N    1 
ATOM 688  C CA   . ALA A 1 54  ? -0.719  -5.619  11.369  1.00 0.00 ? 83  ALA A CA   1 
ATOM 689  C C    . ALA A 1 54  ? -1.839  -4.644  11.573  1.00 0.00 ? 83  ALA A C    1 
ATOM 690  O O    . ALA A 1 54  ? -2.784  -4.829  12.313  1.00 0.00 ? 83  ALA A O    1 
ATOM 691  C CB   . ALA A 1 54  ? -1.280  -6.781  10.980  1.00 0.00 ? 83  ALA A CB   1 
ATOM 692  H H    . ALA A 1 54  ? 0.860   -6.523  12.450  1.00 0.00 ? 83  ALA A H    1 
ATOM 693  H HA   . ALA A 1 54  ? -0.135  -5.355  10.496  1.00 0.00 ? 83  ALA A HA   1 
ATOM 694  H HB1  . ALA A 1 54  ? -0.394  -7.360  10.793  1.00 0.00 ? 83  ALA A HB1  1 
ATOM 695  H HB2  . ALA A 1 54  ? -1.957  -7.177  11.713  1.00 0.00 ? 83  ALA A HB2  1 
ATOM 696  H HB3  . ALA A 1 54  ? -1.718  -6.290  10.121  1.00 0.00 ? 83  ALA A HB3  1 
ATOM 697  N N    . SER A 1 55  ? -1.640  -3.615  10.833  1.00 0.00 ? 84  SER A N    1 
ATOM 698  C CA   . SER A 1 55  ? -2.541  -2.465  10.830  1.00 0.00 ? 84  SER A CA   1 
ATOM 699  C C    . SER A 1 55  ? -3.109  -2.132  9.474   1.00 0.00 ? 84  SER A C    1 
ATOM 700  O O    . SER A 1 55  ? -2.822  -2.763  8.481   1.00 0.00 ? 84  SER A O    1 
ATOM 701  C CB   . SER A 1 55  ? -1.690  -1.389  11.392  1.00 0.00 ? 84  SER A CB   1 
ATOM 702  O OG   . SER A 1 55  ? -1.497  -1.792  12.736  1.00 0.00 ? 84  SER A OG   1 
ATOM 703  H H    . SER A 1 55  ? -0.864  -3.619  10.242  1.00 0.00 ? 84  SER A H    1 
ATOM 704  H HA   . SER A 1 55  ? -3.359  -2.645  11.512  1.00 0.00 ? 84  SER A HA   1 
ATOM 705  H HB2  . SER A 1 55  ? -0.721  -1.413  10.909  1.00 0.00 ? 84  SER A HB2  1 
ATOM 706  H HB3  . SER A 1 55  ? -2.133  -0.420  11.321  1.00 0.00 ? 84  SER A HB3  1 
ATOM 707  H HG   . SER A 1 55  ? -1.962  -2.619  12.880  1.00 0.00 ? 84  SER A HG   1 
ATOM 708  N N    . PHE A 1 56  ? -3.927  -1.126  9.496   1.00 0.00 ? 85  PHE A N    1 
ATOM 709  C CA   . PHE A 1 56  ? -4.563  -0.645  8.273   1.00 0.00 ? 85  PHE A CA   1 
ATOM 710  C C    . PHE A 1 56  ? -4.023  0.760   8.342   1.00 0.00 ? 85  PHE A C    1 
ATOM 711  O O    . PHE A 1 56  ? -4.073  1.399   9.371   1.00 0.00 ? 85  PHE A O    1 
ATOM 712  C CB   . PHE A 1 56  ? -6.014  -0.779  8.488   1.00 0.00 ? 85  PHE A CB   1 
ATOM 713  C CG   . PHE A 1 56  ? -6.182  -2.245  8.915   1.00 0.00 ? 85  PHE A CG   1 
ATOM 714  C CD1  . PHE A 1 56  ? -5.696  -3.267  8.115   1.00 0.00 ? 85  PHE A CD1  1 
ATOM 715  C CD2  . PHE A 1 56  ? -6.792  -2.563  10.111  1.00 0.00 ? 85  PHE A CD2  1 
ATOM 716  C CE1  . PHE A 1 56  ? -5.809  -4.585  8.501   1.00 0.00 ? 85  PHE A CE1  1 
ATOM 717  C CE2  . PHE A 1 56  ? -6.911  -3.883  10.502  1.00 0.00 ? 85  PHE A CE2  1 
ATOM 718  C CZ   . PHE A 1 56  ? -6.420  -4.894  9.699   1.00 0.00 ? 85  PHE A CZ   1 
ATOM 719  H H    . PHE A 1 56  ? -4.154  -0.663  10.324  1.00 0.00 ? 85  PHE A H    1 
ATOM 720  H HA   . PHE A 1 56  ? -4.178  -1.153  7.403   1.00 0.00 ? 85  PHE A HA   1 
ATOM 721  H HB2  . PHE A 1 56  ? -6.380  -0.108  9.248   1.00 0.00 ? 85  PHE A HB2  1 
ATOM 722  H HB3  . PHE A 1 56  ? -6.475  -0.588  7.547   1.00 0.00 ? 85  PHE A HB3  1 
ATOM 723  H HD1  . PHE A 1 56  ? -5.222  -3.036  7.174   1.00 0.00 ? 85  PHE A HD1  1 
ATOM 724  H HD2  . PHE A 1 56  ? -7.175  -1.776  10.743  1.00 0.00 ? 85  PHE A HD2  1 
ATOM 725  H HE1  . PHE A 1 56  ? -5.409  -5.367  7.864   1.00 0.00 ? 85  PHE A HE1  1 
ATOM 726  H HE2  . PHE A 1 56  ? -7.389  -4.126  11.440  1.00 0.00 ? 85  PHE A HE2  1 
ATOM 727  H HZ   . PHE A 1 56  ? -6.514  -5.924  10.009  1.00 0.00 ? 85  PHE A HZ   1 
ATOM 728  N N    . VAL A 1 57  ? -3.522  1.184   7.228   1.00 0.00 ? 86  VAL A N    1 
ATOM 729  C CA   . VAL A 1 57  ? -2.923  2.543   7.138   1.00 0.00 ? 86  VAL A CA   1 
ATOM 730  C C    . VAL A 1 57  ? -3.469  3.421   6.030   1.00 0.00 ? 86  VAL A C    1 
ATOM 731  O O    . VAL A 1 57  ? -4.214  2.977   5.188   1.00 0.00 ? 86  VAL A O    1 
ATOM 732  C CB   . VAL A 1 57  ? -1.437  2.266   7.005   1.00 0.00 ? 86  VAL A CB   1 
ATOM 733  C CG1  . VAL A 1 57  ? -0.670  3.399   6.376   1.00 0.00 ? 86  VAL A CG1  1 
ATOM 734  C CG2  . VAL A 1 57  ? -0.930  2.108   8.417   1.00 0.00 ? 86  VAL A CG2  1 
ATOM 735  H H    . VAL A 1 57  ? -3.560  0.589   6.448   1.00 0.00 ? 86  VAL A H    1 
ATOM 736  H HA   . VAL A 1 57  ? -3.011  3.073   8.075   1.00 0.00 ? 86  VAL A HA   1 
ATOM 737  H HB   . VAL A 1 57  ? -1.282  1.358   6.446   1.00 0.00 ? 86  VAL A HB   1 
ATOM 738  H HG11 . VAL A 1 57  ? -1.062  3.579   5.390   1.00 0.00 ? 86  VAL A HG11 1 
ATOM 739  H HG12 . VAL A 1 57  ? -0.741  4.294   6.975   1.00 0.00 ? 86  VAL A HG12 1 
ATOM 740  H HG13 . VAL A 1 57  ? 0.362   3.101   6.285   1.00 0.00 ? 86  VAL A HG13 1 
ATOM 741  H HG21 . VAL A 1 57  ? -1.148  3.021   8.950   1.00 0.00 ? 86  VAL A HG21 1 
ATOM 742  H HG22 . VAL A 1 57  ? -1.427  1.287   8.908   1.00 0.00 ? 86  VAL A HG22 1 
ATOM 743  H HG23 . VAL A 1 57  ? 0.133   1.931   8.411   1.00 0.00 ? 86  VAL A HG23 1 
ATOM 744  N N    . THR A 1 58  ? -3.084  4.662   6.088   1.00 0.00 ? 87  THR A N    1 
ATOM 745  C CA   . THR A 1 58  ? -3.514  5.641   5.067   1.00 0.00 ? 87  THR A CA   1 
ATOM 746  C C    . THR A 1 58  ? -2.344  6.596   4.900   1.00 0.00 ? 87  THR A C    1 
ATOM 747  O O    . THR A 1 58  ? -1.846  7.137   5.879   1.00 0.00 ? 87  THR A O    1 
ATOM 748  C CB   . THR A 1 58  ? -4.728  6.423   5.514   1.00 0.00 ? 87  THR A CB   1 
ATOM 749  O OG1  . THR A 1 58  ? -5.723  5.436   5.730   1.00 0.00 ? 87  THR A OG1  1 
ATOM 750  C CG2  . THR A 1 58  ? -5.229  7.207   4.299   1.00 0.00 ? 87  THR A CG2  1 
ATOM 751  H H    . THR A 1 58  ? -2.500  4.954   6.818   1.00 0.00 ? 87  THR A H    1 
ATOM 752  H HA   . THR A 1 58  ? -3.692  5.133   4.131   1.00 0.00 ? 87  THR A HA   1 
ATOM 753  H HB   . THR A 1 58  ? -4.585  7.018   6.399   1.00 0.00 ? 87  THR A HB   1 
ATOM 754  H HG1  . THR A 1 58  ? -5.974  5.468   6.656   1.00 0.00 ? 87  THR A HG1  1 
ATOM 755  H HG21 . THR A 1 58  ? -4.432  7.824   3.907   1.00 0.00 ? 87  THR A HG21 1 
ATOM 756  H HG22 . THR A 1 58  ? -5.527  6.514   3.528   1.00 0.00 ? 87  THR A HG22 1 
ATOM 757  H HG23 . THR A 1 58  ? -6.073  7.826   4.563   1.00 0.00 ? 87  THR A HG23 1 
ATOM 758  N N    . LEU A 1 59  ? -1.968  6.746   3.652   1.00 0.00 ? 88  LEU A N    1 
ATOM 759  C CA   . LEU A 1 59  ? -0.839  7.643   3.302   1.00 0.00 ? 88  LEU A CA   1 
ATOM 760  C C    . LEU A 1 59  ? -1.146  8.753   2.339   1.00 0.00 ? 88  LEU A C    1 
ATOM 761  O O    . LEU A 1 59  ? -2.191  8.749   1.728   1.00 0.00 ? 88  LEU A O    1 
ATOM 762  C CB   . LEU A 1 59  ? 0.263   6.869   2.691   1.00 0.00 ? 88  LEU A CB   1 
ATOM 763  C CG   . LEU A 1 59  ? 1.230   6.403   3.752   1.00 0.00 ? 88  LEU A CG   1 
ATOM 764  C CD1  . LEU A 1 59  ? 1.073   4.932   3.956   1.00 0.00 ? 88  LEU A CD1  1 
ATOM 765  C CD2  . LEU A 1 59  ? 2.628   6.806   3.314   1.00 0.00 ? 88  LEU A CD2  1 
ATOM 766  H H    . LEU A 1 59  ? -2.428  6.261   2.933   1.00 0.00 ? 88  LEU A H    1 
ATOM 767  H HA   . LEU A 1 59  ? -0.521  8.105   4.197   1.00 0.00 ? 88  LEU A HA   1 
ATOM 768  H HB2  . LEU A 1 59  ? -0.223  6.033   2.211   1.00 0.00 ? 88  LEU A HB2  1 
ATOM 769  H HB3  . LEU A 1 59  ? 0.762   7.496   1.967   1.00 0.00 ? 88  LEU A HB3  1 
ATOM 770  H HG   . LEU A 1 59  ? 1.014   6.839   4.703   1.00 0.00 ? 88  LEU A HG   1 
ATOM 771  H HD11 . LEU A 1 59  ? 0.046   4.791   4.245   1.00 0.00 ? 88  LEU A HD11 1 
ATOM 772  H HD12 . LEU A 1 59  ? 1.278   4.386   3.048   1.00 0.00 ? 88  LEU A HD12 1 
ATOM 773  H HD13 . LEU A 1 59  ? 1.724   4.600   4.751   1.00 0.00 ? 88  LEU A HD13 1 
ATOM 774  H HD21 . LEU A 1 59  ? 2.639   7.881   3.171   1.00 0.00 ? 88  LEU A HD21 1 
ATOM 775  H HD22 . LEU A 1 59  ? 3.350   6.534   4.070   1.00 0.00 ? 88  LEU A HD22 1 
ATOM 776  H HD23 . LEU A 1 59  ? 2.880   6.325   2.380   1.00 0.00 ? 88  LEU A HD23 1 
ATOM 777  N N    . GLN A 1 60  ? -0.213  9.671   2.229   1.00 0.00 ? 89  GLN A N    1 
ATOM 778  C CA   . GLN A 1 60  ? -0.430  10.797  1.301   1.00 0.00 ? 89  GLN A CA   1 
ATOM 779  C C    . GLN A 1 60  ? 0.679   10.756  0.242   1.00 0.00 ? 89  GLN A C    1 
ATOM 780  O O    . GLN A 1 60  ? 1.728   10.175  0.454   1.00 0.00 ? 89  GLN A O    1 
ATOM 781  C CB   . GLN A 1 60  ? -0.282  12.126  1.996   1.00 0.00 ? 89  GLN A CB   1 
ATOM 782  C CG   . GLN A 1 60  ? -1.433  12.513  2.890   1.00 0.00 ? 89  GLN A CG   1 
ATOM 783  C CD   . GLN A 1 60  ? -1.021  13.773  3.650   1.00 0.00 ? 89  GLN A CD   1 
ATOM 784  O OE1  . GLN A 1 60  ? -0.084  13.777  4.423   1.00 0.00 ? 89  GLN A OE1  1 
ATOM 785  N NE2  . GLN A 1 60  ? -1.702  14.867  3.449   1.00 0.00 ? 89  GLN A NE2  1 
ATOM 786  H H    . GLN A 1 60  ? 0.633   9.656   2.735   1.00 0.00 ? 89  GLN A H    1 
ATOM 787  H HA   . GLN A 1 60  ? -1.411  10.643  0.839   1.00 0.00 ? 89  GLN A HA   1 
ATOM 788  H HB2  . GLN A 1 60  ? 0.610   12.113  2.595   1.00 0.00 ? 89  GLN A HB2  1 
ATOM 789  H HB3  . GLN A 1 60  ? -0.130  12.852  1.230   1.00 0.00 ? 89  GLN A HB3  1 
ATOM 790  H HG2  . GLN A 1 60  ? -2.280  12.779  2.284   1.00 0.00 ? 89  GLN A HG2  1 
ATOM 791  H HG3  . GLN A 1 60  ? -1.689  11.724  3.579   1.00 0.00 ? 89  GLN A HG3  1 
ATOM 792  H HE21 . GLN A 1 60  ? -2.456  14.865  2.823   1.00 0.00 ? 89  GLN A HE21 1 
ATOM 793  H HE22 . GLN A 1 60  ? -1.462  15.691  3.923   1.00 0.00 ? 89  GLN A HE22 1 
ATOM 794  N N    . ASP A 1 61  ? 0.403   11.394  -0.861  1.00 0.00 ? 90  ASP A N    1 
ATOM 795  C CA   . ASP A 1 61  ? 1.375   11.453  -1.979  1.00 0.00 ? 90  ASP A CA   1 
ATOM 796  C C    . ASP A 1 61  ? 1.280   12.889  -2.433  1.00 0.00 ? 90  ASP A C    1 
ATOM 797  O O    . ASP A 1 61  ? 0.599   13.677  -1.807  1.00 0.00 ? 90  ASP A O    1 
ATOM 798  C CB   . ASP A 1 61  ? 0.940   10.486  -3.079  1.00 0.00 ? 90  ASP A CB   1 
ATOM 799  C CG   . ASP A 1 61  ? -0.528  10.702  -3.466  1.00 0.00 ? 90  ASP A CG   1 
ATOM 800  O OD1  . ASP A 1 61  ? -0.842  11.784  -3.936  1.00 0.00 ? 90  ASP A OD1  1 
ATOM 801  O OD2  . ASP A 1 61  ? -1.260  9.747   -3.261  1.00 0.00 ? 90  ASP A OD2  1 
ATOM 802  H H    . ASP A 1 61  ? -0.458  11.859  -0.983  1.00 0.00 ? 90  ASP A H    1 
ATOM 803  H HA   . ASP A 1 61  ? 2.395   11.259  -1.659  1.00 0.00 ? 90  ASP A HA   1 
ATOM 804  H HB2  . ASP A 1 61  ? 1.550   10.648  -3.951  1.00 0.00 ? 90  ASP A HB2  1 
ATOM 805  H HB3  . ASP A 1 61  ? 1.065   9.467   -2.744  1.00 0.00 ? 90  ASP A HB3  1 
ATOM 806  N N    . VAL A 1 62  ? 1.969   13.157  -3.501  1.00 0.00 ? 91  VAL A N    1 
ATOM 807  C CA   . VAL A 1 62  ? 1.995   14.509  -4.102  1.00 0.00 ? 91  VAL A CA   1 
ATOM 808  C C    . VAL A 1 62  ? 0.782   15.392  -3.796  1.00 0.00 ? 91  VAL A C    1 
ATOM 809  O O    . VAL A 1 62  ? 0.934   16.447  -3.213  1.00 0.00 ? 91  VAL A O    1 
ATOM 810  C CB   . VAL A 1 62  ? 2.162   14.303  -5.599  1.00 0.00 ? 91  VAL A CB   1 
ATOM 811  C CG1  . VAL A 1 62  ? 1.564   15.465  -6.398  1.00 0.00 ? 91  VAL A CG1  1 
ATOM 812  C CG2  . VAL A 1 62  ? 3.661   14.291  -5.806  1.00 0.00 ? 91  VAL A CG2  1 
ATOM 813  H H    . VAL A 1 62  ? 2.493   12.448  -3.916  1.00 0.00 ? 91  VAL A H    1 
ATOM 814  H HA   . VAL A 1 62  ? 2.897   14.983  -3.760  1.00 0.00 ? 91  VAL A HA   1 
ATOM 815  H HB   . VAL A 1 62  ? 1.730   13.362  -5.903  1.00 0.00 ? 91  VAL A HB   1 
ATOM 816  H HG11 . VAL A 1 62  ? 2.004   16.405  -6.101  1.00 0.00 ? 91  VAL A HG11 1 
ATOM 817  H HG12 . VAL A 1 62  ? 1.744   15.309  -7.451  1.00 0.00 ? 91  VAL A HG12 1 
ATOM 818  H HG13 . VAL A 1 62  ? 0.495   15.495  -6.240  1.00 0.00 ? 91  VAL A HG13 1 
ATOM 819  H HG21 . VAL A 1 62  ? 4.079   13.497  -5.208  1.00 0.00 ? 91  VAL A HG21 1 
ATOM 820  H HG22 . VAL A 1 62  ? 3.910   14.141  -6.846  1.00 0.00 ? 91  VAL A HG22 1 
ATOM 821  H HG23 . VAL A 1 62  ? 4.070   15.229  -5.461  1.00 0.00 ? 91  VAL A HG23 1 
ATOM 822  N N    . GLY A 1 63  ? -0.383  14.950  -4.189  1.00 0.00 ? 92  GLY A N    1 
ATOM 823  C CA   . GLY A 1 63  ? -1.597  15.769  -3.920  1.00 0.00 ? 92  GLY A CA   1 
ATOM 824  C C    . GLY A 1 63  ? -2.805  14.956  -3.462  1.00 0.00 ? 92  GLY A C    1 
ATOM 825  O O    . GLY A 1 63  ? -3.919  15.316  -3.785  1.00 0.00 ? 92  GLY A O    1 
ATOM 826  H H    . GLY A 1 63  ? -0.455  14.092  -4.652  1.00 0.00 ? 92  GLY A H    1 
ATOM 827  H HA2  . GLY A 1 63  ? -1.377  16.497  -3.152  1.00 0.00 ? 92  GLY A HA2  1 
ATOM 828  H HA3  . GLY A 1 63  ? -1.861  16.292  -4.826  1.00 0.00 ? 92  GLY A HA3  1 
ATOM 829  N N    . GLY A 1 64  ? -2.612  13.892  -2.731  1.00 0.00 ? 93  GLY A N    1 
ATOM 830  C CA   . GLY A 1 64  ? -3.848  13.155  -2.320  1.00 0.00 ? 93  GLY A CA   1 
ATOM 831  C C    . GLY A 1 64  ? -3.510  11.885  -1.566  1.00 0.00 ? 93  GLY A C    1 
ATOM 832  O O    . GLY A 1 64  ? -2.353  11.544  -1.457  1.00 0.00 ? 93  GLY A O    1 
ATOM 833  H H    . GLY A 1 64  ? -1.709  13.583  -2.472  1.00 0.00 ? 93  GLY A H    1 
ATOM 834  H HA2  . GLY A 1 64  ? -4.440  13.792  -1.679  1.00 0.00 ? 93  GLY A HA2  1 
ATOM 835  H HA3  . GLY A 1 64  ? -4.421  12.900  -3.199  1.00 0.00 ? 93  GLY A HA3  1 
ATOM 836  N N    . ARG A 1 65  ? -4.505  11.209  -1.053  1.00 0.00 ? 94  ARG A N    1 
ATOM 837  C CA   . ARG A 1 65  ? -4.214  9.972   -0.317  1.00 0.00 ? 94  ARG A CA   1 
ATOM 838  C C    . ARG A 1 65  ? -4.862  8.720   -0.869  1.00 0.00 ? 94  ARG A C    1 
ATOM 839  O O    . ARG A 1 65  ? -5.781  8.726   -1.663  1.00 0.00 ? 94  ARG A O    1 
ATOM 840  C CB   . ARG A 1 65  ? -4.698  10.081  1.044   1.00 0.00 ? 94  ARG A CB   1 
ATOM 841  C CG   . ARG A 1 65  ? -4.084  11.161  1.815   1.00 0.00 ? 94  ARG A CG   1 
ATOM 842  C CD   . ARG A 1 65  ? -4.788  12.524  1.631   1.00 0.00 ? 94  ARG A CD   1 
ATOM 843  N NE   . ARG A 1 65  ? -6.243  12.349  1.909   1.00 0.00 ? 94  ARG A NE   1 
ATOM 844  C CZ   . ARG A 1 65  ? -6.798  12.983  2.907   1.00 0.00 ? 94  ARG A CZ   1 
ATOM 845  N NH1  . ARG A 1 65  ? -6.378  12.742  4.119   1.00 0.00 ? 94  ARG A NH1  1 
ATOM 846  N NH2  . ARG A 1 65  ? -7.753  13.837  2.660   1.00 0.00 ? 94  ARG A NH2  1 
ATOM 847  H H    . ARG A 1 65  ? -5.446  11.472  -1.104  1.00 0.00 ? 94  ARG A H    1 
ATOM 848  H HA   . ARG A 1 65  ? -3.151  9.799   -0.298  1.00 0.00 ? 94  ARG A HA   1 
ATOM 849  H HB2  . ARG A 1 65  ? -5.755  10.230  0.913   1.00 0.00 ? 94  ARG A HB2  1 
ATOM 850  H HB3  . ARG A 1 65  ? -4.420  9.176   1.543   1.00 0.00 ? 94  ARG A HB3  1 
ATOM 851  H HG2  . ARG A 1 65  ? -4.029  10.850  2.846   1.00 0.00 ? 94  ARG A HG2  1 
ATOM 852  H HG3  . ARG A 1 65  ? -3.101  11.156  1.398   1.00 0.00 ? 94  ARG A HG3  1 
ATOM 853  H HD2  . ARG A 1 65  ? -4.395  13.238  2.340   1.00 0.00 ? 94  ARG A HD2  1 
ATOM 854  H HD3  . ARG A 1 65  ? -4.660  12.918  0.636   1.00 0.00 ? 94  ARG A HD3  1 
ATOM 855  H HE   . ARG A 1 65  ? -6.784  11.762  1.342   1.00 0.00 ? 94  ARG A HE   1 
ATOM 856  H HH11 . ARG A 1 65  ? -5.642  12.082  4.271   1.00 0.00 ? 94  ARG A HH11 1 
ATOM 857  H HH12 . ARG A 1 65  ? -6.794  13.217  4.896   1.00 0.00 ? 94  ARG A HH12 1 
ATOM 858  H HH21 . ARG A 1 65  ? -8.048  13.998  1.718   1.00 0.00 ? 94  ARG A HH21 1 
ATOM 859  H HH22 . ARG A 1 65  ? -8.192  14.330  3.411   1.00 0.00 ? 94  ARG A HH22 1 
ATOM 860  N N    . ILE A 1 66  ? -4.280  7.674   -0.361  1.00 0.00 ? 95  ILE A N    1 
ATOM 861  C CA   . ILE A 1 66  ? -4.708  6.276   -0.705  1.00 0.00 ? 95  ILE A CA   1 
ATOM 862  C C    . ILE A 1 66  ? -4.819  5.484   0.608   1.00 0.00 ? 95  ILE A C    1 
ATOM 863  O O    . ILE A 1 66  ? -4.191  5.883   1.572   1.00 0.00 ? 95  ILE A O    1 
ATOM 864  C CB   . ILE A 1 66  ? -3.642  5.663   -1.652  1.00 0.00 ? 95  ILE A CB   1 
ATOM 865  C CG1  . ILE A 1 66  ? -2.490  4.916   -0.919  1.00 0.00 ? 95  ILE A CG1  1 
ATOM 866  C CG2  . ILE A 1 66  ? -3.024  6.837   -2.426  1.00 0.00 ? 95  ILE A CG2  1 
ATOM 867  C CD1  . ILE A 1 66  ? -1.571  5.857   -0.125  1.00 0.00 ? 95  ILE A CD1  1 
ATOM 868  H H    . ILE A 1 66  ? -3.534  7.883   0.250   1.00 0.00 ? 95  ILE A H    1 
ATOM 869  H HA   . ILE A 1 66  ? -5.681  6.283   -1.175  1.00 0.00 ? 95  ILE A HA   1 
ATOM 870  H HB   . ILE A 1 66  ? -4.121  4.989   -2.349  1.00 0.00 ? 95  ILE A HB   1 
ATOM 871  H HG12 . ILE A 1 66  ? -2.886  4.154   -0.264  1.00 0.00 ? 95  ILE A HG12 1 
ATOM 872  H HG13 . ILE A 1 66  ? -1.888  4.420   -1.667  1.00 0.00 ? 95  ILE A HG13 1 
ATOM 873  H HG21 . ILE A 1 66  ? -2.599  7.553   -1.730  1.00 0.00 ? 95  ILE A HG21 1 
ATOM 874  H HG22 . ILE A 1 66  ? -2.252  6.482   -3.092  1.00 0.00 ? 95  ILE A HG22 1 
ATOM 875  H HG23 . ILE A 1 66  ? -3.787  7.332   -3.008  1.00 0.00 ? 95  ILE A HG23 1 
ATOM 876  H HD11 . ILE A 1 66  ? -2.120  6.411   0.618   1.00 0.00 ? 95  ILE A HD11 1 
ATOM 877  H HD12 . ILE A 1 66  ? -0.824  5.260   0.373   1.00 0.00 ? 95  ILE A HD12 1 
ATOM 878  H HD13 . ILE A 1 66  ? -1.062  6.552   -0.775  1.00 0.00 ? 95  ILE A HD13 1 
ATOM 879  N N    . GLN A 1 67  ? -5.577  4.405   0.661   1.00 0.00 ? 96  GLN A N    1 
ATOM 880  C CA   . GLN A 1 67  ? -5.624  3.698   1.967   1.00 0.00 ? 96  GLN A CA   1 
ATOM 881  C C    . GLN A 1 67  ? -5.082  2.312   1.682   1.00 0.00 ? 96  GLN A C    1 
ATOM 882  O O    . GLN A 1 67  ? -5.259  1.761   0.613   1.00 0.00 ? 96  GLN A O    1 
ATOM 883  C CB   . GLN A 1 67  ? -7.072  3.636   2.481   1.00 0.00 ? 96  GLN A CB   1 
ATOM 884  C CG   . GLN A 1 67  ? -7.754  2.414   1.933   1.00 0.00 ? 96  GLN A CG   1 
ATOM 885  C CD   . GLN A 1 67  ? -9.196  2.391   2.441   1.00 0.00 ? 96  GLN A CD   1 
ATOM 886  O OE1  . GLN A 1 67  ? -9.988  3.264   2.145   1.00 0.00 ? 96  GLN A OE1  1 
ATOM 887  N NE2  . GLN A 1 67  ? -9.576  1.409   3.211   1.00 0.00 ? 96  GLN A NE2  1 
ATOM 888  H H    . GLN A 1 67  ? -6.104  4.034   -0.092  1.00 0.00 ? 96  GLN A H    1 
ATOM 889  H HA   . GLN A 1 67  ? -5.010  4.161   2.707   1.00 0.00 ? 96  GLN A HA   1 
ATOM 890  H HB2  . GLN A 1 67  ? -7.071  3.591   3.560   1.00 0.00 ? 96  GLN A HB2  1 
ATOM 891  H HB3  . GLN A 1 67  ? -7.605  4.524   2.172   1.00 0.00 ? 96  GLN A HB3  1 
ATOM 892  H HG2  . GLN A 1 67  ? -7.741  2.426   0.856   1.00 0.00 ? 96  GLN A HG2  1 
ATOM 893  H HG3  . GLN A 1 67  ? -7.236  1.545   2.312   1.00 0.00 ? 96  GLN A HG3  1 
ATOM 894  H HE21 . GLN A 1 67  ? -8.940  0.702   3.450   1.00 0.00 ? 96  GLN A HE21 1 
ATOM 895  H HE22 . GLN A 1 67  ? -10.494 1.378   3.552   1.00 0.00 ? 96  GLN A HE22 1 
ATOM 896  N N    . LEU A 1 68  ? -4.420  1.806   2.675   1.00 0.00 ? 97  LEU A N    1 
ATOM 897  C CA   . LEU A 1 68  ? -3.818  0.470   2.575   1.00 0.00 ? 97  LEU A CA   1 
ATOM 898  C C    . LEU A 1 68  ? -4.102  -0.413  3.774   1.00 0.00 ? 97  LEU A C    1 
ATOM 899  O O    . LEU A 1 68  ? -4.784  -0.077  4.722   1.00 0.00 ? 97  LEU A O    1 
ATOM 900  C CB   . LEU A 1 68  ? -2.289  0.598   2.377   1.00 0.00 ? 97  LEU A CB   1 
ATOM 901  C CG   . LEU A 1 68  ? -1.689  1.629   3.310   1.00 0.00 ? 97  LEU A CG   1 
ATOM 902  C CD1  . LEU A 1 68  ? -0.199  1.350   3.420   1.00 0.00 ? 97  LEU A CD1  1 
ATOM 903  C CD2  . LEU A 1 68  ? -1.805  2.982   2.625   1.00 0.00 ? 97  LEU A CD2  1 
ATOM 904  H H    . LEU A 1 68  ? -4.323  2.323   3.491   1.00 0.00 ? 97  LEU A H    1 
ATOM 905  H HA   . LEU A 1 68  ? -4.238  -0.008  1.707   1.00 0.00 ? 97  LEU A HA   1 
ATOM 906  H HB2  . LEU A 1 68  ? -1.787  -0.345  2.531   1.00 0.00 ? 97  LEU A HB2  1 
ATOM 907  H HB3  . LEU A 1 68  ? -2.098  0.905   1.363   1.00 0.00 ? 97  LEU A HB3  1 
ATOM 908  H HG   . LEU A 1 68  ? -2.166  1.623   4.276   1.00 0.00 ? 97  LEU A HG   1 
ATOM 909  H HD11 . LEU A 1 68  ? 0.268   1.388   2.448   1.00 0.00 ? 97  LEU A HD11 1 
ATOM 910  H HD12 . LEU A 1 68  ? 0.248   2.101   4.049   1.00 0.00 ? 97  LEU A HD12 1 
ATOM 911  H HD13 . LEU A 1 68  ? -0.030  0.376   3.854   1.00 0.00 ? 97  LEU A HD13 1 
ATOM 912  H HD21 . LEU A 1 68  ? -1.300  2.920   1.678   1.00 0.00 ? 97  LEU A HD21 1 
ATOM 913  H HD22 . LEU A 1 68  ? -2.824  3.254   2.439   1.00 0.00 ? 97  LEU A HD22 1 
ATOM 914  H HD23 . LEU A 1 68  ? -1.356  3.747   3.229   1.00 0.00 ? 97  LEU A HD23 1 
ATOM 915  N N    . TYR A 1 69  ? -3.497  -1.545  3.615   1.00 0.00 ? 98  TYR A N    1 
ATOM 916  C CA   . TYR A 1 69  ? -3.556  -2.669  4.574   1.00 0.00 ? 98  TYR A CA   1 
ATOM 917  C C    . TYR A 1 69  ? -2.142  -3.168  4.873   1.00 0.00 ? 98  TYR A C    1 
ATOM 918  O O    . TYR A 1 69  ? -1.535  -3.864  4.088   1.00 0.00 ? 98  TYR A O    1 
ATOM 919  C CB   . TYR A 1 69  ? -4.495  -3.628  3.848   1.00 0.00 ? 98  TYR A CB   1 
ATOM 920  C CG   . TYR A 1 69  ? -4.648  -5.045  4.365   1.00 0.00 ? 98  TYR A CG   1 
ATOM 921  C CD1  . TYR A 1 69  ? -4.436  -5.450  5.662   1.00 0.00 ? 98  TYR A CD1  1 
ATOM 922  C CD2  . TYR A 1 69  ? -5.086  -5.965  3.440   1.00 0.00 ? 98  TYR A CD2  1 
ATOM 923  C CE1  . TYR A 1 69  ? -4.675  -6.751  6.018   1.00 0.00 ? 98  TYR A CE1  1 
ATOM 924  C CE2  . TYR A 1 69  ? -5.323  -7.274  3.801   1.00 0.00 ? 98  TYR A CE2  1 
ATOM 925  C CZ   . TYR A 1 69  ? -5.119  -7.677  5.102   1.00 0.00 ? 98  TYR A CZ   1 
ATOM 926  O OH   . TYR A 1 69  ? -5.351  -8.982  5.485   1.00 0.00 ? 98  TYR A OH   1 
ATOM 927  H H    . TYR A 1 69  ? -2.964  -1.628  2.800   1.00 0.00 ? 98  TYR A H    1 
ATOM 928  H HA   . TYR A 1 69  ? -4.010  -2.325  5.490   1.00 0.00 ? 98  TYR A HA   1 
ATOM 929  H HB2  . TYR A 1 69  ? -5.480  -3.185  3.837   1.00 0.00 ? 98  TYR A HB2  1 
ATOM 930  H HB3  . TYR A 1 69  ? -4.206  -3.692  2.823   1.00 0.00 ? 98  TYR A HB3  1 
ATOM 931  H HD1  . TYR A 1 69  ? -4.062  -4.790  6.431   1.00 0.00 ? 98  TYR A HD1  1 
ATOM 932  H HD2  . TYR A 1 69  ? -5.219  -5.642  2.414   1.00 0.00 ? 98  TYR A HD2  1 
ATOM 933  H HE1  . TYR A 1 69  ? -4.497  -7.011  7.052   1.00 0.00 ? 98  TYR A HE1  1 
ATOM 934  H HE2  . TYR A 1 69  ? -5.671  -7.980  3.061   1.00 0.00 ? 98  TYR A HE2  1 
ATOM 935  H HH   . TYR A 1 69  ? -5.080  -9.072  6.402   1.00 0.00 ? 98  TYR A HH   1 
ATOM 936  N N    . VAL A 1 70  ? -1.674  -2.784  6.029   1.00 0.00 ? 99  VAL A N    1 
ATOM 937  C CA   . VAL A 1 70  ? -0.339  -3.134  6.532   1.00 0.00 ? 99  VAL A CA   1 
ATOM 938  C C    . VAL A 1 70  ? -0.530  -4.436  7.263   1.00 0.00 ? 99  VAL A C    1 
ATOM 939  O O    . VAL A 1 70  ? -0.832  -4.440  8.436   1.00 0.00 ? 99  VAL A O    1 
ATOM 940  C CB   . VAL A 1 70  ? 0.074   -2.029  7.440   1.00 0.00 ? 99  VAL A CB   1 
ATOM 941  C CG1  . VAL A 1 70  ? 1.324   -2.440  8.067   1.00 0.00 ? 99  VAL A CG1  1 
ATOM 942  C CG2  . VAL A 1 70  ? 0.337   -0.846  6.622   1.00 0.00 ? 99  VAL A CG2  1 
ATOM 943  H H    . VAL A 1 70  ? -2.190  -2.238  6.644   1.00 0.00 ? 99  VAL A H    1 
ATOM 944  H HA   . VAL A 1 70  ? 0.391   -3.216  5.742   1.00 0.00 ? 99  VAL A HA   1 
ATOM 945  H HB   . VAL A 1 70  ? -0.671  -1.810  8.187   1.00 0.00 ? 99  VAL A HB   1 
ATOM 946  H HG11 . VAL A 1 70  ? 2.015   -2.746  7.299   1.00 0.00 ? 99  VAL A HG11 1 
ATOM 947  H HG12 . VAL A 1 70  ? 1.743   -1.656  8.670   1.00 0.00 ? 99  VAL A HG12 1 
ATOM 948  H HG13 . VAL A 1 70  ? 1.050   -3.266  8.686   1.00 0.00 ? 99  VAL A HG13 1 
ATOM 949  H HG21 . VAL A 1 70  ? 1.110   -1.102  5.916   1.00 0.00 ? 99  VAL A HG21 1 
ATOM 950  H HG22 . VAL A 1 70  ? -0.562  -0.565  6.101   1.00 0.00 ? 99  VAL A HG22 1 
ATOM 951  H HG23 . VAL A 1 70  ? 0.656   -0.055  7.282   1.00 0.00 ? 99  VAL A HG23 1 
ATOM 952  N N    . ALA A 1 71  ? -0.370  -5.522  6.572   1.00 0.00 ? 100 ALA A N    1 
ATOM 953  C CA   . ALA A 1 71  ? -0.563  -6.797  7.280   1.00 0.00 ? 100 ALA A CA   1 
ATOM 954  C C    . ALA A 1 71  ? 0.645   -7.725  7.219   1.00 0.00 ? 100 ALA A C    1 
ATOM 955  O O    . ALA A 1 71  ? 1.085   -8.157  6.171   1.00 0.00 ? 100 ALA A O    1 
ATOM 956  C CB   . ALA A 1 71  ? -1.795  -7.304  6.632   1.00 0.00 ? 100 ALA A CB   1 
ATOM 957  H H    . ALA A 1 71  ? -0.141  -5.530  5.614   1.00 0.00 ? 100 ALA A H    1 
ATOM 958  H HA   . ALA A 1 71  ? -0.750  -6.604  8.329   1.00 0.00 ? 100 ALA A HA   1 
ATOM 959  H HB1  . ALA A 1 71  ? -1.584  -7.279  5.572   1.00 0.00 ? 100 ALA A HB1  1 
ATOM 960  H HB2  . ALA A 1 71  ? -2.086  -8.290  6.961   1.00 0.00 ? 100 ALA A HB2  1 
ATOM 961  H HB3  . ALA A 1 71  ? -2.578  -6.579  6.848   1.00 0.00 ? 100 ALA A HB3  1 
ATOM 962  N N    . ARG A 1 72  ? 1.129   -7.985  8.402   1.00 0.00 ? 101 ARG A N    1 
ATOM 963  C CA   . ARG A 1 72  ? 2.310   -8.866  8.609   1.00 0.00 ? 101 ARG A CA   1 
ATOM 964  C C    . ARG A 1 72  ? 1.748   -10.108 9.315   1.00 0.00 ? 101 ARG A C    1 
ATOM 965  O O    . ARG A 1 72  ? 2.251   -10.566 10.321  1.00 0.00 ? 101 ARG A O    1 
ATOM 966  C CB   . ARG A 1 72  ? 3.295   -8.102  9.494   1.00 0.00 ? 101 ARG A CB   1 
ATOM 967  C CG   . ARG A 1 72  ? 3.451   -6.642  9.031   1.00 0.00 ? 101 ARG A CG   1 
ATOM 968  C CD   . ARG A 1 72  ? 4.449   -6.484  7.877   1.00 0.00 ? 101 ARG A CD   1 
ATOM 969  N NE   . ARG A 1 72  ? 4.187   -7.492  6.821   1.00 0.00 ? 101 ARG A NE   1 
ATOM 970  C CZ   . ARG A 1 72  ? 5.186   -8.229  6.423   1.00 0.00 ? 101 ARG A CZ   1 
ATOM 971  N NH1  . ARG A 1 72  ? 6.080   -7.684  5.644   1.00 0.00 ? 101 ARG A NH1  1 
ATOM 972  N NH2  . ARG A 1 72  ? 5.263   -9.472  6.814   1.00 0.00 ? 101 ARG A NH2  1 
ATOM 973  H H    . ARG A 1 72  ? 0.708   -7.582  9.189   1.00 0.00 ? 101 ARG A H    1 
ATOM 974  H HA   . ARG A 1 72  ? 2.727   -9.159  7.658   1.00 0.00 ? 101 ARG A HA   1 
ATOM 975  H HB2  . ARG A 1 72  ? 2.899   -8.071  10.495  1.00 0.00 ? 101 ARG A HB2  1 
ATOM 976  H HB3  . ARG A 1 72  ? 4.257   -8.589  9.501   1.00 0.00 ? 101 ARG A HB3  1 
ATOM 977  H HG2  . ARG A 1 72  ? 2.493   -6.232  8.746   1.00 0.00 ? 101 ARG A HG2  1 
ATOM 978  H HG3  . ARG A 1 72  ? 3.815   -6.070  9.872   1.00 0.00 ? 101 ARG A HG3  1 
ATOM 979  H HD2  . ARG A 1 72  ? 4.355   -5.505  7.432   1.00 0.00 ? 101 ARG A HD2  1 
ATOM 980  H HD3  . ARG A 1 72  ? 5.458   -6.613  8.239   1.00 0.00 ? 101 ARG A HD3  1 
ATOM 981  H HE   . ARG A 1 72  ? 3.291   -7.600  6.437   1.00 0.00 ? 101 ARG A HE   1 
ATOM 982  H HH11 . ARG A 1 72  ? 5.980   -6.728  5.368   1.00 0.00 ? 101 ARG A HH11 1 
ATOM 983  H HH12 . ARG A 1 72  ? 6.862   -8.219  5.324   1.00 0.00 ? 101 ARG A HH12 1 
ATOM 984  H HH21 . ARG A 1 72  ? 4.562   -9.853  7.417   1.00 0.00 ? 101 ARG A HH21 1 
ATOM 985  H HH22 . ARG A 1 72  ? 6.025   -10.042 6.508   1.00 0.00 ? 101 ARG A HH22 1 
ATOM 986  N N    . ASP A 1 73  ? 0.693   -10.593 8.714   1.00 0.00 ? 102 ASP A N    1 
ATOM 987  C CA   . ASP A 1 73  ? -0.061  -11.789 9.182   1.00 0.00 ? 102 ASP A CA   1 
ATOM 988  C C    . ASP A 1 73  ? 0.812   -12.942 9.643   1.00 0.00 ? 102 ASP A C    1 
ATOM 989  O O    . ASP A 1 73  ? 0.465   -13.689 10.535  1.00 0.00 ? 102 ASP A O    1 
ATOM 990  C CB   . ASP A 1 73  ? -0.955  -12.264 8.048   1.00 0.00 ? 102 ASP A CB   1 
ATOM 991  C CG   . ASP A 1 73  ? -1.685  -13.527 8.505   1.00 0.00 ? 102 ASP A CG   1 
ATOM 992  O OD1  . ASP A 1 73  ? -2.498  -13.382 9.402   1.00 0.00 ? 102 ASP A OD1  1 
ATOM 993  O OD2  . ASP A 1 73  ? -1.380  -14.561 7.933   1.00 0.00 ? 102 ASP A OD2  1 
ATOM 994  H H    . ASP A 1 73  ? 0.382   -10.155 7.900   1.00 0.00 ? 102 ASP A H    1 
ATOM 995  H HA   . ASP A 1 73  ? -0.681  -11.487 10.014  1.00 0.00 ? 102 ASP A HA   1 
ATOM 996  H HB2  . ASP A 1 73  ? -1.680  -11.502 7.803   1.00 0.00 ? 102 ASP A HB2  1 
ATOM 997  H HB3  . ASP A 1 73  ? -0.369  -12.493 7.170   1.00 0.00 ? 102 ASP A HB3  1 
ATOM 998  N N    . ASP A 1 74  ? 1.937   -13.042 9.003   1.00 0.00 ? 103 ASP A N    1 
ATOM 999  C CA   . ASP A 1 74  ? 2.880   -14.137 9.348   1.00 0.00 ? 103 ASP A CA   1 
ATOM 1000 C C    . ASP A 1 74  ? 4.062   -13.732 10.224  1.00 0.00 ? 103 ASP A C    1 
ATOM 1001 O O    . ASP A 1 74  ? 4.279   -14.318 11.266  1.00 0.00 ? 103 ASP A O    1 
ATOM 1002 C CB   . ASP A 1 74  ? 3.324   -14.676 8.074   1.00 0.00 ? 103 ASP A CB   1 
ATOM 1003 C CG   . ASP A 1 74  ? 2.086   -15.045 7.249   1.00 0.00 ? 103 ASP A CG   1 
ATOM 1004 O OD1  . ASP A 1 74  ? 1.349   -15.902 7.708   1.00 0.00 ? 103 ASP A OD1  1 
ATOM 1005 O OD2  . ASP A 1 74  ? 1.947   -14.439 6.199   1.00 0.00 ? 103 ASP A OD2  1 
ATOM 1006 H H    . ASP A 1 74  ? 2.150   -12.388 8.300   1.00 0.00 ? 103 ASP A H    1 
ATOM 1007 H HA   . ASP A 1 74  ? 2.374   -14.953 9.766   1.00 0.00 ? 103 ASP A HA   1 
ATOM 1008 H HB2  . ASP A 1 74  ? 3.781   -13.826 7.659   1.00 0.00 ? 103 ASP A HB2  1 
ATOM 1009 H HB3  . ASP A 1 74  ? 4.009   -15.504 8.156   1.00 0.00 ? 103 ASP A HB3  1 
ATOM 1010 N N    . LEU A 1 75  ? 4.798   -12.749 9.787   1.00 0.00 ? 104 LEU A N    1 
ATOM 1011 C CA   . LEU A 1 75  ? 5.976   -12.269 10.564  1.00 0.00 ? 104 LEU A CA   1 
ATOM 1012 C C    . LEU A 1 75  ? 5.667   -10.855 11.072  1.00 0.00 ? 104 LEU A C    1 
ATOM 1013 O O    . LEU A 1 75  ? 6.022   -9.912  10.399  1.00 0.00 ? 104 LEU A O    1 
ATOM 1014 C CB   . LEU A 1 75  ? 7.198   -12.229 9.652   1.00 0.00 ? 104 LEU A CB   1 
ATOM 1015 C CG   . LEU A 1 75  ? 7.845   -13.623 9.466   1.00 0.00 ? 104 LEU A CG   1 
ATOM 1016 C CD1  . LEU A 1 75  ? 7.015   -14.518 8.539   1.00 0.00 ? 104 LEU A CD1  1 
ATOM 1017 C CD2  . LEU A 1 75  ? 9.233   -13.446 8.846   1.00 0.00 ? 104 LEU A CD2  1 
ATOM 1018 H H    . LEU A 1 75  ? 4.589   -12.313 8.934   1.00 0.00 ? 104 LEU A H    1 
ATOM 1019 H HA   . LEU A 1 75  ? 6.165   -12.931 11.394  1.00 0.00 ? 104 LEU A HA   1 
ATOM 1020 H HB2  . LEU A 1 75  ? 6.834   -11.879 8.697   1.00 0.00 ? 104 LEU A HB2  1 
ATOM 1021 H HB3  . LEU A 1 75  ? 7.929   -11.534 10.038  1.00 0.00 ? 104 LEU A HB3  1 
ATOM 1022 H HG   . LEU A 1 75  ? 7.950   -14.105 10.428  1.00 0.00 ? 104 LEU A HG   1 
ATOM 1023 H HD11 . LEU A 1 75  ? 6.916   -14.056 7.568   1.00 0.00 ? 104 LEU A HD11 1 
ATOM 1024 H HD12 . LEU A 1 75  ? 7.511   -15.470 8.420   1.00 0.00 ? 104 LEU A HD12 1 
ATOM 1025 H HD13 . LEU A 1 75  ? 6.036   -14.695 8.948   1.00 0.00 ? 104 LEU A HD13 1 
ATOM 1026 H HD21 . LEU A 1 75  ? 9.852   -12.839 9.491   1.00 0.00 ? 104 LEU A HD21 1 
ATOM 1027 H HD22 . LEU A 1 75  ? 9.701   -14.411 8.721   1.00 0.00 ? 104 LEU A HD22 1 
ATOM 1028 H HD23 . LEU A 1 75  ? 9.152   -12.968 7.882   1.00 0.00 ? 104 LEU A HD23 1 
ATOM 1029 N N    . PRO A 1 76  ? 5.026   -10.746 12.218  1.00 0.00 ? 105 PRO A N    1 
ATOM 1030 C CA   . PRO A 1 76  ? 4.325   -9.511  12.689  1.00 0.00 ? 105 PRO A CA   1 
ATOM 1031 C C    . PRO A 1 76  ? 5.242   -8.333  13.076  1.00 0.00 ? 105 PRO A C    1 
ATOM 1032 O O    . PRO A 1 76  ? 5.303   -7.898  14.208  1.00 0.00 ? 105 PRO A O    1 
ATOM 1033 C CB   . PRO A 1 76  ? 3.478   -10.023 13.845  1.00 0.00 ? 105 PRO A CB   1 
ATOM 1034 C CG   . PRO A 1 76  ? 4.403   -11.088 14.466  1.00 0.00 ? 105 PRO A CG   1 
ATOM 1035 C CD   . PRO A 1 76  ? 4.907   -11.841 13.222  1.00 0.00 ? 105 PRO A CD   1 
ATOM 1036 H HA   . PRO A 1 76  ? 3.686   -9.178  11.896  1.00 0.00 ? 105 PRO A HA   1 
ATOM 1037 H HB2  . PRO A 1 76  ? 3.251   -9.245  14.552  1.00 0.00 ? 105 PRO A HB2  1 
ATOM 1038 H HB3  . PRO A 1 76  ? 2.563   -10.473 13.488  1.00 0.00 ? 105 PRO A HB3  1 
ATOM 1039 H HG2  . PRO A 1 76  ? 5.220   -10.631 15.006  1.00 0.00 ? 105 PRO A HG2  1 
ATOM 1040 H HG3  . PRO A 1 76  ? 3.849   -11.746 15.119  1.00 0.00 ? 105 PRO A HG3  1 
ATOM 1041 H HD2  . PRO A 1 76  ? 5.870   -12.294 13.399  1.00 0.00 ? 105 PRO A HD2  1 
ATOM 1042 H HD3  . PRO A 1 76  ? 4.188   -12.571 12.889  1.00 0.00 ? 105 PRO A HD3  1 
ATOM 1043 N N    . GLU A 1 77  ? 5.927   -7.865  12.076  1.00 0.00 ? 106 GLU A N    1 
ATOM 1044 C CA   . GLU A 1 77  ? 6.871   -6.787  12.065  1.00 0.00 ? 106 GLU A CA   1 
ATOM 1045 C C    . GLU A 1 77  ? 6.543   -5.352  12.435  1.00 0.00 ? 106 GLU A C    1 
ATOM 1046 O O    . GLU A 1 77  ? 5.438   -4.970  12.766  1.00 0.00 ? 106 GLU A O    1 
ATOM 1047 C CB   . GLU A 1 77  ? 7.401   -6.913  10.693  1.00 0.00 ? 106 GLU A CB   1 
ATOM 1048 C CG   . GLU A 1 77  ? 8.576   -7.765  10.839  1.00 0.00 ? 106 GLU A CG   1 
ATOM 1049 C CD   . GLU A 1 77  ? 9.103   -8.155  9.462   1.00 0.00 ? 106 GLU A CD   1 
ATOM 1050 O OE1  . GLU A 1 77  ? 9.488   -7.246  8.747   1.00 0.00 ? 106 GLU A OE1  1 
ATOM 1051 O OE2  . GLU A 1 77  ? 9.082   -9.347  9.205   1.00 0.00 ? 106 GLU A OE2  1 
ATOM 1052 H H    . GLU A 1 77  ? 5.905   -8.192  11.170  1.00 0.00 ? 106 GLU A H    1 
ATOM 1053 H HA   . GLU A 1 77  ? 7.651   -7.107  12.728  1.00 0.00 ? 106 GLU A HA   1 
ATOM 1054 H HB2  . GLU A 1 77  ? 6.752   -7.366  9.961   1.00 0.00 ? 106 GLU A HB2  1 
ATOM 1055 H HB3  . GLU A 1 77  ? 7.530   -5.952  10.338  1.00 0.00 ? 106 GLU A HB3  1 
ATOM 1056 H HG2  . GLU A 1 77  ? 9.308   -7.201  11.407  1.00 0.00 ? 106 GLU A HG2  1 
ATOM 1057 H HG3  . GLU A 1 77  ? 8.217   -8.639  11.366  1.00 0.00 ? 106 GLU A HG3  1 
ATOM 1058 N N    . GLY A 1 78  ? 7.631   -4.635  12.334  1.00 0.00 ? 107 GLY A N    1 
ATOM 1059 C CA   . GLY A 1 78  ? 7.676   -3.162  12.615  1.00 0.00 ? 107 GLY A CA   1 
ATOM 1060 C C    . GLY A 1 78  ? 8.041   -2.492  11.302  1.00 0.00 ? 107 GLY A C    1 
ATOM 1061 O O    . GLY A 1 78  ? 7.729   -1.337  11.091  1.00 0.00 ? 107 GLY A O    1 
ATOM 1062 H H    . GLY A 1 78  ? 8.442   -5.127  12.059  1.00 0.00 ? 107 GLY A H    1 
ATOM 1063 H HA2  . GLY A 1 78  ? 6.669   -2.819  12.842  1.00 0.00 ? 107 GLY A HA2  1 
ATOM 1064 H HA3  . GLY A 1 78  ? 8.382   -2.920  13.390  1.00 0.00 ? 107 GLY A HA3  1 
ATOM 1065 N N    . VAL A 1 79  ? 8.706   -3.249  10.456  1.00 0.00 ? 108 VAL A N    1 
ATOM 1066 C CA   . VAL A 1 79  ? 9.150   -2.832  9.098   1.00 0.00 ? 108 VAL A CA   1 
ATOM 1067 C C    . VAL A 1 79  ? 7.971   -2.157  8.397   1.00 0.00 ? 108 VAL A C    1 
ATOM 1068 O O    . VAL A 1 79  ? 8.030   -1.440  7.426   1.00 0.00 ? 108 VAL A O    1 
ATOM 1069 C CB   . VAL A 1 79  ? 9.560   -4.061  8.413   1.00 0.00 ? 108 VAL A CB   1 
ATOM 1070 C CG1  . VAL A 1 79  ? 9.861   -3.830  6.934   1.00 0.00 ? 108 VAL A CG1  1 
ATOM 1071 C CG2  . VAL A 1 79  ? 10.846  -4.447  9.102   1.00 0.00 ? 108 VAL A CG2  1 
ATOM 1072 H H    . VAL A 1 79  ? 8.956   -4.152  10.696  1.00 0.00 ? 108 VAL A H    1 
ATOM 1073 H HA   . VAL A 1 79  ? 9.975   -2.181  9.259   1.00 0.00 ? 108 VAL A HA   1 
ATOM 1074 H HB   . VAL A 1 79  ? 8.738   -4.742  8.585   1.00 0.00 ? 108 VAL A HB   1 
ATOM 1075 H HG11 . VAL A 1 79  ? 10.650  -3.102  6.832   1.00 0.00 ? 108 VAL A HG11 1 
ATOM 1076 H HG12 . VAL A 1 79  ? 10.186  -4.761  6.494   1.00 0.00 ? 108 VAL A HG12 1 
ATOM 1077 H HG13 . VAL A 1 79  ? 8.987   -3.484  6.405   1.00 0.00 ? 108 VAL A HG13 1 
ATOM 1078 H HG21 . VAL A 1 79  ? 11.497  -3.588  9.024   1.00 0.00 ? 108 VAL A HG21 1 
ATOM 1079 H HG22 . VAL A 1 79  ? 10.675  -4.656  10.147  1.00 0.00 ? 108 VAL A HG22 1 
ATOM 1080 H HG23 . VAL A 1 79  ? 11.296  -5.307  8.629   1.00 0.00 ? 108 VAL A HG23 1 
ATOM 1081 N N    . TYR A 1 80  ? 6.903   -2.523  9.007   1.00 0.00 ? 109 TYR A N    1 
ATOM 1082 C CA   . TYR A 1 80  ? 5.527   -2.152  8.754   1.00 0.00 ? 109 TYR A CA   1 
ATOM 1083 C C    . TYR A 1 80  ? 5.159   -0.766  9.197   1.00 0.00 ? 109 TYR A C    1 
ATOM 1084 O O    . TYR A 1 80  ? 5.919   0.159   9.090   1.00 0.00 ? 109 TYR A O    1 
ATOM 1085 C CB   . TYR A 1 80  ? 4.824   -3.381  9.465   1.00 0.00 ? 109 TYR A CB   1 
ATOM 1086 C CG   . TYR A 1 80  ? 3.837   -3.132  10.642  1.00 0.00 ? 109 TYR A CG   1 
ATOM 1087 C CD1  . TYR A 1 80  ? 4.163   -2.407  11.808  1.00 0.00 ? 109 TYR A CD1  1 
ATOM 1088 C CD2  . TYR A 1 80  ? 2.577   -3.654  10.539  1.00 0.00 ? 109 TYR A CD2  1 
ATOM 1089 C CE1  . TYR A 1 80  ? 3.217   -2.251  12.799  1.00 0.00 ? 109 TYR A CE1  1 
ATOM 1090 C CE2  . TYR A 1 80  ? 1.646   -3.481  11.531  1.00 0.00 ? 109 TYR A CE2  1 
ATOM 1091 C CZ   . TYR A 1 80  ? 1.961   -2.778  12.671  1.00 0.00 ? 109 TYR A CZ   1 
ATOM 1092 O OH   . TYR A 1 80  ? 1.050   -2.572  13.686  1.00 0.00 ? 109 TYR A OH   1 
ATOM 1093 H H    . TYR A 1 80  ? 7.013   -3.156  9.735   1.00 0.00 ? 109 TYR A H    1 
ATOM 1094 H HA   . TYR A 1 80  ? 5.548   -2.041  7.687   1.00 0.00 ? 109 TYR A HA   1 
ATOM 1095 H HB2  . TYR A 1 80  ? 4.239   -3.847  8.689   1.00 0.00 ? 109 TYR A HB2  1 
ATOM 1096 H HB3  . TYR A 1 80  ? 5.527   -4.117  9.779   1.00 0.00 ? 109 TYR A HB3  1 
ATOM 1097 H HD1  . TYR A 1 80  ? 5.126   -1.929  11.982  1.00 0.00 ? 109 TYR A HD1  1 
ATOM 1098 H HD2  . TYR A 1 80  ? 2.325   -4.225  9.663   1.00 0.00 ? 109 TYR A HD2  1 
ATOM 1099 H HE1  . TYR A 1 80  ? 3.451   -1.716  13.706  1.00 0.00 ? 109 TYR A HE1  1 
ATOM 1100 H HE2  . TYR A 1 80  ? 0.660   -3.893  11.395  1.00 0.00 ? 109 TYR A HE2  1 
ATOM 1101 H HH   . TYR A 1 80  ? 1.493   -2.090  14.388  1.00 0.00 ? 109 TYR A HH   1 
ATOM 1102 N N    . ASN A 1 81  ? 3.962   -0.687  9.650   1.00 0.00 ? 110 ASN A N    1 
ATOM 1103 C CA   . ASN A 1 81  ? 3.314   0.519   10.176  1.00 0.00 ? 110 ASN A CA   1 
ATOM 1104 C C    . ASN A 1 81  ? 4.307   1.307   11.019  1.00 0.00 ? 110 ASN A C    1 
ATOM 1105 O O    . ASN A 1 81  ? 4.078   2.476   11.267  1.00 0.00 ? 110 ASN A O    1 
ATOM 1106 C CB   . ASN A 1 81  ? 2.110   0.097   10.998  1.00 0.00 ? 110 ASN A CB   1 
ATOM 1107 C CG   . ASN A 1 81  ? 1.226   1.283   11.322  1.00 0.00 ? 110 ASN A CG   1 
ATOM 1108 O OD1  . ASN A 1 81  ? 1.194   2.277   10.625  1.00 0.00 ? 110 ASN A OD1  1 
ATOM 1109 N ND2  . ASN A 1 81  ? 0.485   1.192   12.390  1.00 0.00 ? 110 ASN A ND2  1 
ATOM 1110 H H    . ASN A 1 81  ? 3.448   -1.509  9.650   1.00 0.00 ? 110 ASN A H    1 
ATOM 1111 H HA   . ASN A 1 81  ? 2.995   1.124   9.344   1.00 0.00 ? 110 ASN A HA   1 
ATOM 1112 H HB2  . ASN A 1 81  ? 1.523   -0.660  10.498  1.00 0.00 ? 110 ASN A HB2  1 
ATOM 1113 H HB3  . ASN A 1 81  ? 2.457   -0.271  11.941  1.00 0.00 ? 110 ASN A HB3  1 
ATOM 1114 H HD21 . ASN A 1 81  ? 0.531   0.384   12.943  1.00 0.00 ? 110 ASN A HD21 1 
ATOM 1115 H HD22 . ASN A 1 81  ? -0.117  1.918   12.644  1.00 0.00 ? 110 ASN A HD22 1 
ATOM 1116 N N    . GLU A 1 82  ? 5.389   0.693   11.456  1.00 0.00 ? 111 GLU A N    1 
ATOM 1117 C CA   . GLU A 1 82  ? 6.276   1.445   12.276  1.00 0.00 ? 111 GLU A CA   1 
ATOM 1118 C C    . GLU A 1 82  ? 7.305   2.182   11.494  1.00 0.00 ? 111 GLU A C    1 
ATOM 1119 O O    . GLU A 1 82  ? 7.720   3.278   11.808  1.00 0.00 ? 111 GLU A O    1 
ATOM 1120 C CB   . GLU A 1 82  ? 6.899   0.528   13.189  1.00 0.00 ? 111 GLU A CB   1 
ATOM 1121 C CG   . GLU A 1 82  ? 6.915   1.474   14.290  1.00 0.00 ? 111 GLU A CG   1 
ATOM 1122 C CD   . GLU A 1 82  ? 7.917   1.083   15.371  1.00 0.00 ? 111 GLU A CD   1 
ATOM 1123 O OE1  . GLU A 1 82  ? 9.088   1.056   15.034  1.00 0.00 ? 111 GLU A OE1  1 
ATOM 1124 O OE2  . GLU A 1 82  ? 7.444   0.833   16.469  1.00 0.00 ? 111 GLU A OE2  1 
ATOM 1125 H H    . GLU A 1 82  ? 5.744   -0.196  11.260  1.00 0.00 ? 111 GLU A H    1 
ATOM 1126 H HA   . GLU A 1 82  ? 5.617   2.089   12.778  1.00 0.00 ? 111 GLU A HA   1 
ATOM 1127 H HB2  . GLU A 1 82  ? 6.265   -0.321  13.398  1.00 0.00 ? 111 GLU A HB2  1 
ATOM 1128 H HB3  . GLU A 1 82  ? 7.840   0.213   12.784  1.00 0.00 ? 111 GLU A HB3  1 
ATOM 1129 H HG2  . GLU A 1 82  ? 7.072   2.469   13.866  1.00 0.00 ? 111 GLU A HG2  1 
ATOM 1130 H HG3  . GLU A 1 82  ? 5.905   1.370   14.655  1.00 0.00 ? 111 GLU A HG3  1 
ATOM 1131 N N    . GLN A 1 83  ? 7.705   1.495   10.488  1.00 0.00 ? 112 GLN A N    1 
ATOM 1132 C CA   . GLN A 1 83  ? 8.675   1.992   9.568   1.00 0.00 ? 112 GLN A CA   1 
ATOM 1133 C C    . GLN A 1 83  ? 7.820   3.185   9.184   1.00 0.00 ? 112 GLN A C    1 
ATOM 1134 O O    . GLN A 1 83  ? 8.221   4.320   9.267   1.00 0.00 ? 112 GLN A O    1 
ATOM 1135 C CB   . GLN A 1 83  ? 8.720   0.809   8.740   1.00 0.00 ? 112 GLN A CB   1 
ATOM 1136 C CG   . GLN A 1 83  ? 9.858   1.002   7.900   1.00 0.00 ? 112 GLN A CG   1 
ATOM 1137 C CD   . GLN A 1 83  ? 10.436  -0.190  7.140   1.00 0.00 ? 112 GLN A CD   1 
ATOM 1138 O OE1  . GLN A 1 83  ? 10.004  -0.534  6.059   1.00 0.00 ? 112 GLN A OE1  1 
ATOM 1139 N NE2  . GLN A 1 83  ? 11.426  -0.846  7.678   1.00 0.00 ? 112 GLN A NE2  1 
ATOM 1140 H H    . GLN A 1 83  ? 7.397   0.601   10.278  1.00 0.00 ? 112 GLN A H    1 
ATOM 1141 H HA   . GLN A 1 83  ? 9.571   2.284   10.091  1.00 0.00 ? 112 GLN A HA   1 
ATOM 1142 H HB2  . GLN A 1 83  ? 8.839   0.007   9.432   1.00 0.00 ? 112 GLN A HB2  1 
ATOM 1143 H HB3  . GLN A 1 83  ? 7.753   0.708   8.278   1.00 0.00 ? 112 GLN A HB3  1 
ATOM 1144 H HG2  . GLN A 1 83  ? 9.502   1.746   7.217   1.00 0.00 ? 112 GLN A HG2  1 
ATOM 1145 H HG3  . GLN A 1 83  ? 10.562  1.372   8.620   1.00 0.00 ? 112 GLN A HG3  1 
ATOM 1146 H HE21 . GLN A 1 83  ? 11.781  -0.572  8.549   1.00 0.00 ? 112 GLN A HE21 1 
ATOM 1147 H HE22 . GLN A 1 83  ? 11.817  -1.616  7.213   1.00 0.00 ? 112 GLN A HE22 1 
ATOM 1148 N N    . PHE A 1 84  ? 6.632   2.890   8.765   1.00 0.00 ? 113 PHE A N    1 
ATOM 1149 C CA   . PHE A 1 84  ? 5.675   3.952   8.377   1.00 0.00 ? 113 PHE A CA   1 
ATOM 1150 C C    . PHE A 1 84  ? 5.604   5.046   9.407   1.00 0.00 ? 113 PHE A C    1 
ATOM 1151 O O    . PHE A 1 84  ? 5.443   6.210   9.098   1.00 0.00 ? 113 PHE A O    1 
ATOM 1152 C CB   . PHE A 1 84  ? 4.341   3.454   8.300   1.00 0.00 ? 113 PHE A CB   1 
ATOM 1153 C CG   . PHE A 1 84  ? 3.921   2.926   6.923   1.00 0.00 ? 113 PHE A CG   1 
ATOM 1154 C CD1  . PHE A 1 84  ? 4.648   3.072   5.745   1.00 0.00 ? 113 PHE A CD1  1 
ATOM 1155 C CD2  . PHE A 1 84  ? 2.718   2.273   6.877   1.00 0.00 ? 113 PHE A CD2  1 
ATOM 1156 C CE1  . PHE A 1 84  ? 4.156   2.564   4.556   1.00 0.00 ? 113 PHE A CE1  1 
ATOM 1157 C CE2  . PHE A 1 84  ? 2.231   1.773   5.699   1.00 0.00 ? 113 PHE A CE2  1 
ATOM 1158 C CZ   . PHE A 1 84  ? 2.945   1.914   4.535   1.00 0.00 ? 113 PHE A CZ   1 
ATOM 1159 H H    . PHE A 1 84  ? 6.359   1.955   8.699   1.00 0.00 ? 113 PHE A H    1 
ATOM 1160 H HA   . PHE A 1 84  ? 5.948   4.371   7.444   1.00 0.00 ? 113 PHE A HA   1 
ATOM 1161 H HB2  . PHE A 1 84  ? 4.390   2.679   9.041   1.00 0.00 ? 113 PHE A HB2  1 
ATOM 1162 H HB3  . PHE A 1 84  ? 3.649   4.210   8.637   1.00 0.00 ? 113 PHE A HB3  1 
ATOM 1163 H HD1  . PHE A 1 84  ? 5.600   3.580   5.719   1.00 0.00 ? 113 PHE A HD1  1 
ATOM 1164 H HD2  . PHE A 1 84  ? 2.141   2.153   7.780   1.00 0.00 ? 113 PHE A HD2  1 
ATOM 1165 H HE1  . PHE A 1 84  ? 4.722   2.680   3.645   1.00 0.00 ? 113 PHE A HE1  1 
ATOM 1166 H HE2  . PHE A 1 84  ? 1.272   1.283   5.711   1.00 0.00 ? 113 PHE A HE2  1 
ATOM 1167 H HZ   . PHE A 1 84  ? 2.558   1.511   3.612   1.00 0.00 ? 113 PHE A HZ   1 
ATOM 1168 N N    . LYS A 1 85  ? 5.732   4.598   10.623  1.00 0.00 ? 114 LYS A N    1 
ATOM 1169 C CA   . LYS A 1 85  ? 5.647   5.599   11.731  1.00 0.00 ? 114 LYS A CA   1 
ATOM 1170 C C    . LYS A 1 85  ? 6.790   6.569   11.558  1.00 0.00 ? 114 LYS A C    1 
ATOM 1171 O O    . LYS A 1 85  ? 6.682   7.747   11.839  1.00 0.00 ? 114 LYS A O    1 
ATOM 1172 C CB   . LYS A 1 85  ? 5.749   4.911   13.106  1.00 0.00 ? 114 LYS A CB   1 
ATOM 1173 C CG   . LYS A 1 85  ? 5.282   5.901   14.180  1.00 0.00 ? 114 LYS A CG   1 
ATOM 1174 C CD   . LYS A 1 85  ? 5.224   5.172   15.526  1.00 0.00 ? 114 LYS A CD   1 
ATOM 1175 C CE   . LYS A 1 85  ? 4.651   6.124   16.581  1.00 0.00 ? 114 LYS A CE   1 
ATOM 1176 N NZ   . LYS A 1 85  ? 4.535   5.417   17.888  1.00 0.00 ? 114 LYS A NZ   1 
ATOM 1177 H H    . LYS A 1 85  ? 5.923   3.625   10.761  1.00 0.00 ? 114 LYS A H    1 
ATOM 1178 H HA   . LYS A 1 85  ? 4.713   6.141   11.647  1.00 0.00 ? 114 LYS A HA   1 
ATOM 1179 H HB2  . LYS A 1 85  ? 5.117   4.037   13.125  1.00 0.00 ? 114 LYS A HB2  1 
ATOM 1180 H HB3  . LYS A 1 85  ? 6.766   4.637   13.327  1.00 0.00 ? 114 LYS A HB3  1 
ATOM 1181 H HG2  . LYS A 1 85  ? 5.971   6.730   14.245  1.00 0.00 ? 114 LYS A HG2  1 
ATOM 1182 H HG3  . LYS A 1 85  ? 4.301   6.280   13.932  1.00 0.00 ? 114 LYS A HG3  1 
ATOM 1183 H HD2  . LYS A 1 85  ? 4.593   4.299   15.445  1.00 0.00 ? 114 LYS A HD2  1 
ATOM 1184 H HD3  . LYS A 1 85  ? 6.216   4.860   15.819  1.00 0.00 ? 114 LYS A HD3  1 
ATOM 1185 H HE2  . LYS A 1 85  ? 5.299   6.979   16.707  1.00 0.00 ? 114 LYS A HE2  1 
ATOM 1186 H HE3  . LYS A 1 85  ? 3.671   6.465   16.286  1.00 0.00 ? 114 LYS A HE3  1 
ATOM 1187 H HZ1  . LYS A 1 85  ? 4.870   4.438   17.783  1.00 0.00 ? 114 LYS A HZ1  1 
ATOM 1188 H HZ2  . LYS A 1 85  ? 5.112   5.906   18.601  1.00 0.00 ? 114 LYS A HZ2  1 
ATOM 1189 H HZ3  . LYS A 1 85  ? 3.540   5.412   18.191  1.00 0.00 ? 114 LYS A HZ3  1 
ATOM 1190 N N    . LYS A 1 86  ? 7.862   6.015   11.083  1.00 0.00 ? 115 LYS A N    1 
ATOM 1191 C CA   . LYS A 1 86  ? 9.070   6.717   10.837  1.00 0.00 ? 115 LYS A CA   1 
ATOM 1192 C C    . LYS A 1 86  ? 8.953   7.610   9.606   1.00 0.00 ? 115 LYS A C    1 
ATOM 1193 O O    . LYS A 1 86  ? 9.579   8.652   9.591   1.00 0.00 ? 115 LYS A O    1 
ATOM 1194 C CB   . LYS A 1 86  ? 10.103  5.668   10.681  1.00 0.00 ? 115 LYS A CB   1 
ATOM 1195 C CG   . LYS A 1 86  ? 11.233  5.957   11.600  1.00 0.00 ? 115 LYS A CG   1 
ATOM 1196 C CD   . LYS A 1 86  ? 12.417  5.055   11.228  1.00 0.00 ? 115 LYS A CD   1 
ATOM 1197 C CE   . LYS A 1 86  ? 13.408  4.947   12.400  1.00 0.00 ? 115 LYS A CE   1 
ATOM 1198 N NZ   . LYS A 1 86  ? 13.762  6.305   12.904  1.00 0.00 ? 115 LYS A NZ   1 
ATOM 1199 H H    . LYS A 1 86  ? 7.987   5.086   10.831  1.00 0.00 ? 115 LYS A H    1 
ATOM 1200 H HA   . LYS A 1 86  ? 9.240   7.288   11.714  1.00 0.00 ? 115 LYS A HA   1 
ATOM 1201 H HB2  . LYS A 1 86  ? 9.724   4.713   11.018  1.00 0.00 ? 115 LYS A HB2  1 
ATOM 1202 H HB3  . LYS A 1 86  ? 10.334  5.576   9.645   1.00 0.00 ? 115 LYS A HB3  1 
ATOM 1203 H HG2  . LYS A 1 86  ? 11.477  7.005   11.547  1.00 0.00 ? 115 LYS A HG2  1 
ATOM 1204 H HG3  . LYS A 1 86  ? 10.834  5.727   12.578  1.00 0.00 ? 115 LYS A HG3  1 
ATOM 1205 H HD2  . LYS A 1 86  ? 12.097  4.080   10.901  1.00 0.00 ? 115 LYS A HD2  1 
ATOM 1206 H HD3  . LYS A 1 86  ? 12.939  5.518   10.404  1.00 0.00 ? 115 LYS A HD3  1 
ATOM 1207 H HE2  . LYS A 1 86  ? 13.005  4.389   13.226  1.00 0.00 ? 115 LYS A HE2  1 
ATOM 1208 H HE3  . LYS A 1 86  ? 14.303  4.450   12.039  1.00 0.00 ? 115 LYS A HE3  1 
ATOM 1209 H HZ1  . LYS A 1 86  ? 13.268  7.015   12.334  1.00 0.00 ? 115 LYS A HZ1  1 
ATOM 1210 H HZ2  . LYS A 1 86  ? 13.472  6.404   13.905  1.00 0.00 ? 115 LYS A HZ2  1 
ATOM 1211 H HZ3  . LYS A 1 86  ? 14.783  6.447   12.814  1.00 0.00 ? 115 LYS A HZ3  1 
ATOM 1212 N N    . TRP A 1 87  ? 8.196   7.265   8.583   1.00 0.00 ? 116 TRP A N    1 
ATOM 1213 C CA   . TRP A 1 87  ? 8.265   8.277   7.496   1.00 0.00 ? 116 TRP A CA   1 
ATOM 1214 C C    . TRP A 1 87  ? 7.586   9.616   7.577   1.00 0.00 ? 116 TRP A C    1 
ATOM 1215 O O    . TRP A 1 87  ? 6.453   9.834   7.954   1.00 0.00 ? 116 TRP A O    1 
ATOM 1216 C CB   . TRP A 1 87  ? 7.834   7.717   6.233   1.00 0.00 ? 116 TRP A CB   1 
ATOM 1217 C CG   . TRP A 1 87  ? 8.544   6.444   6.407   1.00 0.00 ? 116 TRP A CG   1 
ATOM 1218 C CD1  . TRP A 1 87  ? 7.750   5.444   6.514   1.00 0.00 ? 116 TRP A CD1  1 
ATOM 1219 C CD2  . TRP A 1 87  ? 9.776   6.078   6.733   1.00 0.00 ? 116 TRP A CD2  1 
ATOM 1220 N NE1  . TRP A 1 87  ? 8.487   4.471   6.942   1.00 0.00 ? 116 TRP A NE1  1 
ATOM 1221 C CE2  . TRP A 1 87  ? 9.730   4.793   7.117   1.00 0.00 ? 116 TRP A CE2  1 
ATOM 1222 C CE3  . TRP A 1 87  ? 10.927  6.753   6.727   1.00 0.00 ? 116 TRP A CE3  1 
ATOM 1223 C CZ2  . TRP A 1 87  ? 10.771  4.114   7.575   1.00 0.00 ? 116 TRP A CZ2  1 
ATOM 1224 C CZ3  . TRP A 1 87  ? 12.076  6.099   7.176   1.00 0.00 ? 116 TRP A CZ3  1 
ATOM 1225 C CH2  . TRP A 1 87  ? 11.997  4.766   7.616   1.00 0.00 ? 116 TRP A CH2  1 
ATOM 1226 H H    . TRP A 1 87  ? 7.647   6.445   8.528   1.00 0.00 ? 116 TRP A H    1 
ATOM 1227 H HA   . TRP A 1 87  ? 9.268   8.325   7.234   1.00 0.00 ? 116 TRP A HA   1 
ATOM 1228 H HB2  . TRP A 1 87  ? 6.791   7.572   6.447   1.00 0.00 ? 116 TRP A HB2  1 
ATOM 1229 H HB3  . TRP A 1 87  ? 8.183   8.431   5.501   1.00 0.00 ? 116 TRP A HB3  1 
ATOM 1230 H HD1  . TRP A 1 87  ? 6.758   5.579   6.246   1.00 0.00 ? 116 TRP A HD1  1 
ATOM 1231 H HE1  . TRP A 1 87  ? 8.194   3.554   7.106   1.00 0.00 ? 116 TRP A HE1  1 
ATOM 1232 H HE3  . TRP A 1 87  ? 10.824  7.744   6.286   1.00 0.00 ? 116 TRP A HE3  1 
ATOM 1233 H HZ2  . TRP A 1 87  ? 10.480  3.132   7.946   1.00 0.00 ? 116 TRP A HZ2  1 
ATOM 1234 H HZ3  . TRP A 1 87  ? 13.022  6.616   7.190   1.00 0.00 ? 116 TRP A HZ3  1 
ATOM 1235 H HH2  . TRP A 1 87  ? 12.874  4.251   7.977   1.00 0.00 ? 116 TRP A HH2  1 
ATOM 1236 N N    . ASP A 1 88  ? 8.488   10.442  7.164   1.00 0.00 ? 117 ASP A N    1 
ATOM 1237 C CA   . ASP A 1 88  ? 8.394   11.903  7.042   1.00 0.00 ? 117 ASP A CA   1 
ATOM 1238 C C    . ASP A 1 88  ? 8.323   12.575  5.708   1.00 0.00 ? 117 ASP A C    1 
ATOM 1239 O O    . ASP A 1 88  ? 8.231   12.029  4.629   1.00 0.00 ? 117 ASP A O    1 
ATOM 1240 C CB   . ASP A 1 88  ? 9.566   12.452  7.809   1.00 0.00 ? 117 ASP A CB   1 
ATOM 1241 C CG   . ASP A 1 88  ? 10.926  11.959  7.310   1.00 0.00 ? 117 ASP A CG   1 
ATOM 1242 O OD1  . ASP A 1 88  ? 11.160  10.764  7.386   1.00 0.00 ? 117 ASP A OD1  1 
ATOM 1243 O OD2  . ASP A 1 88  ? 11.659  12.834  6.884   1.00 0.00 ? 117 ASP A OD2  1 
ATOM 1244 H H    . ASP A 1 88  ? 9.311   10.012  6.896   1.00 0.00 ? 117 ASP A H    1 
ATOM 1245 H HA   . ASP A 1 88  ? 7.514   12.207  7.590   1.00 0.00 ? 117 ASP A HA   1 
ATOM 1246 H HB2  . ASP A 1 88  ? 9.617   13.513  7.993   1.00 0.00 ? 117 ASP A HB2  1 
ATOM 1247 H HB3  . ASP A 1 88  ? 9.339   11.986  8.713   1.00 0.00 ? 117 ASP A HB3  1 
ATOM 1248 N N    . LEU A 1 89  ? 8.394   13.832  6.003   1.00 0.00 ? 118 LEU A N    1 
ATOM 1249 C CA   . LEU A 1 89  ? 8.373   14.974  5.060   1.00 0.00 ? 118 LEU A CA   1 
ATOM 1250 C C    . LEU A 1 89  ? 8.910   14.802  3.642   1.00 0.00 ? 118 LEU A C    1 
ATOM 1251 O O    . LEU A 1 89  ? 8.399   14.072  2.814   1.00 0.00 ? 118 LEU A O    1 
ATOM 1252 C CB   . LEU A 1 89  ? 9.056   16.022  5.842   1.00 0.00 ? 118 LEU A CB   1 
ATOM 1253 C CG   . LEU A 1 89  ? 8.284   16.564  7.055   1.00 0.00 ? 118 LEU A CG   1 
ATOM 1254 C CD1  . LEU A 1 89  ? 7.367   15.604  7.838   1.00 0.00 ? 118 LEU A CD1  1 
ATOM 1255 C CD2  . LEU A 1 89  ? 9.452   16.824  7.946   1.00 0.00 ? 118 LEU A CD2  1 
ATOM 1256 H H    . LEU A 1 89  ? 8.484   14.004  6.972   1.00 0.00 ? 118 LEU A H    1 
ATOM 1257 H HA   . LEU A 1 89  ? 7.505   15.522  4.999   1.00 0.00 ? 118 LEU A HA   1 
ATOM 1258 H HB2  . LEU A 1 89  ? 9.944   15.541  6.146   1.00 0.00 ? 118 LEU A HB2  1 
ATOM 1259 H HB3  . LEU A 1 89  ? 9.264   16.910  5.261   1.00 0.00 ? 118 LEU A HB3  1 
ATOM 1260 H HG   . LEU A 1 89  ? 7.764   17.472  6.814   1.00 0.00 ? 118 LEU A HG   1 
ATOM 1261 H HD11 . LEU A 1 89  ? 6.628   15.165  7.186   1.00 0.00 ? 118 LEU A HD11 1 
ATOM 1262 H HD12 . LEU A 1 89  ? 7.936   14.827  8.321   1.00 0.00 ? 118 LEU A HD12 1 
ATOM 1263 H HD13 . LEU A 1 89  ? 6.856   16.160  8.610   1.00 0.00 ? 118 LEU A HD13 1 
ATOM 1264 H HD21 . LEU A 1 89  ? 10.131  17.455  7.386   1.00 0.00 ? 118 LEU A HD21 1 
ATOM 1265 H HD22 . LEU A 1 89  ? 9.153   17.284  8.875   1.00 0.00 ? 118 LEU A HD22 1 
ATOM 1266 H HD23 . LEU A 1 89  ? 9.927   15.869  8.129   1.00 0.00 ? 118 LEU A HD23 1 
ATOM 1267 N N    . GLY A 1 90  ? 9.958   15.531  3.463   1.00 0.00 ? 119 GLY A N    1 
ATOM 1268 C CA   . GLY A 1 90  ? 10.718  15.594  2.177   1.00 0.00 ? 119 GLY A CA   1 
ATOM 1269 C C    . GLY A 1 90  ? 11.142  14.195  1.786   1.00 0.00 ? 119 GLY A C    1 
ATOM 1270 O O    . GLY A 1 90  ? 10.959  13.746  0.674   1.00 0.00 ? 119 GLY A O    1 
ATOM 1271 H H    . GLY A 1 90  ? 10.204  16.027  4.260   1.00 0.00 ? 119 GLY A H    1 
ATOM 1272 H HA2  . GLY A 1 90  ? 10.089  16.011  1.406   1.00 0.00 ? 119 GLY A HA2  1 
ATOM 1273 H HA3  . GLY A 1 90  ? 11.597  16.209  2.313   1.00 0.00 ? 119 GLY A HA3  1 
ATOM 1274 N N    . ASP A 1 91  ? 11.709  13.583  2.781   1.00 0.00 ? 120 ASP A N    1 
ATOM 1275 C CA   . ASP A 1 91  ? 12.234  12.205  2.741   1.00 0.00 ? 120 ASP A CA   1 
ATOM 1276 C C    . ASP A 1 91  ? 11.101  11.366  2.078   1.00 0.00 ? 120 ASP A C    1 
ATOM 1277 O O    . ASP A 1 91  ? 9.961   11.678  2.359   1.00 0.00 ? 120 ASP A O    1 
ATOM 1278 C CB   . ASP A 1 91  ? 12.521  11.993  4.198   1.00 0.00 ? 120 ASP A CB   1 
ATOM 1279 C CG   . ASP A 1 91  ? 13.606  11.007  4.651   1.00 0.00 ? 120 ASP A CG   1 
ATOM 1280 O OD1  . ASP A 1 91  ? 14.544  10.789  3.914   1.00 0.00 ? 120 ASP A OD1  1 
ATOM 1281 O OD2  . ASP A 1 91  ? 13.434  10.526  5.758   1.00 0.00 ? 120 ASP A OD2  1 
ATOM 1282 H H    . ASP A 1 91  ? 11.799  14.063  3.618   1.00 0.00 ? 120 ASP A H    1 
ATOM 1283 H HA   . ASP A 1 91  ? 13.125  12.241  2.183   1.00 0.00 ? 120 ASP A HA   1 
ATOM 1284 H HB2  . ASP A 1 91  ? 12.872  12.958  4.504   1.00 0.00 ? 120 ASP A HB2  1 
ATOM 1285 H HB3  . ASP A 1 91  ? 11.590  11.782  4.677   1.00 0.00 ? 120 ASP A HB3  1 
ATOM 1286 N N    . ILE A 1 92  ? 11.353  10.358  1.255   1.00 0.00 ? 121 ILE A N    1 
ATOM 1287 C CA   . ILE A 1 92  ? 10.121  9.638   0.680   1.00 0.00 ? 121 ILE A CA   1 
ATOM 1288 C C    . ILE A 1 92  ? 9.930   8.080   0.764   1.00 0.00 ? 121 ILE A C    1 
ATOM 1289 O O    . ILE A 1 92  ? 10.788  7.311   1.123   1.00 0.00 ? 121 ILE A O    1 
ATOM 1290 C CB   . ILE A 1 92  ? 10.061  10.127  -0.801  1.00 0.00 ? 121 ILE A CB   1 
ATOM 1291 C CG1  . ILE A 1 92  ? 9.229   11.425  -0.835  1.00 0.00 ? 121 ILE A CG1  1 
ATOM 1292 C CG2  . ILE A 1 92  ? 9.433   9.106   -1.755  1.00 0.00 ? 121 ILE A CG2  1 
ATOM 1293 C CD1  . ILE A 1 92  ? 9.312   12.103  -2.213  1.00 0.00 ? 121 ILE A CD1  1 
ATOM 1294 H H    . ILE A 1 92  ? 12.311  10.092  1.050   1.00 0.00 ? 121 ILE A H    1 
ATOM 1295 H HA   . ILE A 1 92  ? 9.238   10.041  1.145   1.00 0.00 ? 121 ILE A HA   1 
ATOM 1296 H HB   . ILE A 1 92  ? 11.070  10.339  -1.123  1.00 0.00 ? 121 ILE A HB   1 
ATOM 1297 H HG12 . ILE A 1 92  ? 8.196   11.186  -0.633  1.00 0.00 ? 121 ILE A HG12 1 
ATOM 1298 H HG13 . ILE A 1 92  ? 9.567   12.107  -0.076  1.00 0.00 ? 121 ILE A HG13 1 
ATOM 1299 H HG21 . ILE A 1 92  ? 9.987   8.181   -1.744  1.00 0.00 ? 121 ILE A HG21 1 
ATOM 1300 H HG22 . ILE A 1 92  ? 8.411   8.923   -1.470  1.00 0.00 ? 121 ILE A HG22 1 
ATOM 1301 H HG23 . ILE A 1 92  ? 9.438   9.483   -2.764  1.00 0.00 ? 121 ILE A HG23 1 
ATOM 1302 H HD11 . ILE A 1 92  ? 10.338  12.343  -2.451  1.00 0.00 ? 121 ILE A HD11 1 
ATOM 1303 H HD12 . ILE A 1 92  ? 8.912   11.467  -2.989  1.00 0.00 ? 121 ILE A HD12 1 
ATOM 1304 H HD13 . ILE A 1 92  ? 8.738   13.017  -2.195  1.00 0.00 ? 121 ILE A HD13 1 
ATOM 1305 N N    . LEU A 1 93  ? 8.755   7.573   0.488   1.00 0.00 ? 122 LEU A N    1 
ATOM 1306 C CA   . LEU A 1 93  ? 8.593   6.071   0.537   1.00 0.00 ? 122 LEU A CA   1 
ATOM 1307 C C    . LEU A 1 93  ? 8.461   5.601   -0.877  1.00 0.00 ? 122 LEU A C    1 
ATOM 1308 O O    . LEU A 1 93  ? 8.234   6.422   -1.746  1.00 0.00 ? 122 LEU A O    1 
ATOM 1309 C CB   . LEU A 1 93  ? 7.298   5.604   1.209   1.00 0.00 ? 122 LEU A CB   1 
ATOM 1310 C CG   . LEU A 1 93  ? 7.319   5.682   2.687   1.00 0.00 ? 122 LEU A CG   1 
ATOM 1311 C CD1  . LEU A 1 93  ? 8.140   6.904   2.964   1.00 0.00 ? 122 LEU A CD1  1 
ATOM 1312 C CD2  . LEU A 1 93  ? 5.886   5.922   3.112   1.00 0.00 ? 122 LEU A CD2  1 
ATOM 1313 H H    . LEU A 1 93  ? 7.970   8.139   0.318   1.00 0.00 ? 122 LEU A H    1 
ATOM 1314 H HA   . LEU A 1 93  ? 9.452   5.581   0.967   1.00 0.00 ? 122 LEU A HA   1 
ATOM 1315 H HB2  . LEU A 1 93  ? 6.490   6.238   0.885   1.00 0.00 ? 122 LEU A HB2  1 
ATOM 1316 H HB3  . LEU A 1 93  ? 7.079   4.588   0.918   1.00 0.00 ? 122 LEU A HB3  1 
ATOM 1317 H HG   . LEU A 1 93  ? 7.684   4.737   3.049   1.00 0.00 ? 122 LEU A HG   1 
ATOM 1318 H HD11 . LEU A 1 93  ? 7.647   7.554   2.235   1.00 0.00 ? 122 LEU A HD11 1 
ATOM 1319 H HD12 . LEU A 1 93  ? 8.235   7.267   3.985   1.00 0.00 ? 122 LEU A HD12 1 
ATOM 1320 H HD13 . LEU A 1 93  ? 9.156   6.752   2.671   1.00 0.00 ? 122 LEU A HD13 1 
ATOM 1321 H HD21 . LEU A 1 93  ? 5.272   5.116   2.735   1.00 0.00 ? 122 LEU A HD21 1 
ATOM 1322 H HD22 . LEU A 1 93  ? 5.818   5.960   4.189   1.00 0.00 ? 122 LEU A HD22 1 
ATOM 1323 H HD23 . LEU A 1 93  ? 5.532   6.851   2.686   1.00 0.00 ? 122 LEU A HD23 1 
ATOM 1324 N N    . GLY A 1 94  ? 8.626   4.306   -0.979  1.00 0.00 ? 123 GLY A N    1 
ATOM 1325 C CA   . GLY A 1 94  ? 8.535   3.518   -2.239  1.00 0.00 ? 123 GLY A CA   1 
ATOM 1326 C C    . GLY A 1 94  ? 7.934   2.309   -1.526  1.00 0.00 ? 123 GLY A C    1 
ATOM 1327 O O    . GLY A 1 94  ? 8.661   1.675   -0.803  1.00 0.00 ? 123 GLY A O    1 
ATOM 1328 H H    . GLY A 1 94  ? 8.838   3.789   -0.160  1.00 0.00 ? 123 GLY A H    1 
ATOM 1329 H HA2  . GLY A 1 94  ? 7.837   3.966   -2.930  1.00 0.00 ? 123 GLY A HA2  1 
ATOM 1330 H HA3  . GLY A 1 94  ? 9.511   3.303   -2.652  1.00 0.00 ? 123 GLY A HA3  1 
ATOM 1331 N N    . ALA A 1 95  ? 6.693   1.932   -1.649  1.00 0.00 ? 124 ALA A N    1 
ATOM 1332 C CA   . ALA A 1 95  ? 6.317   0.727   -0.836  1.00 0.00 ? 124 ALA A CA   1 
ATOM 1333 C C    . ALA A 1 95  ? 5.459   -0.036  -1.703  1.00 0.00 ? 124 ALA A C    1 
ATOM 1334 O O    . ALA A 1 95  ? 5.266   0.403   -2.800  1.00 0.00 ? 124 ALA A O    1 
ATOM 1335 C CB   . ALA A 1 95  ? 5.589   1.192   0.275   1.00 0.00 ? 124 ALA A CB   1 
ATOM 1336 H H    . ALA A 1 95  ? 5.998   2.360   -2.230  1.00 0.00 ? 124 ALA A H    1 
ATOM 1337 H HA   . ALA A 1 95  ? 7.120   0.057   -0.544  1.00 0.00 ? 124 ALA A HA   1 
ATOM 1338 H HB1  . ALA A 1 95  ? 4.853   1.706   -0.323  1.00 0.00 ? 124 ALA A HB1  1 
ATOM 1339 H HB2  . ALA A 1 95  ? 5.158   0.401   0.870   1.00 0.00 ? 124 ALA A HB2  1 
ATOM 1340 H HB3  . ALA A 1 95  ? 6.158   1.891   0.868   1.00 0.00 ? 124 ALA A HB3  1 
ATOM 1341 N N    . LYS A 1 96  ? 4.969   -1.122  -1.210  1.00 0.00 ? 125 LYS A N    1 
ATOM 1342 C CA   . LYS A 1 96  ? 4.097   -1.916  -2.068  1.00 0.00 ? 125 LYS A CA   1 
ATOM 1343 C C    . LYS A 1 96  ? 3.087   -2.736  -1.348  1.00 0.00 ? 125 LYS A C    1 
ATOM 1344 O O    . LYS A 1 96  ? 3.292   -3.172  -0.232  1.00 0.00 ? 125 LYS A O    1 
ATOM 1345 C CB   . LYS A 1 96  ? 5.000   -2.785  -2.925  1.00 0.00 ? 125 LYS A CB   1 
ATOM 1346 C CG   . LYS A 1 96  ? 4.406   -4.152  -3.232  1.00 0.00 ? 125 LYS A CG   1 
ATOM 1347 C CD   . LYS A 1 96  ? 4.510   -5.134  -2.064  1.00 0.00 ? 125 LYS A CD   1 
ATOM 1348 C CE   . LYS A 1 96  ? 5.362   -6.326  -2.506  1.00 0.00 ? 125 LYS A CE   1 
ATOM 1349 N NZ   . LYS A 1 96  ? 6.724   -5.871  -2.900  1.00 0.00 ? 125 LYS A NZ   1 
ATOM 1350 H H    . LYS A 1 96  ? 5.168   -1.394  -0.298  1.00 0.00 ? 125 LYS A H    1 
ATOM 1351 H HA   . LYS A 1 96  ? 3.537   -1.215  -2.666  1.00 0.00 ? 125 LYS A HA   1 
ATOM 1352 H HB2  . LYS A 1 96  ? 5.042   -2.265  -3.859  1.00 0.00 ? 125 LYS A HB2  1 
ATOM 1353 H HB3  . LYS A 1 96  ? 5.994   -2.864  -2.508  1.00 0.00 ? 125 LYS A HB3  1 
ATOM 1354 H HG2  . LYS A 1 96  ? 3.374   -4.000  -3.485  1.00 0.00 ? 125 LYS A HG2  1 
ATOM 1355 H HG3  . LYS A 1 96  ? 4.908   -4.579  -4.082  1.00 0.00 ? 125 LYS A HG3  1 
ATOM 1356 H HD2  . LYS A 1 96  ? 4.947   -4.661  -1.201  1.00 0.00 ? 125 LYS A HD2  1 
ATOM 1357 H HD3  . LYS A 1 96  ? 3.520   -5.478  -1.811  1.00 0.00 ? 125 LYS A HD3  1 
ATOM 1358 H HE2  . LYS A 1 96  ? 5.457   -7.029  -1.691  1.00 0.00 ? 125 LYS A HE2  1 
ATOM 1359 H HE3  . LYS A 1 96  ? 4.904   -6.824  -3.348  1.00 0.00 ? 125 LYS A HE3  1 
ATOM 1360 H HZ1  . LYS A 1 96  ? 6.801   -4.842  -2.773  1.00 0.00 ? 125 LYS A HZ1  1 
ATOM 1361 H HZ2  . LYS A 1 96  ? 7.428   -6.347  -2.303  1.00 0.00 ? 125 LYS A HZ2  1 
ATOM 1362 H HZ3  . LYS A 1 96  ? 6.898   -6.111  -3.897  1.00 0.00 ? 125 LYS A HZ3  1 
ATOM 1363 N N    . GLY A 1 97  ? 2.009   -2.904  -2.052  1.00 0.00 ? 126 GLY A N    1 
ATOM 1364 C CA   . GLY A 1 97  ? 0.927   -3.718  -1.457  1.00 0.00 ? 126 GLY A CA   1 
ATOM 1365 C C    . GLY A 1 97  ? 0.084   -4.188  -2.615  1.00 0.00 ? 126 GLY A C    1 
ATOM 1366 O O    . GLY A 1 97  ? 0.050   -3.528  -3.634  1.00 0.00 ? 126 GLY A O    1 
ATOM 1367 H H    . GLY A 1 97  ? 1.930   -2.491  -2.957  1.00 0.00 ? 126 GLY A H    1 
ATOM 1368 H HA2  . GLY A 1 97  ? 1.367   -4.579  -0.976  1.00 0.00 ? 126 GLY A HA2  1 
ATOM 1369 H HA3  . GLY A 1 97  ? 0.360   -3.143  -0.751  1.00 0.00 ? 126 GLY A HA3  1 
ATOM 1370 N N    . LYS A 1 98  ? -0.618  -5.278  -2.507  1.00 0.00 ? 127 LYS A N    1 
ATOM 1371 C CA   . LYS A 1 98  ? -1.356  -5.560  -3.746  1.00 0.00 ? 127 LYS A CA   1 
ATOM 1372 C C    . LYS A 1 98  ? -2.641  -4.863  -3.745  1.00 0.00 ? 127 LYS A C    1 
ATOM 1373 O O    . LYS A 1 98  ? -3.083  -4.306  -2.764  1.00 0.00 ? 127 LYS A O    1 
ATOM 1374 C CB   . LYS A 1 98  ? -1.536  -7.035  -3.884  1.00 0.00 ? 127 LYS A CB   1 
ATOM 1375 C CG   . LYS A 1 98  ? -2.896  -7.546  -3.500  1.00 0.00 ? 127 LYS A CG   1 
ATOM 1376 C CD   . LYS A 1 98  ? -2.797  -9.069  -3.641  1.00 0.00 ? 127 LYS A CD   1 
ATOM 1377 C CE   . LYS A 1 98  ? -4.110  -9.741  -3.259  1.00 0.00 ? 127 LYS A CE   1 
ATOM 1378 N NZ   . LYS A 1 98  ? -3.964  -11.217 -3.419  1.00 0.00 ? 127 LYS A NZ   1 
ATOM 1379 H H    . LYS A 1 98  ? -0.658  -5.851  -1.712  1.00 0.00 ? 127 LYS A H    1 
ATOM 1380 H HA   . LYS A 1 98  ? -0.844  -5.215  -4.604  1.00 0.00 ? 127 LYS A HA   1 
ATOM 1381 H HB2  . LYS A 1 98  ? -1.429  -7.202  -4.947  1.00 0.00 ? 127 LYS A HB2  1 
ATOM 1382 H HB3  . LYS A 1 98  ? -0.753  -7.512  -3.314  1.00 0.00 ? 127 LYS A HB3  1 
ATOM 1383 H HG2  . LYS A 1 98  ? -3.190  -7.244  -2.506  1.00 0.00 ? 127 LYS A HG2  1 
ATOM 1384 H HG3  . LYS A 1 98  ? -3.580  -7.154  -4.237  1.00 0.00 ? 127 LYS A HG3  1 
ATOM 1385 H HD2  . LYS A 1 98  ? -2.558  -9.316  -4.666  1.00 0.00 ? 127 LYS A HD2  1 
ATOM 1386 H HD3  . LYS A 1 98  ? -2.004  -9.438  -3.008  1.00 0.00 ? 127 LYS A HD3  1 
ATOM 1387 H HE2  . LYS A 1 98  ? -4.358  -9.525  -2.230  1.00 0.00 ? 127 LYS A HE2  1 
ATOM 1388 H HE3  . LYS A 1 98  ? -4.909  -9.399  -3.899  1.00 0.00 ? 127 LYS A HE3  1 
ATOM 1389 H HZ1  . LYS A 1 98  ? -3.003  -11.432 -3.756  1.00 0.00 ? 127 LYS A HZ1  1 
ATOM 1390 H HZ2  . LYS A 1 98  ? -4.121  -11.684 -2.503  1.00 0.00 ? 127 LYS A HZ2  1 
ATOM 1391 H HZ3  . LYS A 1 98  ? -4.658  -11.565 -4.112  1.00 0.00 ? 127 LYS A HZ3  1 
ATOM 1392 N N    . LEU A 1 99  ? -3.230  -4.929  -4.886  1.00 0.00 ? 128 LEU A N    1 
ATOM 1393 C CA   . LEU A 1 99  ? -4.516  -4.219  -4.943  1.00 0.00 ? 128 LEU A CA   1 
ATOM 1394 C C    . LEU A 1 99  ? -5.580  -5.226  -4.562  1.00 0.00 ? 128 LEU A C    1 
ATOM 1395 O O    . LEU A 1 99  ? -5.576  -6.344  -5.043  1.00 0.00 ? 128 LEU A O    1 
ATOM 1396 C CB   . LEU A 1 99  ? -4.526  -3.675  -6.356  1.00 0.00 ? 128 LEU A CB   1 
ATOM 1397 C CG   . LEU A 1 99  ? -5.809  -3.951  -7.006  1.00 0.00 ? 128 LEU A CG   1 
ATOM 1398 C CD1  . LEU A 1 99  ? -6.918  -3.100  -6.628  1.00 0.00 ? 128 LEU A CD1  1 
ATOM 1399 C CD2  . LEU A 1 99  ? -5.628  -3.818  -8.466  1.00 0.00 ? 128 LEU A CD2  1 
ATOM 1400 H H    . LEU A 1 99  ? -2.834  -5.450  -5.641  1.00 0.00 ? 128 LEU A H    1 
ATOM 1401 H HA   . LEU A 1 99  ? -4.522  -3.403  -4.240  1.00 0.00 ? 128 LEU A HA   1 
ATOM 1402 H HB2  . LEU A 1 99  ? -4.353  -2.609  -6.328  1.00 0.00 ? 128 LEU A HB2  1 
ATOM 1403 H HB3  . LEU A 1 99  ? -3.727  -4.138  -6.908  1.00 0.00 ? 128 LEU A HB3  1 
ATOM 1404 H HG   . LEU A 1 99  ? -6.170  -4.911  -6.747  1.00 0.00 ? 128 LEU A HG   1 
ATOM 1405 H HD11 . LEU A 1 99  ? -6.940  -3.059  -5.557  1.00 0.00 ? 128 LEU A HD11 1 
ATOM 1406 H HD12 . LEU A 1 99  ? -6.841  -2.106  -7.042  1.00 0.00 ? 128 LEU A HD12 1 
ATOM 1407 H HD13 . LEU A 1 99  ? -7.782  -3.653  -7.009  1.00 0.00 ? 128 LEU A HD13 1 
ATOM 1408 H HD21 . LEU A 1 99  ? -5.199  -2.856  -8.693  1.00 0.00 ? 128 LEU A HD21 1 
ATOM 1409 H HD22 . LEU A 1 99  ? -5.034  -4.612  -8.923  1.00 0.00 ? 128 LEU A HD22 1 
ATOM 1410 H HD23 . LEU A 1 99  ? -6.635  -3.859  -8.857  1.00 0.00 ? 128 LEU A HD23 1 
ATOM 1411 N N    . PHE A 1 100 ? -6.476  -4.822  -3.702  1.00 0.00 ? 129 PHE A N    1 
ATOM 1412 C CA   . PHE A 1 100 ? -7.504  -5.814  -3.325  1.00 0.00 ? 129 PHE A CA   1 
ATOM 1413 C C    . PHE A 1 100 ? -8.815  -5.223  -2.842  1.00 0.00 ? 129 PHE A C    1 
ATOM 1414 O O    . PHE A 1 100 ? -8.932  -4.070  -2.445  1.00 0.00 ? 129 PHE A O    1 
ATOM 1415 C CB   . PHE A 1 100 ? -6.936  -6.699  -2.236  1.00 0.00 ? 129 PHE A CB   1 
ATOM 1416 C CG   . PHE A 1 100 ? -7.001  -5.875  -0.961  1.00 0.00 ? 129 PHE A CG   1 
ATOM 1417 C CD1  . PHE A 1 100 ? -6.132  -4.823  -0.732  1.00 0.00 ? 129 PHE A CD1  1 
ATOM 1418 C CD2  . PHE A 1 100 ? -7.975  -6.180  -0.027  1.00 0.00 ? 129 PHE A CD2  1 
ATOM 1419 C CE1  . PHE A 1 100 ? -6.265  -4.094  0.434   1.00 0.00 ? 129 PHE A CE1  1 
ATOM 1420 C CE2  . PHE A 1 100 ? -8.090  -5.445  1.128   1.00 0.00 ? 129 PHE A CE2  1 
ATOM 1421 C CZ   . PHE A 1 100 ? -7.233  -4.400  1.358   1.00 0.00 ? 129 PHE A CZ   1 
ATOM 1422 H H    . PHE A 1 100 ? -6.485  -3.912  -3.328  1.00 0.00 ? 129 PHE A H    1 
ATOM 1423 H HA   . PHE A 1 100 ? -7.729  -6.422  -4.188  1.00 0.00 ? 129 PHE A HA   1 
ATOM 1424 H HB2  . PHE A 1 100 ? -7.524  -7.596  -2.113  1.00 0.00 ? 129 PHE A HB2  1 
ATOM 1425 H HB3  . PHE A 1 100 ? -5.916  -6.964  -2.448  1.00 0.00 ? 129 PHE A HB3  1 
ATOM 1426 H HD1  . PHE A 1 100 ? -5.346  -4.572  -1.448  1.00 0.00 ? 129 PHE A HD1  1 
ATOM 1427 H HD2  . PHE A 1 100 ? -8.651  -7.002  -0.204  1.00 0.00 ? 129 PHE A HD2  1 
ATOM 1428 H HE1  . PHE A 1 100 ? -5.612  -3.271  0.641   1.00 0.00 ? 129 PHE A HE1  1 
ATOM 1429 H HE2  . PHE A 1 100 ? -8.847  -5.686  1.858   1.00 0.00 ? 129 PHE A HE2  1 
ATOM 1430 H HZ   . PHE A 1 100 ? -7.322  -3.818  2.263   1.00 0.00 ? 129 PHE A HZ   1 
ATOM 1431 N N    . LYS A 1 101 ? -9.704  -6.177  -2.935  1.00 0.00 ? 130 LYS A N    1 
ATOM 1432 C CA   . LYS A 1 101 ? -11.146 -6.094  -2.583  1.00 0.00 ? 130 LYS A CA   1 
ATOM 1433 C C    . LYS A 1 101 ? -11.448 -5.441  -1.246  1.00 0.00 ? 130 LYS A C    1 
ATOM 1434 O O    . LYS A 1 101 ? -11.501 -6.081  -0.215  1.00 0.00 ? 130 LYS A O    1 
ATOM 1435 C CB   . LYS A 1 101 ? -11.708 -7.522  -2.625  1.00 0.00 ? 130 LYS A CB   1 
ATOM 1436 C CG   . LYS A 1 101 ? -13.232 -7.470  -2.451  1.00 0.00 ? 130 LYS A CG   1 
ATOM 1437 C CD   . LYS A 1 101 ? -13.867 -8.469  -3.436  1.00 0.00 ? 130 LYS A CD   1 
ATOM 1438 C CE   . LYS A 1 101 ? -15.354 -8.131  -3.584  1.00 0.00 ? 130 LYS A CE   1 
ATOM 1439 N NZ   . LYS A 1 101 ? -15.942 -8.934  -4.693  1.00 0.00 ? 130 LYS A NZ   1 
ATOM 1440 H H    . LYS A 1 101 ? -9.361  -7.032  -3.274  1.00 0.00 ? 130 LYS A H    1 
ATOM 1441 H HA   . LYS A 1 101 ? -11.625 -5.494  -3.336  1.00 0.00 ? 130 LYS A HA   1 
ATOM 1442 H HB2  . LYS A 1 101 ? -11.452 -7.976  -3.570  1.00 0.00 ? 130 LYS A HB2  1 
ATOM 1443 H HB3  . LYS A 1 101 ? -11.270 -8.109  -1.831  1.00 0.00 ? 130 LYS A HB3  1 
ATOM 1444 H HG2  . LYS A 1 101 ? -13.482 -7.762  -1.441  1.00 0.00 ? 130 LYS A HG2  1 
ATOM 1445 H HG3  . LYS A 1 101 ? -13.607 -6.474  -2.625  1.00 0.00 ? 130 LYS A HG3  1 
ATOM 1446 H HD2  . LYS A 1 101 ? -13.386 -8.418  -4.402  1.00 0.00 ? 130 LYS A HD2  1 
ATOM 1447 H HD3  . LYS A 1 101 ? -13.764 -9.474  -3.054  1.00 0.00 ? 130 LYS A HD3  1 
ATOM 1448 H HE2  . LYS A 1 101 ? -15.885 -8.362  -2.673  1.00 0.00 ? 130 LYS A HE2  1 
ATOM 1449 H HE3  . LYS A 1 101 ? -15.479 -7.083  -3.811  1.00 0.00 ? 130 LYS A HE3  1 
ATOM 1450 H HZ1  . LYS A 1 101 ? -15.205 -9.540  -5.108  1.00 0.00 ? 130 LYS A HZ1  1 
ATOM 1451 H HZ2  . LYS A 1 101 ? -16.715 -9.525  -4.328  1.00 0.00 ? 130 LYS A HZ2  1 
ATOM 1452 H HZ3  . LYS A 1 101 ? -16.311 -8.292  -5.424  1.00 0.00 ? 130 LYS A HZ3  1 
ATOM 1453 N N    . THR A 1 102 ? -11.637 -4.159  -1.315  1.00 0.00 ? 131 THR A N    1 
ATOM 1454 C CA   . THR A 1 102 ? -11.943 -3.380  -0.094  1.00 0.00 ? 131 THR A CA   1 
ATOM 1455 C C    . THR A 1 102 ? -13.458 -3.237  0.057   1.00 0.00 ? 131 THR A C    1 
ATOM 1456 O O    . THR A 1 102 ? -14.033 -3.649  1.046   1.00 0.00 ? 131 THR A O    1 
ATOM 1457 C CB   . THR A 1 102 ? -11.329 -2.036  -0.253  1.00 0.00 ? 131 THR A CB   1 
ATOM 1458 O OG1  . THR A 1 102 ? -10.028 -2.375  -0.683  1.00 0.00 ? 131 THR A OG1  1 
ATOM 1459 C CG2  . THR A 1 102 ? -11.115 -1.334  1.094   1.00 0.00 ? 131 THR A CG2  1 
ATOM 1460 H H    . THR A 1 102 ? -11.580 -3.687  -2.173  1.00 0.00 ? 131 THR A H    1 
ATOM 1461 H HA   . THR A 1 102 ? -11.531 -3.883  0.776   1.00 0.00 ? 131 THR A HA   1 
ATOM 1462 H HB   . THR A 1 102 ? -11.819 -1.445  -1.011  1.00 0.00 ? 131 THR A HB   1 
ATOM 1463 H HG1  . THR A 1 102 ? -9.897  -3.319  -0.576  1.00 0.00 ? 131 THR A HG1  1 
ATOM 1464 H HG21 . THR A 1 102 ? -12.059 -1.215  1.602   1.00 0.00 ? 131 THR A HG21 1 
ATOM 1465 H HG22 . THR A 1 102 ? -10.450 -1.913  1.719   1.00 0.00 ? 131 THR A HG22 1 
ATOM 1466 H HG23 . THR A 1 102 ? -10.680 -0.359  0.933   1.00 0.00 ? 131 THR A HG23 1 
ATOM 1467 N N    . LYS A 1 103 ? -14.022 -2.652  -0.968  1.00 0.00 ? 132 LYS A N    1 
ATOM 1468 C CA   . LYS A 1 103 ? -15.490 -2.407  -1.009  1.00 0.00 ? 132 LYS A CA   1 
ATOM 1469 C C    . LYS A 1 103 ? -16.160 -2.954  -2.274  1.00 0.00 ? 132 LYS A C    1 
ATOM 1470 O O    . LYS A 1 103 ? -17.192 -3.591  -2.202  1.00 0.00 ? 132 LYS A O    1 
ATOM 1471 C CB   . LYS A 1 103 ? -15.652 -0.899  -0.893  1.00 0.00 ? 132 LYS A CB   1 
ATOM 1472 C CG   . LYS A 1 103 ? -17.106 -0.500  -0.715  1.00 0.00 ? 132 LYS A CG   1 
ATOM 1473 C CD   . LYS A 1 103 ? -17.110 0.996   -0.447  1.00 0.00 ? 132 LYS A CD   1 
ATOM 1474 C CE   . LYS A 1 103 ? -18.533 1.462   -0.139  1.00 0.00 ? 132 LYS A CE   1 
ATOM 1475 N NZ   . LYS A 1 103 ? -18.489 2.915   0.166   1.00 0.00 ? 132 LYS A NZ   1 
ATOM 1476 H H    . LYS A 1 103 ? -13.464 -2.378  -1.727  1.00 0.00 ? 132 LYS A H    1 
ATOM 1477 H HA   . LYS A 1 103 ? -15.940 -2.898  -0.159  1.00 0.00 ? 132 LYS A HA   1 
ATOM 1478 H HB2  . LYS A 1 103 ? -15.062 -0.541  -0.059  1.00 0.00 ? 132 LYS A HB2  1 
ATOM 1479 H HB3  . LYS A 1 103 ? -15.275 -0.436  -1.794  1.00 0.00 ? 132 LYS A HB3  1 
ATOM 1480 H HG2  . LYS A 1 103 ? -17.682 -0.717  -1.607  1.00 0.00 ? 132 LYS A HG2  1 
ATOM 1481 H HG3  . LYS A 1 103 ? -17.523 -1.026  0.124   1.00 0.00 ? 132 LYS A HG3  1 
ATOM 1482 H HD2  . LYS A 1 103 ? -16.467 1.247   0.381   1.00 0.00 ? 132 LYS A HD2  1 
ATOM 1483 H HD3  . LYS A 1 103 ? -16.729 1.487   -1.334  1.00 0.00 ? 132 LYS A HD3  1 
ATOM 1484 H HE2  . LYS A 1 103 ? -19.186 1.307   -0.987  1.00 0.00 ? 132 LYS A HE2  1 
ATOM 1485 H HE3  . LYS A 1 103 ? -18.930 0.930   0.718   1.00 0.00 ? 132 LYS A HE3  1 
ATOM 1486 H HZ1  . LYS A 1 103 ? -17.507 3.246   0.080   1.00 0.00 ? 132 LYS A HZ1  1 
ATOM 1487 H HZ2  . LYS A 1 103 ? -19.085 3.443   -0.503  1.00 0.00 ? 132 LYS A HZ2  1 
ATOM 1488 H HZ3  . LYS A 1 103 ? -18.823 3.061   1.144   1.00 0.00 ? 132 LYS A HZ3  1 
ATOM 1489 N N    . THR A 1 104 ? -15.543 -2.700  -3.397  1.00 0.00 ? 133 THR A N    1 
ATOM 1490 C CA   . THR A 1 104 ? -16.118 -3.177  -4.690  1.00 0.00 ? 133 THR A CA   1 
ATOM 1491 C C    . THR A 1 104 ? -15.342 -4.358  -5.276  1.00 0.00 ? 133 THR A C    1 
ATOM 1492 O O    . THR A 1 104 ? -15.893 -5.142  -6.024  1.00 0.00 ? 133 THR A O    1 
ATOM 1493 C CB   . THR A 1 104 ? -16.116 -1.986  -5.664  1.00 0.00 ? 133 THR A CB   1 
ATOM 1494 O OG1  . THR A 1 104 ? -16.714 -2.488  -6.851  1.00 0.00 ? 133 THR A OG1  1 
ATOM 1495 C CG2  . THR A 1 104 ? -14.696 -1.595  -6.100  1.00 0.00 ? 133 THR A CG2  1 
ATOM 1496 H H    . THR A 1 104 ? -14.700 -2.202  -3.391  1.00 0.00 ? 133 THR A H    1 
ATOM 1497 H HA   . THR A 1 104 ? -17.137 -3.491  -4.532  1.00 0.00 ? 133 THR A HA   1 
ATOM 1498 H HB   . THR A 1 104 ? -16.678 -1.145  -5.287  1.00 0.00 ? 133 THR A HB   1 
ATOM 1499 H HG1  . THR A 1 104 ? -16.956 -3.406  -6.704  1.00 0.00 ? 133 THR A HG1  1 
ATOM 1500 H HG21 . THR A 1 104 ? -14.101 -1.332  -5.236  1.00 0.00 ? 133 THR A HG21 1 
ATOM 1501 H HG22 . THR A 1 104 ? -14.218 -2.410  -6.625  1.00 0.00 ? 133 THR A HG22 1 
ATOM 1502 H HG23 . THR A 1 104 ? -14.743 -0.743  -6.764  1.00 0.00 ? 133 THR A HG23 1 
ATOM 1503 N N    . GLY A 1 105 ? -14.091 -4.455  -4.923  1.00 0.00 ? 134 GLY A N    1 
ATOM 1504 C CA   . GLY A 1 105 ? -13.261 -5.575  -5.448  1.00 0.00 ? 134 GLY A CA   1 
ATOM 1505 C C    . GLY A 1 105 ? -11.959 -5.029  -6.004  1.00 0.00 ? 134 GLY A C    1 
ATOM 1506 O O    . GLY A 1 105 ? -11.146 -5.763  -6.532  1.00 0.00 ? 134 GLY A O    1 
ATOM 1507 H H    . GLY A 1 105 ? -13.697 -3.795  -4.313  1.00 0.00 ? 134 GLY A H    1 
ATOM 1508 H HA2  . GLY A 1 105 ? -13.037 -6.261  -4.655  1.00 0.00 ? 134 GLY A HA2  1 
ATOM 1509 H HA3  . GLY A 1 105 ? -13.787 -6.097  -6.234  1.00 0.00 ? 134 GLY A HA3  1 
ATOM 1510 N N    . GLU A 1 106 ? -11.787 -3.744  -5.876  1.00 0.00 ? 135 GLU A N    1 
ATOM 1511 C CA   . GLU A 1 106 ? -10.554 -3.139  -6.389  1.00 0.00 ? 135 GLU A CA   1 
ATOM 1512 C C    . GLU A 1 106 ? -9.548  -2.557  -5.427  1.00 0.00 ? 135 GLU A C    1 
ATOM 1513 O O    . GLU A 1 106 ? -8.895  -3.211  -4.658  1.00 0.00 ? 135 GLU A O    1 
ATOM 1514 C CB   . GLU A 1 106 ? -11.093 -2.157  -7.430  1.00 0.00 ? 135 GLU A CB   1 
ATOM 1515 C CG   . GLU A 1 106 ? -9.919  -1.731  -8.363  1.00 0.00 ? 135 GLU A CG   1 
ATOM 1516 C CD   . GLU A 1 106 ? -10.464 -1.068  -9.622  1.00 0.00 ? 135 GLU A CD   1 
ATOM 1517 O OE1  . GLU A 1 106 ? -11.220 -1.751  -10.293 1.00 0.00 ? 135 GLU A OE1  1 
ATOM 1518 O OE2  . GLU A 1 106 ? -10.090 0.074   -9.838  1.00 0.00 ? 135 GLU A OE2  1 
ATOM 1519 H H    . GLU A 1 106 ? -12.453 -3.160  -5.468  1.00 0.00 ? 135 GLU A H    1 
ATOM 1520 H HA   . GLU A 1 106 ? -9.969  -3.749  -6.992  1.00 0.00 ? 135 GLU A HA   1 
ATOM 1521 H HB2  . GLU A 1 106 ? -11.857 -2.713  -7.948  1.00 0.00 ? 135 GLU A HB2  1 
ATOM 1522 H HB3  . GLU A 1 106 ? -11.581 -1.318  -6.961  1.00 0.00 ? 135 GLU A HB3  1 
ATOM 1523 H HG2  . GLU A 1 106 ? -9.269  -1.020  -7.877  1.00 0.00 ? 135 GLU A HG2  1 
ATOM 1524 H HG3  . GLU A 1 106 ? -9.328  -2.584  -8.655  1.00 0.00 ? 135 GLU A HG3  1 
ATOM 1525 N N    . LEU A 1 107 ? -9.512  -1.306  -5.578  1.00 0.00 ? 136 LEU A N    1 
ATOM 1526 C CA   . LEU A 1 107 ? -8.763  -0.250  -4.983  1.00 0.00 ? 136 LEU A CA   1 
ATOM 1527 C C    . LEU A 1 107 ? -8.000  -0.024  -3.738  1.00 0.00 ? 136 LEU A C    1 
ATOM 1528 O O    . LEU A 1 107 ? -7.601  1.107   -3.549  1.00 0.00 ? 136 LEU A O    1 
ATOM 1529 C CB   . LEU A 1 107 ? -9.766  0.801   -5.207  1.00 0.00 ? 136 LEU A CB   1 
ATOM 1530 C CG   . LEU A 1 107 ? -10.919 0.534   -4.179  1.00 0.00 ? 136 LEU A CG   1 
ATOM 1531 C CD1  . LEU A 1 107 ? -10.520 0.454   -2.716  1.00 0.00 ? 136 LEU A CD1  1 
ATOM 1532 C CD2  . LEU A 1 107 ? -12.112 1.472   -4.371  1.00 0.00 ? 136 LEU A CD2  1 
ATOM 1533 H H    . LEU A 1 107 ? -10.106 -0.945  -6.225  1.00 0.00 ? 136 LEU A H    1 
ATOM 1534 H HA   . LEU A 1 107 ? -7.904  -0.303  -5.588  1.00 0.00 ? 136 LEU A HA   1 
ATOM 1535 H HB2  . LEU A 1 107 ? -9.283  1.702   -5.178  1.00 0.00 ? 136 LEU A HB2  1 
ATOM 1536 H HB3  . LEU A 1 107 ? -10.183 0.776   -6.203  1.00 0.00 ? 136 LEU A HB3  1 
ATOM 1537 H HG   . LEU A 1 107 ? -11.189 -0.492  -4.310  1.00 0.00 ? 136 LEU A HG   1 
ATOM 1538 H HD11 . LEU A 1 107 ? -9.958  1.322   -2.409  1.00 0.00 ? 136 LEU A HD11 1 
ATOM 1539 H HD12 . LEU A 1 107 ? -11.406 0.368   -2.107  1.00 0.00 ? 136 LEU A HD12 1 
ATOM 1540 H HD13 . LEU A 1 107 ? -9.933  -0.455  -2.594  1.00 0.00 ? 136 LEU A HD13 1 
ATOM 1541 H HD21 . LEU A 1 107 ? -12.526 1.347   -5.359  1.00 0.00 ? 136 LEU A HD21 1 
ATOM 1542 H HD22 . LEU A 1 107 ? -12.877 1.245   -3.643  1.00 0.00 ? 136 LEU A HD22 1 
ATOM 1543 H HD23 . LEU A 1 107 ? -11.803 2.498   -4.244  1.00 0.00 ? 136 LEU A HD23 1 
ATOM 1544 N N    . SER A 1 108 ? -7.791  -1.001  -2.933  1.00 0.00 ? 137 SER A N    1 
ATOM 1545 C CA   . SER A 1 108 ? -6.991  -0.585  -1.737  1.00 0.00 ? 137 SER A CA   1 
ATOM 1546 C C    . SER A 1 108 ? -5.711  -1.331  -1.800  1.00 0.00 ? 137 SER A C    1 
ATOM 1547 O O    . SER A 1 108 ? -5.614  -2.334  -2.473  1.00 0.00 ? 137 SER A O    1 
ATOM 1548 C CB   . SER A 1 108 ? -7.660  -0.886  -0.395  1.00 0.00 ? 137 SER A CB   1 
ATOM 1549 O OG   . SER A 1 108 ? -6.650  -0.652  0.575   1.00 0.00 ? 137 SER A OG   1 
ATOM 1550 H H    . SER A 1 108 ? -8.156  -1.884  -3.181  1.00 0.00 ? 137 SER A H    1 
ATOM 1551 H HA   . SER A 1 108 ? -6.809  0.457   -1.743  1.00 0.00 ? 137 SER A HA   1 
ATOM 1552 H HB2  . SER A 1 108 ? -8.409  -0.118  -0.232  1.00 0.00 ? 137 SER A HB2  1 
ATOM 1553 H HB3  . SER A 1 108 ? -7.999  -1.895  -0.295  1.00 0.00 ? 137 SER A HB3  1 
ATOM 1554 H HG   . SER A 1 108 ? -6.468  -1.482  1.020   1.00 0.00 ? 137 SER A HG   1 
ATOM 1555 N N    . ILE A 1 109 ? -4.752  -0.827  -1.096  1.00 0.00 ? 138 ILE A N    1 
ATOM 1556 C CA   . ILE A 1 109 ? -3.465  -1.515  -1.126  1.00 0.00 ? 138 ILE A CA   1 
ATOM 1557 C C    . ILE A 1 109 ? -3.335  -2.418  0.051   1.00 0.00 ? 138 ILE A C    1 
ATOM 1558 O O    . ILE A 1 109 ? -3.806  -2.152  1.130   1.00 0.00 ? 138 ILE A O    1 
ATOM 1559 C CB   . ILE A 1 109 ? -2.421  -0.442  -1.165  1.00 0.00 ? 138 ILE A CB   1 
ATOM 1560 C CG1  . ILE A 1 109 ? -2.363  -0.069  -2.631  1.00 0.00 ? 138 ILE A CG1  1 
ATOM 1561 C CG2  . ILE A 1 109 ? -1.100  -1.039  -0.733  1.00 0.00 ? 138 ILE A CG2  1 
ATOM 1562 C CD1  . ILE A 1 109 ? -1.510  1.181   -2.814  1.00 0.00 ? 138 ILE A CD1  1 
ATOM 1563 H H    . ILE A 1 109 ? -4.882  -0.016  -0.562  1.00 0.00 ? 138 ILE A H    1 
ATOM 1564 H HA   . ILE A 1 109 ? -3.395  -2.099  -2.027  1.00 0.00 ? 138 ILE A HA   1 
ATOM 1565 H HB   . ILE A 1 109 ? -2.705  0.407   -0.563  1.00 0.00 ? 138 ILE A HB   1 
ATOM 1566 H HG12 . ILE A 1 109 ? -1.942  -0.926  -3.141  1.00 0.00 ? 138 ILE A HG12 1 
ATOM 1567 H HG13 . ILE A 1 109 ? -3.357  0.100   -3.013  1.00 0.00 ? 138 ILE A HG13 1 
ATOM 1568 H HG21 . ILE A 1 109 ? -0.928  -1.870  -1.398  1.00 0.00 ? 138 ILE A HG21 1 
ATOM 1569 H HG22 . ILE A 1 109 ? -0.301  -0.319  -0.817  1.00 0.00 ? 138 ILE A HG22 1 
ATOM 1570 H HG23 . ILE A 1 109 ? -1.131  -1.400  0.283   1.00 0.00 ? 138 ILE A HG23 1 
ATOM 1571 H HD11 . ILE A 1 109 ? -1.934  2.002   -2.256  1.00 0.00 ? 138 ILE A HD11 1 
ATOM 1572 H HD12 . ILE A 1 109 ? -0.506  1.005   -2.461  1.00 0.00 ? 138 ILE A HD12 1 
ATOM 1573 H HD13 . ILE A 1 109 ? -1.473  1.450   -3.859  1.00 0.00 ? 138 ILE A HD13 1 
ATOM 1574 N N    . HIS A 1 110 ? -2.669  -3.482  -0.246  1.00 0.00 ? 139 HIS A N    1 
ATOM 1575 C CA   . HIS A 1 110 ? -2.417  -4.532  0.768   1.00 0.00 ? 139 HIS A CA   1 
ATOM 1576 C C    . HIS A 1 110 ? -0.930  -4.603  0.959   1.00 0.00 ? 139 HIS A C    1 
ATOM 1577 O O    . HIS A 1 110 ? -0.239  -5.472  0.465   1.00 0.00 ? 139 HIS A O    1 
ATOM 1578 C CB   . HIS A 1 110 ? -3.035  -5.808  0.227   1.00 0.00 ? 139 HIS A CB   1 
ATOM 1579 C CG   . HIS A 1 110 ? -2.926  -6.914  1.269   1.00 0.00 ? 139 HIS A CG   1 
ATOM 1580 N ND1  . HIS A 1 110 ? -3.326  -8.127  1.100   1.00 0.00 ? 139 HIS A ND1  1 
ATOM 1581 C CD2  . HIS A 1 110 ? -2.424  -6.895  2.559   1.00 0.00 ? 139 HIS A CD2  1 
ATOM 1582 C CE1  . HIS A 1 110 ? -3.105  -8.808  2.176   1.00 0.00 ? 139 HIS A CE1  1 
ATOM 1583 N NE2  . HIS A 1 110 ? -2.542  -8.084  3.112   1.00 0.00 ? 139 HIS A NE2  1 
ATOM 1584 H H    . HIS A 1 110 ? -2.339  -3.548  -1.168  1.00 0.00 ? 139 HIS A H    1 
ATOM 1585 H HA   . HIS A 1 110 ? -2.853  -4.256  1.702   1.00 0.00 ? 139 HIS A HA   1 
ATOM 1586 H HB2  . HIS A 1 110 ? -4.082  -5.613  0.100   1.00 0.00 ? 139 HIS A HB2  1 
ATOM 1587 H HB3  . HIS A 1 110 ? -2.639  -6.105  -0.728  1.00 0.00 ? 139 HIS A HB3  1 
ATOM 1588 H HD1  . HIS A 1 110 ? -3.738  -8.478  0.281   1.00 0.00 ? 139 HIS A HD1  1 
ATOM 1589 H HD2  . HIS A 1 110 ? -2.012  -6.029  3.046   1.00 0.00 ? 139 HIS A HD2  1 
ATOM 1590 H HE1  . HIS A 1 110 ? -3.363  -9.844  2.291   1.00 0.00 ? 139 HIS A HE1  1 
ATOM 1591 N N    . CYS A 1 111 ? -0.542  -3.611  1.714   1.00 0.00 ? 140 CYS A N    1 
ATOM 1592 C CA   . CYS A 1 111 ? 0.881   -3.387  2.086   1.00 0.00 ? 140 CYS A CA   1 
ATOM 1593 C C    . CYS A 1 111 ? 1.582   -4.560  2.758   1.00 0.00 ? 140 CYS A C    1 
ATOM 1594 O O    . CYS A 1 111 ? 1.181   -5.060  3.798   1.00 0.00 ? 140 CYS A O    1 
ATOM 1595 C CB   . CYS A 1 111 ? 0.956   -2.163  3.000   1.00 0.00 ? 140 CYS A CB   1 
ATOM 1596 S SG   . CYS A 1 111 ? 2.589   -1.722  3.645   1.00 0.00 ? 140 CYS A SG   1 
ATOM 1597 H H    . CYS A 1 111 ? -1.237  -3.005  2.052   1.00 0.00 ? 140 CYS A H    1 
ATOM 1598 H HA   . CYS A 1 111 ? 1.418   -3.153  1.183   1.00 0.00 ? 140 CYS A HA   1 
ATOM 1599 H HB2  . CYS A 1 111 ? 0.598   -1.317  2.433   1.00 0.00 ? 140 CYS A HB2  1 
ATOM 1600 H HB3  . CYS A 1 111 ? 0.294   -2.297  3.836   1.00 0.00 ? 140 CYS A HB3  1 
ATOM 1601 H HG   . CYS A 1 111 ? 2.999   -1.110  3.028   1.00 0.00 ? 140 CYS A HG   1 
ATOM 1602 N N    . THR A 1 112 ? 2.631   -4.922  2.065   1.00 0.00 ? 141 THR A N    1 
ATOM 1603 C CA   . THR A 1 112 ? 3.529   -6.037  2.458   1.00 0.00 ? 141 THR A CA   1 
ATOM 1604 C C    . THR A 1 112 ? 5.025   -5.686  2.385   1.00 0.00 ? 141 THR A C    1 
ATOM 1605 O O    . THR A 1 112 ? 5.786   -6.215  3.171   1.00 0.00 ? 141 THR A O    1 
ATOM 1606 C CB   . THR A 1 112 ? 3.264   -7.218  1.568   1.00 0.00 ? 141 THR A CB   1 
ATOM 1607 O OG1  . THR A 1 112 ? 3.189   -6.684  0.255   1.00 0.00 ? 141 THR A OG1  1 
ATOM 1608 C CG2  . THR A 1 112 ? 1.894   -7.777  1.894   1.00 0.00 ? 141 THR A CG2  1 
ATOM 1609 H H    . THR A 1 112 ? 2.835   -4.435  1.242   1.00 0.00 ? 141 THR A H    1 
ATOM 1610 H HA   . THR A 1 112 ? 3.277   -6.366  3.453   1.00 0.00 ? 141 THR A HA   1 
ATOM 1611 H HB   . THR A 1 112 ? 4.049   -7.952  1.641   1.00 0.00 ? 141 THR A HB   1 
ATOM 1612 H HG1  . THR A 1 112 ? 3.877   -7.098  -0.272  1.00 0.00 ? 141 THR A HG1  1 
ATOM 1613 H HG21 . THR A 1 112 ? 1.892   -8.029  2.944   1.00 0.00 ? 141 THR A HG21 1 
ATOM 1614 H HG22 . THR A 1 112 ? 1.132   -7.038  1.712   1.00 0.00 ? 141 THR A HG22 1 
ATOM 1615 H HG23 . THR A 1 112 ? 1.692   -8.657  1.303   1.00 0.00 ? 141 THR A HG23 1 
ATOM 1616 N N    . GLU A 1 113 ? 5.440   -4.827  1.478   1.00 0.00 ? 142 GLU A N    1 
ATOM 1617 C CA   . GLU A 1 113 ? 6.893   -4.500  1.409   1.00 0.00 ? 142 GLU A CA   1 
ATOM 1618 C C    . GLU A 1 113 ? 6.992   -3.001  1.522   1.00 0.00 ? 142 GLU A C    1 
ATOM 1619 O O    . GLU A 1 113 ? 6.323   -2.301  0.799   1.00 0.00 ? 142 GLU A O    1 
ATOM 1620 C CB   . GLU A 1 113 ? 7.439   -4.974  0.071   1.00 0.00 ? 142 GLU A CB   1 
ATOM 1621 C CG   . GLU A 1 113 ? 8.893   -4.573  -0.095  1.00 0.00 ? 142 GLU A CG   1 
ATOM 1622 C CD   . GLU A 1 113 ? 9.292   -4.998  -1.503  1.00 0.00 ? 142 GLU A CD   1 
ATOM 1623 O OE1  . GLU A 1 113 ? 9.505   -6.188  -1.667  1.00 0.00 ? 142 GLU A OE1  1 
ATOM 1624 O OE2  . GLU A 1 113 ? 9.352   -4.108  -2.335  1.00 0.00 ? 142 GLU A OE2  1 
ATOM 1625 H H    . GLU A 1 113 ? 4.850   -4.362  0.837   1.00 0.00 ? 142 GLU A H    1 
ATOM 1626 H HA   . GLU A 1 113 ? 7.430   -4.952  2.229   1.00 0.00 ? 142 GLU A HA   1 
ATOM 1627 H HB2  . GLU A 1 113 ? 7.340   -6.046  -0.016  1.00 0.00 ? 142 GLU A HB2  1 
ATOM 1628 H HB3  . GLU A 1 113 ? 6.889   -4.504  -0.726  1.00 0.00 ? 142 GLU A HB3  1 
ATOM 1629 H HG2  . GLU A 1 113 ? 9.023   -3.506  -0.001  1.00 0.00 ? 142 GLU A HG2  1 
ATOM 1630 H HG3  . GLU A 1 113 ? 9.519   -5.085  0.621   1.00 0.00 ? 142 GLU A HG3  1 
ATOM 1631 N N    . LEU A 1 114 ? 7.810   -2.531  2.412   1.00 0.00 ? 143 LEU A N    1 
ATOM 1632 C CA   . LEU A 1 114 ? 7.940   -1.061  2.562   1.00 0.00 ? 143 LEU A CA   1 
ATOM 1633 C C    . LEU A 1 114 ? 9.375   -0.718  2.187   1.00 0.00 ? 143 LEU A C    1 
ATOM 1634 O O    . LEU A 1 114 ? 10.298  -1.111  2.873   1.00 0.00 ? 143 LEU A O    1 
ATOM 1635 C CB   . LEU A 1 114 ? 7.629   -0.688  4.020   1.00 0.00 ? 143 LEU A CB   1 
ATOM 1636 C CG   . LEU A 1 114 ? 6.163   -1.034  4.380   1.00 0.00 ? 143 LEU A CG   1 
ATOM 1637 C CD1  . LEU A 1 114 ? 6.012   -2.502  4.815   1.00 0.00 ? 143 LEU A CD1  1 
ATOM 1638 C CD2  . LEU A 1 114 ? 5.728   -0.146  5.542   1.00 0.00 ? 143 LEU A CD2  1 
ATOM 1639 H H    . LEU A 1 114 ? 8.336   -3.134  2.977   1.00 0.00 ? 143 LEU A H    1 
ATOM 1640 H HA   . LEU A 1 114 ? 7.271   -0.550  1.889   1.00 0.00 ? 143 LEU A HA   1 
ATOM 1641 H HB2  . LEU A 1 114 ? 8.281   -1.248  4.668   1.00 0.00 ? 143 LEU A HB2  1 
ATOM 1642 H HB3  . LEU A 1 114 ? 7.794   0.365   4.170   1.00 0.00 ? 143 LEU A HB3  1 
ATOM 1643 H HG   . LEU A 1 114 ? 5.526   -0.847  3.528   1.00 0.00 ? 143 LEU A HG   1 
ATOM 1644 H HD11 . LEU A 1 114 ? 6.617   -2.696  5.690   1.00 0.00 ? 143 LEU A HD11 1 
ATOM 1645 H HD12 . LEU A 1 114 ? 4.980   -2.690  5.065   1.00 0.00 ? 143 LEU A HD12 1 
ATOM 1646 H HD13 . LEU A 1 114 ? 6.302   -3.187  4.037   1.00 0.00 ? 143 LEU A HD13 1 
ATOM 1647 H HD21 . LEU A 1 114 ? 5.835   0.885   5.250   1.00 0.00 ? 143 LEU A HD21 1 
ATOM 1648 H HD22 . LEU A 1 114 ? 4.698   -0.341  5.801   1.00 0.00 ? 143 LEU A HD22 1 
ATOM 1649 H HD23 . LEU A 1 114 ? 6.343   -0.317  6.406   1.00 0.00 ? 143 LEU A HD23 1 
ATOM 1650 N N    . ARG A 1 115 ? 9.524   0.006   1.108   1.00 0.00 ? 144 ARG A N    1 
ATOM 1651 C CA   . ARG A 1 115 ? 10.895  0.378   0.670   1.00 0.00 ? 144 ARG A CA   1 
ATOM 1652 C C    . ARG A 1 115 ? 11.120  1.870   0.807   1.00 0.00 ? 144 ARG A C    1 
ATOM 1653 O O    . ARG A 1 115 ? 10.851  2.686   -0.056  1.00 0.00 ? 144 ARG A O    1 
ATOM 1654 C CB   . ARG A 1 115 ? 11.147  -0.003  -0.801  1.00 0.00 ? 144 ARG A CB   1 
ATOM 1655 C CG   . ARG A 1 115 ? 10.905  -1.499  -1.010  1.00 0.00 ? 144 ARG A CG   1 
ATOM 1656 C CD   . ARG A 1 115 ? 11.582  -1.958  -2.327  1.00 0.00 ? 144 ARG A CD   1 
ATOM 1657 N NE   . ARG A 1 115 ? 10.902  -1.430  -3.556  1.00 0.00 ? 144 ARG A NE   1 
ATOM 1658 C CZ   . ARG A 1 115 ? 9.868   -0.631  -3.507  1.00 0.00 ? 144 ARG A CZ   1 
ATOM 1659 N NH1  . ARG A 1 115 ? 8.719   -1.088  -3.094  1.00 0.00 ? 144 ARG A NH1  1 
ATOM 1660 N NH2  . ARG A 1 115 ? 10.025  0.610   -3.880  1.00 0.00 ? 144 ARG A NH2  1 
ATOM 1661 H H    . ARG A 1 115 ? 8.747   0.312   0.596   1.00 0.00 ? 144 ARG A H    1 
ATOM 1662 H HA   . ARG A 1 115 ? 11.622  -0.122  1.289   1.00 0.00 ? 144 ARG A HA   1 
ATOM 1663 H HB2  . ARG A 1 115 ? 10.513  0.574   -1.449  1.00 0.00 ? 144 ARG A HB2  1 
ATOM 1664 H HB3  . ARG A 1 115 ? 12.173  0.227   -1.046  1.00 0.00 ? 144 ARG A HB3  1 
ATOM 1665 H HG2  . ARG A 1 115 ? 11.323  -2.055  -0.183  1.00 0.00 ? 144 ARG A HG2  1 
ATOM 1666 H HG3  . ARG A 1 115 ? 9.844   -1.694  -1.045  1.00 0.00 ? 144 ARG A HG3  1 
ATOM 1667 H HD2  . ARG A 1 115 ? 12.600  -1.598  -2.332  1.00 0.00 ? 144 ARG A HD2  1 
ATOM 1668 H HD3  . ARG A 1 115 ? 11.612  -3.035  -2.381  1.00 0.00 ? 144 ARG A HD3  1 
ATOM 1669 H HE   . ARG A 1 115 ? 11.248  -1.695  -4.434  1.00 0.00 ? 144 ARG A HE   1 
ATOM 1670 H HH11 . ARG A 1 115 ? 8.631   -2.044  -2.817  1.00 0.00 ? 144 ARG A HH11 1 
ATOM 1671 H HH12 . ARG A 1 115 ? 7.927   -0.480  -3.056  1.00 0.00 ? 144 ARG A HH12 1 
ATOM 1672 H HH21 . ARG A 1 115 ? 10.921  0.928   -4.192  1.00 0.00 ? 144 ARG A HH21 1 
ATOM 1673 H HH22 . ARG A 1 115 ? 9.252   1.244   -3.854  1.00 0.00 ? 144 ARG A HH22 1 
ATOM 1674 N N    . LEU A 1 116 ? 11.614  2.167   1.963   1.00 0.00 ? 145 LEU A N    1 
ATOM 1675 C CA   . LEU A 1 116 ? 11.920  3.530   2.309   1.00 0.00 ? 145 LEU A CA   1 
ATOM 1676 C C    . LEU A 1 116 ? 13.235  3.997   1.638   1.00 0.00 ? 145 LEU A C    1 
ATOM 1677 O O    . LEU A 1 116 ? 14.074  3.236   1.197   1.00 0.00 ? 145 LEU A O    1 
ATOM 1678 C CB   . LEU A 1 116 ? 11.900  3.446   3.829   1.00 0.00 ? 145 LEU A CB   1 
ATOM 1679 C CG   . LEU A 1 116 ? 10.497  3.518   4.403   1.00 0.00 ? 145 LEU A CG   1 
ATOM 1680 C CD1  . LEU A 1 116 ? 9.927   4.781   4.029   1.00 0.00 ? 145 LEU A CD1  1 
ATOM 1681 C CD2  . LEU A 1 116 ? 9.405   2.509   4.081   1.00 0.00 ? 145 LEU A CD2  1 
ATOM 1682 H H    . LEU A 1 116 ? 11.775  1.518   2.664   1.00 0.00 ? 145 LEU A H    1 
ATOM 1683 H HA   . LEU A 1 116 ? 11.138  4.146   1.934   1.00 0.00 ? 145 LEU A HA   1 
ATOM 1684 H HB2  . LEU A 1 116 ? 12.280  2.503   4.179   1.00 0.00 ? 145 LEU A HB2  1 
ATOM 1685 H HB3  . LEU A 1 116 ? 12.456  4.231   4.308   1.00 0.00 ? 145 LEU A HB3  1 
ATOM 1686 H HG   . LEU A 1 116 ? 10.675  3.428   5.431   1.00 0.00 ? 145 LEU A HG   1 
ATOM 1687 H HD11 . LEU A 1 116 ? 10.540  5.601   4.336   1.00 0.00 ? 145 LEU A HD11 1 
ATOM 1688 H HD12 . LEU A 1 116 ? 9.814   4.744   2.967   1.00 0.00 ? 145 LEU A HD12 1 
ATOM 1689 H HD13 . LEU A 1 116 ? 8.964   4.857   4.480   1.00 0.00 ? 145 LEU A HD13 1 
ATOM 1690 H HD21 . LEU A 1 116 ? 9.172   2.496   3.027   1.00 0.00 ? 145 LEU A HD21 1 
ATOM 1691 H HD22 . LEU A 1 116 ? 9.678   1.520   4.412   1.00 0.00 ? 145 LEU A HD22 1 
ATOM 1692 H HD23 . LEU A 1 116 ? 8.521   2.861   4.634   1.00 0.00 ? 145 LEU A HD23 1 
ATOM 1693 N N    . LEU A 1 117 ? 13.296  5.294   1.621   1.00 0.00 ? 146 LEU A N    1 
ATOM 1694 C CA   . LEU A 1 117 ? 14.224  6.265   1.144   1.00 0.00 ? 146 LEU A CA   1 
ATOM 1695 C C    . LEU A 1 117 ? 15.480  6.599   1.924   1.00 0.00 ? 146 LEU A C    1 
ATOM 1696 O O    . LEU A 1 117 ? 16.033  6.077   2.873   1.00 0.00 ? 146 LEU A O    1 
ATOM 1697 C CB   . LEU A 1 117 ? 13.285  7.401   1.064   1.00 0.00 ? 146 LEU A CB   1 
ATOM 1698 C CG   . LEU A 1 117 ? 13.243  7.772   2.707   1.00 0.00 ? 146 LEU A CG   1 
ATOM 1699 C CD1  . LEU A 1 117 ? 12.334  8.815   3.123   1.00 0.00 ? 146 LEU A CD1  1 
ATOM 1700 C CD2  . LEU A 1 117 ? 13.103  6.690   3.773   1.00 0.00 ? 146 LEU A CD2  1 
ATOM 1701 H H    . LEU A 1 117 ? 12.633  5.930   1.936   1.00 0.00 ? 146 LEU A H    1 
ATOM 1702 H HA   . LEU A 1 117 ? 14.511  5.966   0.144   1.00 0.00 ? 146 LEU A HA   1 
ATOM 1703 H HB2  . LEU A 1 117 ? 13.463  8.292   0.469   1.00 0.00 ? 146 LEU A HB2  1 
ATOM 1704 H HB3  . LEU A 1 117 ? 12.573  6.854   0.486   1.00 0.00 ? 146 LEU A HB3  1 
ATOM 1705 H HG   . LEU A 1 117 ? 14.187  8.231   2.950   1.00 0.00 ? 146 LEU A HG   1 
ATOM 1706 H HD11 . LEU A 1 117 ? 11.322  8.645   2.816   1.00 0.00 ? 146 LEU A HD11 1 
ATOM 1707 H HD12 . LEU A 1 117 ? 12.349  8.918   4.193   1.00 0.00 ? 146 LEU A HD12 1 
ATOM 1708 H HD13 . LEU A 1 117 ? 12.768  9.682   2.678   1.00 0.00 ? 146 LEU A HD13 1 
ATOM 1709 H HD21 . LEU A 1 117 ? 13.913  5.984   3.723   1.00 0.00 ? 146 LEU A HD21 1 
ATOM 1710 H HD22 . LEU A 1 117 ? 13.102  7.130   4.758   1.00 0.00 ? 146 LEU A HD22 1 
ATOM 1711 H HD23 . LEU A 1 117 ? 12.174  6.188   3.607   1.00 0.00 ? 146 LEU A HD23 1 
ATOM 1712 N N    . THR A 1 118 ? 15.705  7.608   1.183   1.00 0.00 ? 147 THR A N    1 
ATOM 1713 C CA   . THR A 1 118 ? 16.746  8.637   1.169   1.00 0.00 ? 147 THR A CA   1 
ATOM 1714 C C    . THR A 1 118 ? 15.936  9.920   1.386   1.00 0.00 ? 147 THR A C    1 
ATOM 1715 O O    . THR A 1 118 ? 14.711  9.962   1.407   1.00 0.00 ? 147 THR A O    1 
ATOM 1716 C CB   . THR A 1 118 ? 17.445  8.690   -0.168  1.00 0.00 ? 147 THR A CB   1 
ATOM 1717 O OG1  . THR A 1 118 ? 18.536  9.577   0.037   1.00 0.00 ? 147 THR A OG1  1 
ATOM 1718 C CG2  . THR A 1 118 ? 16.617  9.420   -1.214  1.00 0.00 ? 147 THR A CG2  1 
ATOM 1719 H H    . THR A 1 118 ? 14.965  7.586   0.568   1.00 0.00 ? 147 THR A H    1 
ATOM 1720 H HA   . THR A 1 118 ? 17.446  8.472   1.972   1.00 0.00 ? 147 THR A HA   1 
ATOM 1721 H HB   . THR A 1 118 ? 17.824  7.731   -0.438  1.00 0.00 ? 147 THR A HB   1 
ATOM 1722 H HG1  . THR A 1 118 ? 19.346  9.118   -0.196  1.00 0.00 ? 147 THR A HG1  1 
ATOM 1723 H HG21 . THR A 1 118 ? 15.645  8.961   -1.336  1.00 0.00 ? 147 THR A HG21 1 
ATOM 1724 H HG22 . THR A 1 118 ? 16.499  10.444  -0.894  1.00 0.00 ? 147 THR A HG22 1 
ATOM 1725 H HG23 . THR A 1 118 ? 17.136  9.413   -2.161  1.00 0.00 ? 147 THR A HG23 1 
ATOM 1726 N N    . LYS A 1 119 ? 16.716  10.944  1.495   1.00 0.00 ? 148 LYS A N    1 
ATOM 1727 C CA   . LYS A 1 119 ? 16.190  12.304  1.708   1.00 0.00 ? 148 LYS A CA   1 
ATOM 1728 C C    . LYS A 1 119 ? 16.032  12.996  0.363   1.00 0.00 ? 148 LYS A C    1 
ATOM 1729 O O    . LYS A 1 119 ? 16.841  12.831  -0.528  1.00 0.00 ? 148 LYS A O    1 
ATOM 1730 C CB   . LYS A 1 119 ? 17.201  12.917  2.639   1.00 0.00 ? 148 LYS A CB   1 
ATOM 1731 C CG   . LYS A 1 119 ? 18.581  13.135  1.999   1.00 0.00 ? 148 LYS A CG   1 
ATOM 1732 C CD   . LYS A 1 119 ? 18.721  14.565  1.472   1.00 0.00 ? 148 LYS A CD   1 
ATOM 1733 C CE   . LYS A 1 119 ? 20.196  14.792  1.117   1.00 0.00 ? 148 LYS A CE   1 
ATOM 1734 N NZ   . LYS A 1 119 ? 21.040  14.644  2.340   1.00 0.00 ? 148 LYS A NZ   1 
ATOM 1735 H H    . LYS A 1 119 ? 17.679  10.799  1.428   1.00 0.00 ? 148 LYS A H    1 
ATOM 1736 H HA   . LYS A 1 119 ? 15.224  12.250  2.173   1.00 0.00 ? 148 LYS A HA   1 
ATOM 1737 H HB2  . LYS A 1 119 ? 16.826  13.796  3.138   1.00 0.00 ? 148 LYS A HB2  1 
ATOM 1738 H HB3  . LYS A 1 119 ? 17.367  12.120  3.348   1.00 0.00 ? 148 LYS A HB3  1 
ATOM 1739 H HG2  . LYS A 1 119 ? 19.338  12.931  2.739   1.00 0.00 ? 148 LYS A HG2  1 
ATOM 1740 H HG3  . LYS A 1 119 ? 18.718  12.444  1.180   1.00 0.00 ? 148 LYS A HG3  1 
ATOM 1741 H HD2  . LYS A 1 119 ? 18.114  14.704  0.592   1.00 0.00 ? 148 LYS A HD2  1 
ATOM 1742 H HD3  . LYS A 1 119 ? 18.413  15.271  2.229   1.00 0.00 ? 148 LYS A HD3  1 
ATOM 1743 H HE2  . LYS A 1 119 ? 20.522  14.071  0.382   1.00 0.00 ? 148 LYS A HE2  1 
ATOM 1744 H HE3  . LYS A 1 119 ? 20.336  15.786  0.722   1.00 0.00 ? 148 LYS A HE3  1 
ATOM 1745 H HZ1  . LYS A 1 119 ? 20.433  14.426  3.156   1.00 0.00 ? 148 LYS A HZ1  1 
ATOM 1746 H HZ2  . LYS A 1 119 ? 21.722  13.871  2.201   1.00 0.00 ? 148 LYS A HZ2  1 
ATOM 1747 H HZ3  . LYS A 1 119 ? 21.553  15.530  2.520   1.00 0.00 ? 148 LYS A HZ3  1 
ATOM 1748 N N    . ALA A 1 120 ? 14.981  13.762  0.252   1.00 0.00 ? 149 ALA A N    1 
ATOM 1749 C CA   . ALA A 1 120 ? 14.732  14.483  -1.016  1.00 0.00 ? 149 ALA A CA   1 
ATOM 1750 C C    . ALA A 1 120 ? 15.254  15.913  -0.882  1.00 0.00 ? 149 ALA A C    1 
ATOM 1751 O O    . ALA A 1 120 ? 15.793  16.177  0.181   1.00 0.00 ? 149 ALA A O    1 
ATOM 1752 C CB   . ALA A 1 120 ? 13.254  14.453  -1.230  1.00 0.00 ? 149 ALA A CB   1 
ATOM 1753 O OXT  . ALA A 1 120 ? 15.087  16.651  -1.842  1.00 0.00 ? 149 ALA A OXT  1 
ATOM 1754 H H    . ALA A 1 120 ? 14.333  13.872  0.985   1.00 0.00 ? 149 ALA A H    1 
ATOM 1755 H HA   . ALA A 1 120 ? 15.237  13.987  -1.831  1.00 0.00 ? 149 ALA A HA   1 
ATOM 1756 H HB1  . ALA A 1 120 ? 12.817  14.919  -0.360  1.00 0.00 ? 149 ALA A HB1  1 
ATOM 1757 H HB2  . ALA A 1 120 ? 12.967  14.981  -2.127  1.00 0.00 ? 149 ALA A HB2  1 
ATOM 1758 H HB3  . ALA A 1 120 ? 12.922  13.428  -1.282  1.00 0.00 ? 149 ALA A HB3  1 
# 
